data_4BNK
#
_entry.id   4BNK
#
_cell.length_a   90.610
_cell.length_b   95.010
_cell.length_c   94.950
_cell.angle_alpha   98.12
_cell.angle_beta   97.00
_cell.angle_gamma   112.79
#
_symmetry.space_group_name_H-M   'P 1'
#
loop_
_entity.id
_entity.type
_entity.pdbx_description
1 polymer 'ENOYL-[ACYL-CARRIER-PROTEIN] REDUCTASE [NADPH]'
2 non-polymer 'NADP NICOTINAMIDE-ADENINE-DINUCLEOTIDE PHOSPHATE'
3 non-polymer 5-fluoro-2-phenoxyphenol
4 non-polymer 'GLUTAMIC ACID'
5 non-polymer 'CHLORIDE ION'
6 water water
#
_entity_poly.entity_id   1
_entity_poly.type   'polypeptide(L)'
_entity_poly.pdbx_seq_one_letter_code
;MKHHHHHHPMSDYDIPTTENLYFQGAMVNLENKTYVIMGIANKRSIAFGVAKVLDQLGAKLVFTYRKERSRKELEKLLEQ
LNQPEAHLYQIDVQSDEEVINGFEQIGKDVGNIDGVYHSIAFANMEDLRGRFSETSREGFLLAQDISSYSLTIVAHEAKK
LMPEGGSIVATTYLGGEFAVQNYNVMGVAKASLEANVKYLALDLGPDNIRVNAISAGPIRTLSAKGVGGFNTILKEIEER
APLKRNVDQVEVGKTAAYLLSDLSSGVTGENIHVDSGFHAIK
;
_entity_poly.pdbx_strand_id   A,B,C,D,E,F,G,H
#
# COMPACT_ATOMS: atom_id res chain seq x y z
N ASN A 29 25.63 -8.88 26.75
CA ASN A 29 26.05 -7.54 27.24
C ASN A 29 26.96 -6.83 26.27
N LEU A 30 26.47 -5.73 25.70
CA LEU A 30 27.13 -5.11 24.55
C LEU A 30 27.87 -3.78 24.83
N GLU A 31 28.07 -3.46 26.11
CA GLU A 31 28.87 -2.29 26.47
C GLU A 31 30.24 -2.28 25.82
N ASN A 32 30.74 -1.10 25.51
CA ASN A 32 31.98 -0.98 24.74
C ASN A 32 31.79 -1.22 23.23
N LYS A 33 30.75 -1.98 22.87
CA LYS A 33 30.40 -2.23 21.45
C LYS A 33 29.68 -1.05 20.74
N THR A 34 29.91 -0.94 19.44
CA THR A 34 29.24 0.06 18.62
C THR A 34 28.69 -0.60 17.37
N TYR A 35 27.37 -0.47 17.16
CA TYR A 35 26.70 -1.03 15.97
C TYR A 35 26.07 0.04 15.07
N VAL A 36 26.15 -0.14 13.76
CA VAL A 36 25.45 0.77 12.84
C VAL A 36 24.13 0.12 12.44
N ILE A 37 23.01 0.80 12.66
CA ILE A 37 21.70 0.26 12.28
C ILE A 37 21.17 1.01 11.07
N MET A 38 20.90 0.26 10.02
CA MET A 38 20.52 0.85 8.77
C MET A 38 19.07 0.57 8.44
N GLY A 39 18.28 1.62 8.28
CA GLY A 39 16.94 1.50 7.72
C GLY A 39 15.78 1.54 8.68
N ILE A 40 15.87 2.35 9.75
CA ILE A 40 14.68 2.68 10.54
C ILE A 40 13.92 3.80 9.81
N ALA A 41 12.63 3.60 9.57
CA ALA A 41 11.84 4.67 8.96
C ALA A 41 10.88 5.22 10.00
N ASN A 42 10.53 4.39 10.97
CA ASN A 42 9.46 4.70 11.92
C ASN A 42 9.34 3.64 13.03
N LYS A 43 8.39 3.79 13.95
CA LYS A 43 8.27 2.89 15.12
C LYS A 43 8.01 1.40 14.74
N ARG A 44 7.34 1.14 13.62
CA ARG A 44 7.09 -0.21 13.20
C ARG A 44 8.31 -0.85 12.50
N SER A 45 9.32 -0.08 12.15
CA SER A 45 10.48 -0.64 11.44
C SER A 45 11.09 -1.85 12.15
N ILE A 46 11.41 -2.89 11.36
CA ILE A 46 12.14 -4.06 11.94
C ILE A 46 13.42 -3.61 12.66
N ALA A 47 14.10 -2.65 12.04
CA ALA A 47 15.35 -2.11 12.53
C ALA A 47 15.19 -1.33 13.85
N PHE A 48 14.00 -0.81 14.10
CA PHE A 48 13.76 -0.16 15.36
C PHE A 48 13.60 -1.19 16.45
N GLY A 49 13.09 -2.39 16.11
CA GLY A 49 13.11 -3.56 16.99
C GLY A 49 14.54 -3.94 17.42
N VAL A 50 15.39 -4.19 16.41
CA VAL A 50 16.80 -4.32 16.59
C VAL A 50 17.39 -3.24 17.51
N ALA A 51 17.10 -1.97 17.22
CA ALA A 51 17.63 -0.88 18.04
C ALA A 51 17.32 -0.96 19.55
N LYS A 52 16.06 -1.23 19.89
CA LYS A 52 15.63 -1.30 21.31
C LYS A 52 16.43 -2.35 22.07
N VAL A 53 16.63 -3.51 21.43
CA VAL A 53 17.31 -4.65 22.04
C VAL A 53 18.78 -4.30 22.34
N LEU A 54 19.46 -3.81 21.30
CA LEU A 54 20.87 -3.42 21.44
C LEU A 54 21.04 -2.26 22.41
N ASP A 55 20.11 -1.30 22.36
CA ASP A 55 20.11 -0.21 23.32
C ASP A 55 19.97 -0.72 24.76
N GLN A 56 18.92 -1.50 25.00
CA GLN A 56 18.70 -2.20 26.27
C GLN A 56 19.93 -2.97 26.76
N LEU A 57 20.67 -3.56 25.82
CA LEU A 57 21.89 -4.37 26.13
C LEU A 57 23.21 -3.57 26.38
N GLY A 58 23.24 -2.29 25.98
CA GLY A 58 24.31 -1.38 26.42
C GLY A 58 25.10 -0.73 25.29
N ALA A 59 24.85 -1.19 24.05
CA ALA A 59 25.54 -0.74 22.85
C ALA A 59 25.42 0.76 22.66
N LYS A 60 26.45 1.35 22.03
CA LYS A 60 26.33 2.66 21.42
C LYS A 60 25.79 2.40 20.01
N LEU A 61 24.88 3.25 19.51
CA LEU A 61 24.26 3.07 18.17
C LEU A 61 24.41 4.27 17.24
N VAL A 62 24.50 3.98 15.95
CA VAL A 62 24.61 4.98 14.91
C VAL A 62 23.52 4.59 13.95
N PHE A 63 22.74 5.55 13.47
CA PHE A 63 21.62 5.22 12.57
C PHE A 63 21.84 5.88 11.22
N THR A 64 21.51 5.16 10.17
CA THR A 64 21.53 5.74 8.84
C THR A 64 20.11 5.76 8.23
N TYR A 65 19.80 6.77 7.43
CA TYR A 65 18.46 6.91 6.86
C TYR A 65 18.57 7.41 5.41
N ARG A 66 17.45 7.37 4.69
CA ARG A 66 17.43 7.90 3.33
C ARG A 66 16.62 9.19 3.30
N LYS A 67 15.32 9.08 3.58
CA LYS A 67 14.37 10.18 3.53
C LYS A 67 14.46 11.10 4.74
N GLU A 68 14.27 12.40 4.52
CA GLU A 68 14.15 13.42 5.57
CA GLU A 68 14.21 13.35 5.63
C GLU A 68 13.11 12.99 6.62
N ARG A 69 11.97 12.46 6.17
CA ARG A 69 10.89 12.12 7.10
C ARG A 69 11.35 11.05 8.12
N SER A 70 12.27 10.21 7.67
CA SER A 70 12.87 9.19 8.51
C SER A 70 13.84 9.74 9.58
N ARG A 71 14.59 10.80 9.23
CA ARG A 71 15.49 11.42 10.19
C ARG A 71 14.64 12.01 11.30
N LYS A 72 13.56 12.69 10.93
CA LYS A 72 12.62 13.23 11.92
C LYS A 72 12.11 12.13 12.85
N GLU A 73 11.63 11.03 12.28
CA GLU A 73 11.16 9.94 13.08
C GLU A 73 12.22 9.47 14.05
N LEU A 74 13.41 9.12 13.54
CA LEU A 74 14.55 8.75 14.38
C LEU A 74 14.82 9.75 15.50
N GLU A 75 14.68 11.04 15.17
CA GLU A 75 14.90 12.08 16.13
C GLU A 75 13.91 11.93 17.28
N LYS A 76 12.64 11.73 16.96
CA LYS A 76 11.59 11.47 17.95
C LYS A 76 11.75 10.07 18.69
N LEU A 77 12.25 9.06 17.97
CA LEU A 77 12.42 7.71 18.58
C LEU A 77 13.61 7.55 19.55
N LEU A 78 14.68 8.32 19.35
CA LEU A 78 15.85 8.28 20.20
C LEU A 78 15.56 8.66 21.67
N GLU A 79 14.50 9.42 21.93
CA GLU A 79 14.02 9.73 23.30
C GLU A 79 13.54 8.53 24.11
N GLN A 80 13.21 7.42 23.43
CA GLN A 80 12.87 6.16 24.11
C GLN A 80 14.10 5.41 24.51
N LEU A 81 15.16 5.58 23.73
CA LEU A 81 16.40 4.83 23.92
C LEU A 81 17.26 5.50 24.95
N ASN A 82 18.36 4.84 25.30
CA ASN A 82 19.26 5.31 26.34
C ASN A 82 20.56 5.80 25.72
N GLN A 83 20.53 6.30 24.48
CA GLN A 83 21.76 6.77 23.84
C GLN A 83 22.05 8.23 24.23
N PRO A 84 23.21 8.48 24.88
CA PRO A 84 23.41 9.88 25.24
C PRO A 84 23.43 10.79 24.01
N GLU A 85 23.97 10.31 22.90
CA GLU A 85 24.04 11.10 21.67
C GLU A 85 23.18 10.51 20.57
N ALA A 86 22.85 11.34 19.60
CA ALA A 86 22.17 10.94 18.37
C ALA A 86 23.18 11.00 17.24
N HIS A 87 23.54 9.84 16.70
CA HIS A 87 24.52 9.76 15.63
C HIS A 87 23.74 9.38 14.36
N LEU A 88 23.28 10.39 13.62
CA LEU A 88 22.38 10.14 12.50
C LEU A 88 23.03 10.48 11.16
N TYR A 89 23.03 9.52 10.21
CA TYR A 89 23.69 9.75 8.94
C TYR A 89 22.82 9.47 7.70
N GLN A 90 22.70 10.48 6.84
CA GLN A 90 21.96 10.22 5.60
C GLN A 90 22.79 9.37 4.65
N ILE A 91 22.37 8.12 4.46
CA ILE A 91 22.90 7.29 3.37
C ILE A 91 21.82 6.67 2.45
N ASP A 92 21.77 7.12 1.21
CA ASP A 92 21.03 6.43 0.17
C ASP A 92 21.97 5.42 -0.46
N VAL A 93 21.69 4.15 -0.25
CA VAL A 93 22.56 3.06 -0.72
C VAL A 93 22.54 2.87 -2.25
N GLN A 94 21.83 3.72 -2.97
CA GLN A 94 21.92 3.71 -4.42
C GLN A 94 23.13 4.51 -4.90
N SER A 95 23.74 5.27 -3.99
CA SER A 95 24.92 6.03 -4.36
C SER A 95 26.18 5.49 -3.67
N ASP A 96 27.16 5.05 -4.46
CA ASP A 96 28.45 4.61 -3.88
C ASP A 96 29.04 5.65 -2.94
N GLU A 97 28.91 6.92 -3.37
CA GLU A 97 29.56 8.06 -2.73
C GLU A 97 29.04 8.31 -1.36
N GLU A 98 27.74 8.11 -1.19
CA GLU A 98 27.09 8.30 0.08
C GLU A 98 27.43 7.17 1.07
N VAL A 99 27.68 5.97 0.53
CA VAL A 99 28.05 4.86 1.39
C VAL A 99 29.52 5.06 1.81
N ILE A 100 30.39 5.26 0.81
CA ILE A 100 31.79 5.46 1.07
C ILE A 100 31.98 6.57 2.11
N ASN A 101 31.44 7.76 1.81
CA ASN A 101 31.53 8.93 2.67
C ASN A 101 30.82 8.81 4.02
N GLY A 102 29.67 8.13 4.05
CA GLY A 102 28.89 7.96 5.28
C GLY A 102 29.64 7.14 6.32
N PHE A 103 30.14 5.98 5.90
CA PHE A 103 31.00 5.17 6.77
C PHE A 103 32.29 5.89 7.17
N GLU A 104 32.84 6.68 6.25
CA GLU A 104 34.07 7.41 6.55
C GLU A 104 33.81 8.40 7.69
N GLN A 105 32.69 9.13 7.60
CA GLN A 105 32.30 10.05 8.68
C GLN A 105 32.14 9.27 9.98
N ILE A 106 31.43 8.13 9.94
CA ILE A 106 31.13 7.37 11.17
C ILE A 106 32.42 7.10 11.94
N GLY A 107 33.40 6.56 11.24
CA GLY A 107 34.73 6.32 11.77
C GLY A 107 35.29 7.55 12.41
N LYS A 108 35.29 8.69 11.71
CA LYS A 108 35.81 9.94 12.31
C LYS A 108 35.06 10.32 13.60
N ASP A 109 33.73 10.19 13.57
CA ASP A 109 32.86 10.56 14.69
C ASP A 109 32.87 9.61 15.90
N VAL A 110 32.78 8.29 15.67
CA VAL A 110 32.67 7.28 16.77
C VAL A 110 33.79 6.23 16.80
N GLY A 111 34.63 6.20 15.75
CA GLY A 111 35.75 5.27 15.72
C GLY A 111 35.43 3.92 15.10
N ASN A 112 36.10 2.88 15.60
CA ASN A 112 35.90 1.52 15.11
C ASN A 112 34.56 0.92 15.58
N ILE A 113 33.90 0.22 14.69
CA ILE A 113 32.60 -0.39 15.02
C ILE A 113 32.66 -1.93 15.15
N ASP A 114 31.59 -2.51 15.68
CA ASP A 114 31.54 -3.96 15.93
C ASP A 114 30.62 -4.74 15.00
N GLY A 115 29.64 -4.07 14.39
CA GLY A 115 28.84 -4.66 13.35
C GLY A 115 27.88 -3.69 12.70
N VAL A 116 27.08 -4.22 11.80
CA VAL A 116 26.12 -3.46 10.99
C VAL A 116 24.86 -4.30 10.94
N TYR A 117 23.72 -3.70 11.27
CA TYR A 117 22.44 -4.35 10.99
C TYR A 117 21.86 -3.79 9.67
N HIS A 118 21.70 -4.56 8.61
CA HIS A 118 21.17 -4.02 7.35
C HIS A 118 19.67 -4.39 7.24
N SER A 119 18.84 -3.36 7.08
CA SER A 119 17.39 -3.54 7.07
C SER A 119 16.76 -2.80 5.92
N ILE A 120 17.22 -3.07 4.70
CA ILE A 120 16.95 -2.15 3.60
C ILE A 120 16.53 -2.92 2.39
N ALA A 121 15.36 -2.57 1.84
CA ALA A 121 14.94 -3.10 0.54
C ALA A 121 14.00 -2.15 -0.16
N PHE A 122 13.89 -2.27 -1.47
CA PHE A 122 12.88 -1.51 -2.17
C PHE A 122 12.43 -2.18 -3.47
N ALA A 123 11.14 -2.03 -3.80
CA ALA A 123 10.63 -2.39 -5.12
C ALA A 123 9.48 -1.44 -5.48
N ASN A 124 9.23 -1.20 -6.76
CA ASN A 124 8.03 -0.52 -7.22
C ASN A 124 6.82 -1.34 -6.86
N MET A 125 5.74 -0.65 -6.50
CA MET A 125 4.46 -1.29 -6.27
C MET A 125 3.99 -2.07 -7.47
N GLU A 126 4.13 -1.50 -8.67
CA GLU A 126 3.74 -2.25 -9.87
C GLU A 126 4.19 -3.72 -9.80
N ASP A 127 5.47 -3.94 -9.47
CA ASP A 127 6.05 -5.26 -9.52
C ASP A 127 5.95 -5.99 -8.15
N LEU A 128 4.97 -5.66 -7.31
CA LEU A 128 4.75 -6.52 -6.11
C LEU A 128 3.40 -7.26 -6.13
N ARG A 129 2.91 -7.52 -7.36
CA ARG A 129 1.56 -8.07 -7.64
C ARG A 129 1.31 -8.49 -9.14
N GLY A 130 0.11 -9.02 -9.39
CA GLY A 130 -0.23 -9.52 -10.72
C GLY A 130 0.89 -10.49 -11.08
N ARG A 131 1.54 -10.28 -12.23
CA ARG A 131 2.32 -11.38 -12.76
C ARG A 131 3.80 -11.08 -12.75
N PHE A 132 4.57 -12.01 -12.18
CA PHE A 132 6.00 -11.90 -12.22
C PHE A 132 6.53 -11.77 -13.66
N SER A 133 5.93 -12.52 -14.59
CA SER A 133 6.48 -12.53 -15.92
C SER A 133 6.42 -11.16 -16.63
N GLU A 134 5.71 -10.19 -16.06
CA GLU A 134 5.63 -8.86 -16.67
C GLU A 134 6.54 -7.80 -15.99
N THR A 135 7.31 -8.20 -14.96
CA THR A 135 8.27 -7.31 -14.32
C THR A 135 9.06 -6.65 -15.43
N SER A 136 9.30 -5.35 -15.29
CA SER A 136 10.15 -4.61 -16.24
C SER A 136 11.60 -4.81 -15.89
N ARG A 137 12.48 -4.65 -16.87
CA ARG A 137 13.92 -4.60 -16.60
C ARG A 137 14.26 -3.58 -15.52
N GLU A 138 13.76 -2.35 -15.67
CA GLU A 138 14.17 -1.28 -14.75
C GLU A 138 13.69 -1.62 -13.30
N GLY A 139 12.44 -2.05 -13.18
CA GLY A 139 11.91 -2.50 -11.91
C GLY A 139 12.63 -3.69 -11.26
N PHE A 140 13.14 -4.61 -12.09
CA PHE A 140 13.84 -5.78 -11.65
C PHE A 140 15.17 -5.39 -11.08
N LEU A 141 15.90 -4.56 -11.83
CA LEU A 141 17.22 -4.18 -11.42
C LEU A 141 17.18 -3.21 -10.24
N LEU A 142 16.18 -2.32 -10.20
CA LEU A 142 16.02 -1.42 -9.03
C LEU A 142 16.00 -2.20 -7.66
N ALA A 143 15.21 -3.28 -7.59
CA ALA A 143 15.18 -4.16 -6.40
C ALA A 143 16.51 -4.89 -6.08
N GLN A 144 17.22 -5.36 -7.11
CA GLN A 144 18.53 -5.96 -6.90
C GLN A 144 19.52 -4.92 -6.30
N ASP A 145 19.52 -3.70 -6.87
CA ASP A 145 20.43 -2.64 -6.48
C ASP A 145 20.28 -2.30 -4.98
N ILE A 146 19.09 -1.86 -4.61
CA ILE A 146 18.75 -1.49 -3.25
C ILE A 146 18.77 -2.65 -2.24
N SER A 147 18.25 -3.80 -2.65
CA SER A 147 17.92 -4.84 -1.70
C SER A 147 18.96 -5.93 -1.58
N SER A 148 19.89 -6.03 -2.52
CA SER A 148 20.93 -7.04 -2.49
C SER A 148 22.33 -6.39 -2.70
N TYR A 149 22.53 -5.70 -3.82
CA TYR A 149 23.85 -5.16 -4.04
C TYR A 149 24.29 -4.26 -2.89
N SER A 150 23.34 -3.51 -2.33
CA SER A 150 23.65 -2.62 -1.19
C SER A 150 24.45 -3.29 -0.08
N LEU A 151 24.20 -4.57 0.20
CA LEU A 151 24.97 -5.20 1.27
C LEU A 151 26.43 -5.40 0.92
N THR A 152 26.76 -5.67 -0.32
CA THR A 152 28.16 -5.84 -0.74
C THR A 152 29.05 -4.62 -0.44
N ILE A 153 28.53 -3.45 -0.80
CA ILE A 153 29.27 -2.22 -0.69
C ILE A 153 29.25 -1.68 0.74
N VAL A 154 28.14 -1.88 1.47
CA VAL A 154 28.13 -1.59 2.89
C VAL A 154 29.19 -2.43 3.59
N ALA A 155 29.26 -3.72 3.25
CA ALA A 155 30.23 -4.62 3.87
C ALA A 155 31.65 -4.18 3.58
N HIS A 156 31.93 -3.87 2.31
CA HIS A 156 33.24 -3.37 1.93
C HIS A 156 33.59 -2.11 2.72
N GLU A 157 32.61 -1.21 2.89
CA GLU A 157 32.92 0.10 3.50
C GLU A 157 33.03 -0.04 4.99
N ALA A 158 32.19 -0.92 5.54
CA ALA A 158 32.12 -1.22 6.96
C ALA A 158 33.36 -1.98 7.43
N LYS A 159 33.87 -2.86 6.56
CA LYS A 159 35.07 -3.66 6.77
C LYS A 159 36.25 -2.77 7.20
N LYS A 160 36.29 -1.53 6.70
CA LYS A 160 37.34 -0.54 6.99
C LYS A 160 37.29 -0.02 8.44
N LEU A 161 36.27 -0.41 9.18
CA LEU A 161 36.07 0.08 10.54
C LEU A 161 36.06 -1.09 11.50
N MET A 162 36.41 -2.27 11.00
CA MET A 162 36.39 -3.50 11.79
C MET A 162 37.70 -4.25 11.65
N PRO A 163 38.82 -3.56 11.93
CA PRO A 163 40.07 -4.24 11.63
C PRO A 163 40.30 -5.45 12.53
N GLU A 164 39.61 -5.52 13.65
CA GLU A 164 39.68 -6.67 14.55
C GLU A 164 38.47 -7.59 14.34
N GLY A 165 37.78 -7.42 13.22
CA GLY A 165 36.61 -8.23 12.92
C GLY A 165 35.30 -7.79 13.56
N GLY A 166 34.21 -8.36 13.08
CA GLY A 166 32.87 -8.01 13.51
C GLY A 166 31.82 -8.86 12.80
N SER A 167 30.61 -8.34 12.78
CA SER A 167 29.43 -9.12 12.39
C SER A 167 28.51 -8.29 11.51
N ILE A 168 28.08 -8.82 10.40
CA ILE A 168 27.11 -8.10 9.60
C ILE A 168 25.84 -8.93 9.44
N VAL A 169 24.67 -8.31 9.66
CA VAL A 169 23.41 -9.04 9.62
C VAL A 169 22.43 -8.35 8.67
N ALA A 170 21.86 -9.10 7.72
CA ALA A 170 20.92 -8.58 6.72
C ALA A 170 19.54 -9.27 6.89
N THR A 171 18.48 -8.55 6.52
CA THR A 171 17.12 -8.99 6.80
C THR A 171 16.52 -9.60 5.55
N THR A 172 16.08 -10.85 5.67
CA THR A 172 15.54 -11.55 4.50
C THR A 172 14.13 -12.13 4.71
N TYR A 173 13.59 -12.79 3.68
CA TYR A 173 12.25 -13.31 3.85
C TYR A 173 12.14 -14.65 3.13
N LEU A 174 11.19 -15.48 3.54
CA LEU A 174 10.88 -16.75 2.90
C LEU A 174 10.71 -16.74 1.36
N GLY A 175 10.15 -15.66 0.79
CA GLY A 175 10.04 -15.54 -0.65
C GLY A 175 11.37 -15.55 -1.47
N GLY A 176 12.52 -15.44 -0.78
CA GLY A 176 13.80 -15.70 -1.45
C GLY A 176 14.17 -17.19 -1.63
N GLU A 177 13.48 -18.07 -0.89
CA GLU A 177 13.75 -19.48 -0.87
C GLU A 177 12.69 -20.26 -1.64
N PHE A 178 11.45 -19.81 -1.60
CA PHE A 178 10.36 -20.46 -2.31
C PHE A 178 9.57 -19.36 -3.02
N ALA A 179 8.99 -19.64 -4.20
CA ALA A 179 8.01 -18.77 -4.84
C ALA A 179 6.75 -18.70 -3.99
N VAL A 180 6.40 -17.48 -3.59
CA VAL A 180 5.29 -17.15 -2.70
C VAL A 180 4.38 -16.26 -3.56
N GLN A 181 3.06 -16.35 -3.53
CA GLN A 181 2.25 -15.37 -4.35
C GLN A 181 2.58 -13.88 -3.97
N ASN A 182 2.53 -12.99 -4.96
CA ASN A 182 2.78 -11.52 -4.83
C ASN A 182 4.21 -10.96 -4.58
N TYR A 183 5.05 -11.60 -3.77
CA TYR A 183 6.32 -10.99 -3.43
C TYR A 183 7.19 -10.74 -4.65
N ASN A 184 6.86 -11.49 -5.70
CA ASN A 184 7.42 -11.34 -7.03
C ASN A 184 8.84 -10.85 -7.16
N VAL A 185 9.08 -9.69 -7.77
CA VAL A 185 10.44 -9.14 -7.93
C VAL A 185 11.28 -9.07 -6.60
N MET A 186 10.65 -9.05 -5.44
CA MET A 186 11.41 -9.03 -4.18
C MET A 186 12.00 -10.43 -3.77
N GLY A 187 11.26 -11.47 -4.11
CA GLY A 187 11.74 -12.85 -3.94
C GLY A 187 13.08 -13.16 -4.63
N VAL A 188 13.16 -12.70 -5.88
CA VAL A 188 14.36 -12.86 -6.72
C VAL A 188 15.45 -12.00 -6.17
N ALA A 189 15.06 -10.88 -5.62
CA ALA A 189 16.03 -10.03 -4.94
C ALA A 189 16.41 -10.61 -3.59
N LYS A 190 15.48 -11.28 -2.92
CA LYS A 190 15.86 -11.88 -1.62
C LYS A 190 16.77 -13.10 -1.81
N ALA A 191 16.49 -13.91 -2.84
CA ALA A 191 17.35 -15.01 -3.22
C ALA A 191 18.82 -14.52 -3.48
N SER A 192 18.94 -13.53 -4.32
CA SER A 192 20.15 -12.81 -4.52
C SER A 192 20.82 -12.24 -3.20
N LEU A 193 20.05 -11.65 -2.28
CA LEU A 193 20.63 -11.21 -0.95
C LEU A 193 21.18 -12.40 -0.12
N GLU A 194 20.46 -13.50 -0.07
CA GLU A 194 20.93 -14.61 0.70
C GLU A 194 22.24 -15.20 0.12
N ALA A 195 22.35 -15.40 -1.19
CA ALA A 195 23.64 -15.77 -1.79
C ALA A 195 24.75 -14.74 -1.49
N ASN A 196 24.38 -13.46 -1.53
CA ASN A 196 25.27 -12.36 -1.18
C ASN A 196 25.85 -12.60 0.18
N VAL A 197 24.99 -12.95 1.11
CA VAL A 197 25.43 -13.28 2.46
C VAL A 197 26.47 -14.43 2.48
N LYS A 198 26.23 -15.48 1.68
CA LYS A 198 27.16 -16.61 1.59
C LYS A 198 28.53 -16.28 0.90
N TYR A 199 28.51 -15.53 -0.19
CA TYR A 199 29.77 -15.05 -0.78
C TYR A 199 30.50 -14.05 0.10
N LEU A 200 29.78 -13.21 0.87
CA LEU A 200 30.44 -12.28 1.81
C LEU A 200 31.08 -12.99 3.01
N ALA A 201 30.40 -14.01 3.58
CA ALA A 201 30.98 -14.89 4.63
C ALA A 201 32.30 -15.50 4.20
N LEU A 202 32.33 -16.02 2.98
CA LEU A 202 33.51 -16.68 2.40
C LEU A 202 34.63 -15.66 2.26
N ASP A 203 34.33 -14.56 1.58
CA ASP A 203 35.30 -13.49 1.41
C ASP A 203 35.92 -12.93 2.71
N LEU A 204 35.03 -12.56 3.63
CA LEU A 204 35.38 -11.74 4.81
C LEU A 204 35.77 -12.50 6.06
N GLY A 205 35.55 -13.83 6.03
CA GLY A 205 35.85 -14.79 7.11
C GLY A 205 37.27 -14.78 7.53
N PRO A 206 38.20 -14.65 6.58
CA PRO A 206 39.57 -14.54 7.02
C PRO A 206 39.95 -13.22 7.73
N ASP A 207 39.03 -12.28 7.86
CA ASP A 207 39.29 -10.96 8.44
C ASP A 207 38.55 -10.92 9.76
N ASN A 208 38.20 -12.10 10.26
CA ASN A 208 37.32 -12.29 11.41
C ASN A 208 35.96 -11.51 11.38
N ILE A 209 35.32 -11.45 10.20
CA ILE A 209 34.06 -10.72 10.00
C ILE A 209 33.02 -11.72 9.58
N ARG A 210 31.97 -11.85 10.40
CA ARG A 210 30.94 -12.86 10.14
C ARG A 210 29.80 -12.17 9.45
N VAL A 211 29.09 -12.90 8.59
CA VAL A 211 28.00 -12.34 7.81
C VAL A 211 26.90 -13.36 7.78
N ASN A 212 25.71 -12.97 8.26
CA ASN A 212 24.53 -13.85 8.41
C ASN A 212 23.23 -13.11 8.01
N ALA A 213 22.11 -13.81 8.04
CA ALA A 213 20.81 -13.23 7.66
C ALA A 213 19.79 -13.61 8.72
N ILE A 214 18.82 -12.74 8.95
CA ILE A 214 17.64 -13.15 9.66
C ILE A 214 16.55 -13.20 8.64
N SER A 215 15.79 -14.27 8.67
CA SER A 215 14.64 -14.39 7.76
C SER A 215 13.43 -14.17 8.60
N ALA A 216 12.89 -12.97 8.60
CA ALA A 216 11.82 -12.71 9.54
C ALA A 216 10.51 -13.14 8.99
N GLY A 217 9.62 -13.57 9.91
CA GLY A 217 8.23 -13.85 9.58
C GLY A 217 7.59 -12.54 9.18
N PRO A 218 6.33 -12.59 8.65
CA PRO A 218 5.69 -11.34 8.23
C PRO A 218 5.27 -10.44 9.40
N ILE A 219 5.38 -9.13 9.22
CA ILE A 219 5.23 -8.14 10.26
C ILE A 219 4.65 -6.84 9.67
N ARG A 220 3.67 -6.24 10.36
CA ARG A 220 3.05 -5.02 9.89
C ARG A 220 4.04 -3.87 9.91
N THR A 221 4.61 -3.56 8.76
CA THR A 221 5.44 -2.38 8.61
C THR A 221 5.00 -1.51 7.44
N LEU A 222 5.51 -0.26 7.36
CA LEU A 222 5.32 0.59 6.19
C LEU A 222 5.60 -0.10 4.83
N SER A 223 6.70 -0.84 4.70
CA SER A 223 7.00 -1.58 3.45
C SER A 223 6.08 -2.74 3.11
N ALA A 224 5.58 -3.43 4.13
CA ALA A 224 4.54 -4.45 3.95
C ALA A 224 3.27 -3.93 3.25
N LYS A 225 3.03 -2.61 3.30
CA LYS A 225 1.86 -2.10 2.62
C LYS A 225 1.92 -2.28 1.11
N GLY A 226 3.09 -2.57 0.55
CA GLY A 226 3.20 -2.85 -0.87
C GLY A 226 3.29 -4.33 -1.24
N VAL A 227 3.17 -5.24 -0.27
CA VAL A 227 3.11 -6.65 -0.51
C VAL A 227 1.63 -7.08 -0.65
N GLY A 228 1.16 -7.38 -1.84
CA GLY A 228 -0.22 -7.78 -1.97
C GLY A 228 -0.58 -8.98 -1.13
N GLY A 229 -1.80 -9.02 -0.59
CA GLY A 229 -2.23 -10.18 0.22
C GLY A 229 -1.60 -10.26 1.63
N PHE A 230 -0.90 -9.23 2.04
CA PHE A 230 -0.32 -9.25 3.38
C PHE A 230 -1.22 -9.76 4.49
N ASN A 231 -2.44 -9.24 4.62
CA ASN A 231 -3.27 -9.69 5.71
C ASN A 231 -3.39 -11.22 5.71
N THR A 232 -3.63 -11.80 4.52
CA THR A 232 -3.80 -13.25 4.37
C THR A 232 -2.58 -14.02 4.80
N ILE A 233 -1.40 -13.47 4.45
CA ILE A 233 -0.09 -13.98 4.91
C ILE A 233 -0.03 -14.02 6.44
N LEU A 234 -0.35 -12.91 7.09
CA LEU A 234 -0.31 -12.81 8.54
C LEU A 234 -1.15 -13.92 9.20
N LYS A 235 -2.26 -14.24 8.53
CA LYS A 235 -3.25 -15.08 9.08
C LYS A 235 -2.82 -16.49 8.83
N GLU A 236 -2.18 -16.75 7.67
CA GLU A 236 -1.82 -18.14 7.36
CA GLU A 236 -1.84 -18.13 7.36
C GLU A 236 -0.71 -18.61 8.30
N ILE A 237 0.05 -17.68 8.85
CA ILE A 237 1.01 -17.98 9.91
C ILE A 237 0.33 -18.28 11.25
N GLU A 238 -0.66 -17.51 11.70
CA GLU A 238 -1.36 -17.87 12.96
C GLU A 238 -1.90 -19.30 12.90
N GLU A 239 -2.41 -19.70 11.75
CA GLU A 239 -3.19 -20.93 11.64
C GLU A 239 -2.37 -22.20 11.47
N ARG A 240 -1.15 -22.02 10.94
CA ARG A 240 -0.34 -23.10 10.39
C ARG A 240 1.06 -23.23 10.94
N ALA A 241 1.75 -22.13 11.23
CA ALA A 241 3.10 -22.25 11.78
C ALA A 241 3.05 -22.89 13.14
N PRO A 242 4.10 -23.64 13.50
CA PRO A 242 4.26 -24.28 14.80
C PRO A 242 3.92 -23.43 16.05
N LEU A 243 4.32 -22.18 16.11
CA LEU A 243 3.94 -21.46 17.34
C LEU A 243 2.50 -20.97 17.27
N LYS A 244 1.86 -21.12 16.12
CA LYS A 244 0.47 -20.67 15.91
C LYS A 244 0.27 -19.19 16.26
N ARG A 245 1.18 -18.34 15.78
CA ARG A 245 1.20 -16.91 16.15
C ARG A 245 2.25 -16.20 15.34
N ASN A 246 2.11 -14.88 15.22
CA ASN A 246 3.08 -14.07 14.52
C ASN A 246 4.19 -13.59 15.43
N VAL A 247 5.32 -13.24 14.83
CA VAL A 247 6.46 -12.73 15.56
C VAL A 247 6.38 -11.21 15.44
N ASP A 248 7.10 -10.51 16.32
CA ASP A 248 7.27 -9.06 16.19
C ASP A 248 8.77 -8.69 16.02
N GLN A 249 9.00 -7.39 15.97
CA GLN A 249 10.26 -6.75 15.70
C GLN A 249 11.28 -6.97 16.80
N VAL A 250 10.82 -6.87 18.04
CA VAL A 250 11.64 -7.19 19.19
C VAL A 250 12.19 -8.64 19.11
N GLU A 251 11.47 -9.56 18.42
CA GLU A 251 11.99 -10.92 18.26
C GLU A 251 13.07 -10.92 17.23
N VAL A 252 12.87 -10.25 16.13
CA VAL A 252 14.00 -10.02 15.21
C VAL A 252 15.20 -9.42 15.96
N GLY A 253 14.96 -8.43 16.80
CA GLY A 253 16.03 -7.84 17.61
C GLY A 253 16.79 -8.78 18.55
N LYS A 254 16.10 -9.74 19.18
CA LYS A 254 16.86 -10.58 20.12
C LYS A 254 17.78 -11.55 19.40
N THR A 255 17.32 -12.10 18.27
CA THR A 255 18.18 -12.88 17.39
C THR A 255 19.32 -12.03 16.81
N ALA A 256 19.02 -10.81 16.36
CA ALA A 256 20.06 -9.91 15.86
C ALA A 256 21.11 -9.68 16.91
N ALA A 257 20.70 -9.55 18.18
CA ALA A 257 21.67 -9.43 19.26
C ALA A 257 22.59 -10.63 19.35
N TYR A 258 22.02 -11.84 19.35
CA TYR A 258 22.84 -13.05 19.29
C TYR A 258 23.85 -13.00 18.11
N LEU A 259 23.37 -12.66 16.91
CA LEU A 259 24.21 -12.66 15.71
C LEU A 259 25.30 -11.62 15.78
N LEU A 260 24.98 -10.47 16.36
CA LEU A 260 25.89 -9.35 16.32
C LEU A 260 26.89 -9.41 17.45
N SER A 261 26.67 -10.34 18.36
CA SER A 261 27.58 -10.52 19.52
C SER A 261 28.41 -11.80 19.40
N ASP A 262 29.23 -12.04 20.40
CA ASP A 262 30.18 -13.13 20.45
C ASP A 262 29.45 -14.44 20.81
N LEU A 263 28.18 -14.36 21.21
CA LEU A 263 27.41 -15.56 21.42
C LEU A 263 27.45 -16.45 20.17
N SER A 264 27.38 -15.83 18.98
CA SER A 264 27.33 -16.56 17.72
C SER A 264 28.71 -16.70 17.08
N SER A 265 29.73 -16.86 17.91
CA SER A 265 31.11 -16.84 17.37
C SER A 265 31.42 -17.89 16.33
N GLY A 266 30.82 -19.07 16.38
CA GLY A 266 31.16 -20.07 15.36
C GLY A 266 30.36 -19.94 14.07
N VAL A 267 29.42 -18.99 14.05
CA VAL A 267 28.36 -18.98 13.06
C VAL A 267 28.55 -17.94 11.94
N THR A 268 28.70 -18.41 10.73
CA THR A 268 28.69 -17.49 9.60
C THR A 268 28.05 -18.10 8.35
N GLY A 269 27.53 -17.26 7.48
CA GLY A 269 26.91 -17.72 6.23
C GLY A 269 25.54 -18.25 6.52
N GLU A 270 25.05 -17.99 7.73
CA GLU A 270 23.85 -18.66 8.16
C GLU A 270 22.60 -17.77 8.00
N ASN A 271 21.42 -18.41 7.98
CA ASN A 271 20.14 -17.76 7.70
C ASN A 271 19.18 -18.27 8.75
N ILE A 272 19.06 -17.59 9.89
CA ILE A 272 18.16 -18.00 11.00
C ILE A 272 16.71 -17.63 10.73
N HIS A 273 15.78 -18.55 10.79
CA HIS A 273 14.40 -18.09 10.60
C HIS A 273 13.82 -17.68 11.95
N VAL A 274 13.23 -16.47 11.99
CA VAL A 274 12.44 -15.91 13.11
C VAL A 274 11.03 -15.64 12.57
N ASP A 275 10.28 -16.75 12.59
CA ASP A 275 9.08 -16.90 11.84
C ASP A 275 8.12 -17.96 12.44
N SER A 276 8.40 -18.40 13.68
CA SER A 276 7.50 -19.30 14.41
C SER A 276 7.50 -20.73 13.85
N GLY A 277 8.54 -21.11 13.10
CA GLY A 277 8.69 -22.45 12.53
C GLY A 277 8.18 -22.56 11.11
N PHE A 278 7.52 -21.52 10.61
CA PHE A 278 6.89 -21.60 9.30
C PHE A 278 7.79 -22.18 8.23
N HIS A 279 9.08 -21.84 8.24
CA HIS A 279 10.02 -22.37 7.26
C HIS A 279 10.13 -23.90 7.27
N ALA A 280 9.80 -24.52 8.39
CA ALA A 280 10.05 -25.92 8.58
C ALA A 280 8.84 -26.79 8.17
N ILE A 281 7.80 -26.16 7.64
CA ILE A 281 6.55 -26.89 7.42
C ILE A 281 6.04 -26.68 6.03
N LYS A 282 5.22 -27.60 5.60
CA LYS A 282 4.52 -27.49 4.36
C LYS A 282 3.05 -27.97 4.54
N VAL B 28 12.77 -41.32 -27.03
CA VAL B 28 11.84 -40.16 -26.71
C VAL B 28 10.92 -39.99 -27.98
N ASN B 29 10.33 -38.81 -28.23
CA ASN B 29 9.76 -38.53 -29.58
C ASN B 29 9.44 -37.06 -29.91
N LEU B 30 10.44 -36.33 -30.38
CA LEU B 30 10.33 -34.88 -30.62
C LEU B 30 10.08 -34.47 -32.08
N GLU B 31 9.61 -35.39 -32.91
CA GLU B 31 9.12 -35.05 -34.26
C GLU B 31 7.87 -34.20 -34.12
N ASN B 32 7.78 -33.13 -34.89
CA ASN B 32 6.61 -32.23 -34.78
C ASN B 32 6.68 -31.18 -33.66
N LYS B 33 7.72 -31.23 -32.82
CA LYS B 33 8.02 -30.17 -31.84
C LYS B 33 9.06 -29.18 -32.41
N THR B 34 9.07 -27.96 -31.87
CA THR B 34 9.96 -26.89 -32.30
C THR B 34 10.54 -26.21 -31.06
N TYR B 35 11.86 -26.14 -30.95
CA TYR B 35 12.44 -25.48 -29.78
C TYR B 35 13.30 -24.28 -30.17
N VAL B 36 13.43 -23.35 -29.24
CA VAL B 36 14.31 -22.22 -29.41
C VAL B 36 15.58 -22.38 -28.49
N ILE B 37 16.74 -22.43 -29.13
CA ILE B 37 17.96 -22.64 -28.36
C ILE B 37 18.74 -21.33 -28.38
N MET B 38 18.89 -20.72 -27.20
CA MET B 38 19.63 -19.45 -27.05
C MET B 38 21.00 -19.71 -26.39
N GLY B 39 22.03 -19.14 -26.98
CA GLY B 39 23.36 -19.28 -26.38
C GLY B 39 24.43 -20.21 -26.99
N ILE B 40 24.24 -20.70 -28.21
CA ILE B 40 25.38 -21.34 -28.88
C ILE B 40 26.38 -20.24 -29.29
N ALA B 41 27.63 -20.40 -28.84
CA ALA B 41 28.74 -19.58 -29.29
C ALA B 41 29.72 -20.40 -30.17
N ASN B 42 29.92 -21.68 -29.85
CA ASN B 42 30.80 -22.58 -30.60
C ASN B 42 30.46 -24.05 -30.35
N LYS B 43 31.35 -24.93 -30.79
CA LYS B 43 31.11 -26.36 -30.77
C LYS B 43 31.14 -26.94 -29.37
N ARG B 44 31.61 -26.15 -28.41
CA ARG B 44 31.62 -26.54 -26.98
C ARG B 44 30.55 -25.78 -26.14
N SER B 45 29.79 -24.90 -26.77
CA SER B 45 28.65 -24.41 -26.07
C SER B 45 27.82 -25.57 -25.53
N ILE B 46 27.65 -25.61 -24.21
CA ILE B 46 26.62 -26.44 -23.57
C ILE B 46 25.32 -26.56 -24.38
N ALA B 47 24.84 -25.45 -24.92
CA ALA B 47 23.64 -25.42 -25.81
C ALA B 47 23.82 -26.23 -27.11
N PHE B 48 25.08 -26.36 -27.55
CA PHE B 48 25.34 -27.26 -28.68
C PHE B 48 25.05 -28.70 -28.31
N GLY B 49 25.36 -29.08 -27.06
CA GLY B 49 25.00 -30.40 -26.54
C GLY B 49 23.49 -30.57 -26.73
N VAL B 50 22.75 -29.73 -26.01
CA VAL B 50 21.32 -29.64 -26.16
C VAL B 50 20.90 -29.80 -27.63
N ALA B 51 21.50 -29.05 -28.54
CA ALA B 51 21.07 -29.07 -29.94
C ALA B 51 21.21 -30.43 -30.62
N LYS B 52 22.36 -31.08 -30.51
CA LYS B 52 22.52 -32.45 -31.08
C LYS B 52 21.53 -33.47 -30.49
N VAL B 53 21.20 -33.38 -29.21
CA VAL B 53 20.23 -34.28 -28.70
C VAL B 53 18.84 -33.98 -29.30
N LEU B 54 18.42 -32.73 -29.22
CA LEU B 54 17.13 -32.37 -29.83
C LEU B 54 17.03 -32.81 -31.29
N ASP B 55 17.99 -32.36 -32.12
CA ASP B 55 18.15 -32.71 -33.53
C ASP B 55 18.00 -34.20 -33.83
N GLN B 56 18.67 -35.01 -32.98
CA GLN B 56 18.72 -36.48 -33.06
C GLN B 56 17.35 -37.02 -32.71
N LEU B 57 16.68 -36.37 -31.78
CA LEU B 57 15.35 -36.76 -31.36
C LEU B 57 14.24 -36.31 -32.34
N GLY B 58 14.64 -35.58 -33.39
CA GLY B 58 13.72 -35.16 -34.44
C GLY B 58 13.03 -33.79 -34.29
N ALA B 59 13.47 -32.97 -33.35
CA ALA B 59 12.91 -31.61 -33.20
C ALA B 59 13.27 -30.66 -34.36
N LYS B 60 12.37 -29.71 -34.63
CA LYS B 60 12.75 -28.51 -35.36
C LYS B 60 13.40 -27.56 -34.35
N LEU B 61 14.47 -26.92 -34.81
CA LEU B 61 15.26 -26.02 -34.00
C LEU B 61 15.43 -24.64 -34.66
N VAL B 62 15.41 -23.62 -33.79
CA VAL B 62 15.54 -22.23 -34.12
C VAL B 62 16.62 -21.77 -33.11
N PHE B 63 17.66 -21.05 -33.57
CA PHE B 63 18.77 -20.70 -32.69
C PHE B 63 18.87 -19.17 -32.60
N THR B 64 19.19 -18.64 -31.41
CA THR B 64 19.39 -17.18 -31.23
C THR B 64 20.88 -16.85 -30.82
N TYR B 65 21.41 -15.70 -31.26
CA TYR B 65 22.84 -15.41 -31.09
C TYR B 65 22.99 -13.94 -30.77
N ARG B 66 24.08 -13.59 -30.10
CA ARG B 66 24.43 -12.18 -29.94
C ARG B 66 25.52 -11.69 -30.94
N LYS B 67 26.70 -12.31 -30.90
CA LYS B 67 27.85 -11.81 -31.65
C LYS B 67 27.81 -12.38 -33.02
N GLU B 68 28.07 -11.53 -34.02
CA GLU B 68 28.25 -11.98 -35.39
C GLU B 68 29.08 -13.28 -35.56
N ARG B 69 30.11 -13.43 -34.74
CA ARG B 69 30.95 -14.62 -34.78
C ARG B 69 30.17 -15.88 -34.42
N SER B 70 29.28 -15.81 -33.45
CA SER B 70 28.51 -17.00 -33.08
C SER B 70 27.56 -17.37 -34.23
N ARG B 71 27.02 -16.39 -34.93
CA ARG B 71 26.15 -16.74 -35.99
C ARG B 71 26.99 -17.52 -37.00
N LYS B 72 28.20 -17.03 -37.28
CA LYS B 72 29.09 -17.75 -38.19
C LYS B 72 29.38 -19.18 -37.71
N GLU B 73 29.69 -19.36 -36.43
CA GLU B 73 29.96 -20.70 -35.93
C GLU B 73 28.74 -21.63 -36.08
N LEU B 74 27.55 -21.12 -35.76
CA LEU B 74 26.31 -21.89 -35.90
C LEU B 74 26.10 -22.43 -37.32
N GLU B 75 26.28 -21.55 -38.32
CA GLU B 75 26.04 -21.90 -39.70
C GLU B 75 26.92 -23.08 -40.06
N LYS B 76 28.18 -23.07 -39.61
CA LYS B 76 29.10 -24.21 -39.79
C LYS B 76 28.80 -25.41 -38.87
N LEU B 77 28.21 -25.16 -37.69
CA LEU B 77 27.74 -26.29 -36.84
C LEU B 77 26.47 -26.98 -37.35
N LEU B 78 25.60 -26.23 -38.04
CA LEU B 78 24.38 -26.80 -38.62
C LEU B 78 24.59 -27.95 -39.60
N GLU B 79 25.76 -27.99 -40.25
CA GLU B 79 26.16 -29.08 -41.15
C GLU B 79 26.18 -30.45 -40.48
N GLN B 80 26.61 -30.50 -39.22
CA GLN B 80 26.63 -31.73 -38.40
C GLN B 80 25.22 -32.19 -37.93
N LEU B 81 24.18 -31.44 -38.29
CA LEU B 81 22.83 -31.71 -37.81
C LEU B 81 21.90 -32.09 -38.95
N ASN B 82 20.82 -32.73 -38.57
CA ASN B 82 19.84 -33.10 -39.52
C ASN B 82 18.82 -31.98 -39.53
N GLN B 83 19.27 -30.76 -39.74
CA GLN B 83 18.32 -29.64 -39.90
C GLN B 83 18.18 -29.10 -41.34
N PRO B 84 17.07 -29.45 -42.01
CA PRO B 84 16.70 -29.00 -43.36
C PRO B 84 16.80 -27.48 -43.59
N GLU B 85 16.58 -26.69 -42.54
CA GLU B 85 16.57 -25.22 -42.62
C GLU B 85 17.27 -24.61 -41.40
N ALA B 86 18.13 -23.63 -41.65
CA ALA B 86 18.81 -22.88 -40.63
C ALA B 86 17.95 -21.67 -40.25
N HIS B 87 17.44 -21.65 -39.02
CA HIS B 87 16.68 -20.51 -38.55
C HIS B 87 17.52 -19.80 -37.49
N LEU B 88 18.01 -18.60 -37.80
CA LEU B 88 18.95 -17.89 -36.94
C LEU B 88 18.43 -16.53 -36.63
N TYR B 89 18.62 -16.09 -35.39
CA TYR B 89 18.02 -14.85 -34.99
C TYR B 89 18.97 -14.09 -34.10
N GLN B 90 19.23 -12.82 -34.46
CA GLN B 90 20.09 -12.05 -33.61
C GLN B 90 19.31 -11.52 -32.44
N ILE B 91 19.68 -11.96 -31.23
CA ILE B 91 19.08 -11.49 -30.01
C ILE B 91 20.09 -11.24 -28.88
N ASP B 92 20.38 -9.95 -28.69
CA ASP B 92 21.00 -9.50 -27.45
C ASP B 92 19.92 -9.31 -26.35
N VAL B 93 19.97 -10.16 -25.32
CA VAL B 93 18.98 -10.05 -24.24
C VAL B 93 19.12 -8.83 -23.36
N GLN B 94 20.09 -7.97 -23.60
CA GLN B 94 20.11 -6.68 -22.90
C GLN B 94 18.99 -5.76 -23.45
N SER B 95 18.51 -6.07 -24.65
CA SER B 95 17.55 -5.20 -25.32
C SER B 95 16.14 -5.79 -25.34
N ASP B 96 15.20 -5.13 -24.65
CA ASP B 96 13.83 -5.55 -24.65
C ASP B 96 13.32 -5.64 -26.10
N GLU B 97 13.57 -4.59 -26.89
CA GLU B 97 13.01 -4.60 -28.23
CA GLU B 97 13.17 -4.50 -28.31
C GLU B 97 13.62 -5.73 -29.07
N GLU B 98 14.88 -6.07 -28.84
CA GLU B 98 15.47 -7.19 -29.53
C GLU B 98 14.89 -8.57 -29.20
N VAL B 99 14.52 -8.80 -27.94
CA VAL B 99 13.83 -10.03 -27.52
C VAL B 99 12.39 -10.06 -28.04
N ILE B 100 11.68 -8.94 -27.94
CA ILE B 100 10.31 -8.81 -28.37
C ILE B 100 10.20 -9.06 -29.88
N ASN B 101 11.04 -8.38 -30.65
CA ASN B 101 11.02 -8.48 -32.11
C ASN B 101 11.51 -9.81 -32.66
N GLY B 102 12.58 -10.38 -32.06
CA GLY B 102 13.12 -11.69 -32.42
C GLY B 102 12.08 -12.79 -32.23
N PHE B 103 11.44 -12.81 -31.05
CA PHE B 103 10.35 -13.76 -30.80
C PHE B 103 9.18 -13.54 -31.72
N GLU B 104 8.68 -12.32 -31.85
CA GLU B 104 7.57 -12.06 -32.80
C GLU B 104 7.89 -12.59 -34.23
N GLN B 105 9.15 -12.42 -34.62
CA GLN B 105 9.69 -12.86 -35.88
C GLN B 105 9.72 -14.39 -35.94
N ILE B 106 10.18 -15.01 -34.85
CA ILE B 106 10.24 -16.47 -34.81
C ILE B 106 8.85 -17.05 -35.07
N GLY B 107 7.87 -16.50 -34.36
CA GLY B 107 6.48 -16.91 -34.47
C GLY B 107 5.99 -16.82 -35.91
N LYS B 108 6.42 -15.79 -36.63
CA LYS B 108 6.05 -15.62 -38.03
C LYS B 108 6.72 -16.63 -38.98
N ASP B 109 7.88 -17.13 -38.61
CA ASP B 109 8.63 -18.00 -39.53
C ASP B 109 8.45 -19.50 -39.26
N VAL B 110 8.19 -19.88 -38.01
CA VAL B 110 7.95 -21.29 -37.67
C VAL B 110 6.58 -21.60 -37.04
N GLY B 111 5.80 -20.59 -36.68
CA GLY B 111 4.56 -20.81 -35.91
C GLY B 111 4.82 -20.94 -34.39
N ASN B 112 3.81 -21.41 -33.68
CA ASN B 112 3.94 -21.82 -32.26
C ASN B 112 5.12 -22.72 -31.96
N ILE B 113 5.80 -22.48 -30.84
CA ILE B 113 6.92 -23.31 -30.45
C ILE B 113 6.54 -24.12 -29.25
N ASP B 114 7.40 -25.06 -28.89
CA ASP B 114 7.11 -25.99 -27.83
C ASP B 114 7.85 -25.72 -26.53
N GLY B 115 8.89 -24.88 -26.64
CA GLY B 115 9.83 -24.67 -25.54
C GLY B 115 11.07 -23.86 -25.91
N VAL B 116 11.92 -23.64 -24.92
CA VAL B 116 13.01 -22.71 -24.96
C VAL B 116 14.08 -23.26 -24.05
N TYR B 117 15.27 -23.47 -24.61
CA TYR B 117 16.48 -23.70 -23.80
C TYR B 117 17.22 -22.40 -23.69
N HIS B 118 17.31 -21.91 -22.46
CA HIS B 118 18.07 -20.68 -22.25
C HIS B 118 19.46 -21.03 -21.71
N SER B 119 20.48 -20.43 -22.26
CA SER B 119 21.85 -20.85 -21.97
C SER B 119 22.84 -19.68 -22.11
N ILE B 120 22.51 -18.60 -21.38
CA ILE B 120 23.05 -17.27 -21.55
C ILE B 120 23.44 -16.71 -20.19
N ALA B 121 24.67 -16.23 -20.11
CA ALA B 121 25.16 -15.56 -18.94
C ALA B 121 26.37 -14.72 -19.30
N PHE B 122 26.64 -13.69 -18.50
CA PHE B 122 27.80 -12.84 -18.68
C PHE B 122 28.23 -12.12 -17.40
N ALA B 123 29.53 -11.98 -17.23
CA ALA B 123 30.10 -11.06 -16.24
C ALA B 123 31.52 -10.74 -16.67
N ASN B 124 31.88 -9.47 -16.54
CA ASN B 124 33.28 -8.97 -16.50
C ASN B 124 34.26 -9.85 -15.72
N MET B 125 35.37 -10.24 -16.36
CA MET B 125 36.49 -10.88 -15.66
C MET B 125 36.90 -10.03 -14.49
N GLU B 126 36.96 -8.71 -14.71
CA GLU B 126 37.25 -7.71 -13.67
C GLU B 126 36.57 -8.02 -12.34
N ASP B 127 35.29 -8.43 -12.43
CA ASP B 127 34.46 -8.72 -11.28
C ASP B 127 34.53 -10.19 -10.88
N LEU B 128 34.89 -11.08 -11.82
CA LEU B 128 34.98 -12.53 -11.54
C LEU B 128 36.25 -12.89 -10.68
N ARG B 129 37.42 -12.41 -11.10
CA ARG B 129 38.68 -12.81 -10.44
C ARG B 129 39.02 -11.73 -9.41
N GLY B 130 38.21 -11.66 -8.36
CA GLY B 130 38.45 -10.66 -7.31
C GLY B 130 38.19 -11.17 -5.92
N ARG B 131 37.96 -10.22 -5.00
CA ARG B 131 37.34 -10.53 -3.72
C ARG B 131 35.93 -10.16 -4.05
N PHE B 132 34.97 -11.01 -3.71
CA PHE B 132 33.61 -10.65 -3.90
C PHE B 132 33.23 -9.26 -3.33
N SER B 133 33.74 -8.91 -2.15
CA SER B 133 33.33 -7.66 -1.48
C SER B 133 33.77 -6.40 -2.25
N GLU B 134 34.63 -6.59 -3.24
CA GLU B 134 35.12 -5.48 -4.01
C GLU B 134 34.35 -5.30 -5.32
N THR B 135 33.30 -6.10 -5.53
CA THR B 135 32.49 -6.06 -6.76
C THR B 135 31.88 -4.66 -7.03
N SER B 136 31.94 -4.18 -8.26
CA SER B 136 31.34 -2.90 -8.58
C SER B 136 29.82 -3.04 -8.75
N ARG B 137 29.08 -1.95 -8.52
CA ARG B 137 27.65 -1.88 -8.80
C ARG B 137 27.33 -2.22 -10.27
N GLU B 138 28.01 -1.60 -11.22
CA GLU B 138 27.64 -1.81 -12.62
C GLU B 138 27.93 -3.27 -13.00
N GLY B 139 29.05 -3.80 -12.49
CA GLY B 139 29.41 -5.23 -12.62
C GLY B 139 28.40 -6.24 -12.08
N PHE B 140 27.94 -5.96 -10.86
CA PHE B 140 26.84 -6.71 -10.26
C PHE B 140 25.55 -6.69 -11.07
N LEU B 141 25.12 -5.52 -11.50
CA LEU B 141 23.84 -5.40 -12.18
C LEU B 141 23.91 -5.91 -13.62
N LEU B 142 25.11 -5.88 -14.22
CA LEU B 142 25.30 -6.44 -15.56
C LEU B 142 25.08 -7.97 -15.51
N ALA B 143 25.77 -8.66 -14.60
CA ALA B 143 25.48 -10.06 -14.34
C ALA B 143 23.96 -10.39 -14.07
N GLN B 144 23.28 -9.64 -13.18
CA GLN B 144 21.83 -9.84 -12.97
C GLN B 144 21.02 -9.65 -14.25
N ASP B 145 21.35 -8.61 -15.00
CA ASP B 145 20.62 -8.22 -16.20
C ASP B 145 20.61 -9.36 -17.25
N ILE B 146 21.81 -9.77 -17.68
CA ILE B 146 22.07 -10.74 -18.72
C ILE B 146 21.76 -12.17 -18.29
N SER B 147 22.28 -12.56 -17.11
CA SER B 147 22.22 -13.93 -16.66
C SER B 147 20.95 -14.30 -15.90
N SER B 148 20.18 -13.31 -15.45
CA SER B 148 19.01 -13.63 -14.65
C SER B 148 17.75 -12.99 -15.18
N TYR B 149 17.77 -11.66 -15.37
CA TYR B 149 16.58 -10.95 -15.79
C TYR B 149 16.13 -11.47 -17.14
N SER B 150 17.06 -11.96 -17.95
CA SER B 150 16.66 -12.21 -19.32
C SER B 150 15.78 -13.42 -19.42
N LEU B 151 15.70 -14.21 -18.36
CA LEU B 151 14.83 -15.38 -18.47
C LEU B 151 13.40 -14.86 -18.41
N THR B 152 13.18 -13.87 -17.56
CA THR B 152 11.86 -13.34 -17.29
C THR B 152 11.21 -12.81 -18.58
N ILE B 153 11.99 -11.99 -19.32
CA ILE B 153 11.54 -11.42 -20.56
C ILE B 153 11.47 -12.47 -21.71
N VAL B 154 12.48 -13.35 -21.84
CA VAL B 154 12.38 -14.44 -22.80
C VAL B 154 11.05 -15.18 -22.55
N ALA B 155 10.82 -15.55 -21.28
CA ALA B 155 9.63 -16.31 -20.88
C ALA B 155 8.33 -15.59 -21.25
N HIS B 156 8.29 -14.29 -20.99
CA HIS B 156 7.13 -13.47 -21.35
C HIS B 156 6.89 -13.46 -22.86
N GLU B 157 7.95 -13.31 -23.64
CA GLU B 157 7.77 -13.25 -25.09
C GLU B 157 7.50 -14.61 -25.65
N ALA B 158 7.96 -15.66 -24.98
CA ALA B 158 7.91 -17.01 -25.56
C ALA B 158 6.58 -17.65 -25.33
N LYS B 159 5.98 -17.31 -24.19
CA LYS B 159 4.58 -17.63 -23.87
C LYS B 159 3.59 -17.30 -25.02
N LYS B 160 3.75 -16.15 -25.67
CA LYS B 160 2.90 -15.80 -26.78
C LYS B 160 2.90 -16.85 -27.88
N LEU B 161 3.97 -17.65 -27.98
CA LEU B 161 4.08 -18.73 -29.01
C LEU B 161 3.80 -20.16 -28.48
N MET B 162 3.26 -20.22 -27.27
CA MET B 162 2.96 -21.48 -26.61
C MET B 162 1.51 -21.43 -26.12
N PRO B 163 0.53 -21.26 -27.08
CA PRO B 163 -0.87 -21.10 -26.63
C PRO B 163 -1.44 -22.32 -25.92
N GLU B 164 -0.91 -23.51 -26.17
CA GLU B 164 -1.32 -24.70 -25.41
C GLU B 164 -0.29 -25.20 -24.40
N GLY B 165 0.75 -24.41 -24.15
CA GLY B 165 1.72 -24.76 -23.15
C GLY B 165 3.07 -25.06 -23.74
N GLY B 166 4.03 -25.39 -22.88
CA GLY B 166 5.39 -25.62 -23.31
C GLY B 166 6.32 -25.76 -22.12
N SER B 167 7.62 -25.53 -22.38
CA SER B 167 8.66 -25.85 -21.42
C SER B 167 9.91 -24.95 -21.62
N ILE B 168 10.36 -24.37 -20.53
CA ILE B 168 11.48 -23.47 -20.55
C ILE B 168 12.54 -23.97 -19.57
N VAL B 169 13.76 -24.11 -20.09
CA VAL B 169 14.91 -24.61 -19.37
C VAL B 169 16.02 -23.59 -19.40
N ALA B 170 16.55 -23.30 -18.21
CA ALA B 170 17.71 -22.44 -18.01
C ALA B 170 18.89 -23.19 -17.35
N THR B 171 20.07 -22.61 -17.45
CA THR B 171 21.25 -23.35 -17.11
C THR B 171 21.92 -22.70 -15.89
N THR B 172 21.97 -23.45 -14.81
CA THR B 172 22.55 -22.86 -13.60
C THR B 172 23.84 -23.59 -13.17
N TYR B 173 24.33 -23.30 -12.00
CA TYR B 173 25.53 -23.89 -11.54
C TYR B 173 25.51 -23.94 -10.00
N LEU B 174 26.01 -25.04 -9.46
CA LEU B 174 26.13 -25.19 -8.03
C LEU B 174 26.56 -23.94 -7.31
N GLY B 175 27.27 -23.02 -7.97
CA GLY B 175 27.74 -21.81 -7.28
C GLY B 175 26.60 -20.91 -6.84
N GLY B 176 25.37 -21.18 -7.35
CA GLY B 176 24.10 -20.51 -6.97
C GLY B 176 23.52 -20.90 -5.60
N GLU B 177 24.03 -22.02 -5.07
CA GLU B 177 23.50 -22.61 -3.83
C GLU B 177 24.52 -22.54 -2.70
N PHE B 178 25.83 -22.53 -3.01
CA PHE B 178 26.84 -22.26 -1.95
C PHE B 178 27.90 -21.30 -2.49
N ALA B 179 28.68 -20.74 -1.58
CA ALA B 179 29.62 -19.81 -2.06
C ALA B 179 30.78 -20.67 -2.47
N VAL B 180 31.17 -20.57 -3.75
CA VAL B 180 32.34 -21.27 -4.24
C VAL B 180 33.44 -20.27 -4.50
N GLN B 181 34.68 -20.74 -4.49
CA GLN B 181 35.83 -19.87 -4.69
C GLN B 181 35.74 -19.34 -6.12
N ASN B 182 36.06 -18.05 -6.29
CA ASN B 182 36.20 -17.37 -7.57
C ASN B 182 34.95 -17.01 -8.36
N TYR B 183 33.82 -17.67 -8.08
CA TYR B 183 32.62 -17.51 -8.88
C TYR B 183 31.93 -16.19 -8.57
N ASN B 184 32.01 -15.74 -7.31
CA ASN B 184 31.67 -14.33 -6.97
C ASN B 184 30.34 -13.76 -7.54
N VAL B 185 30.45 -12.68 -8.31
CA VAL B 185 29.30 -12.07 -9.01
C VAL B 185 28.37 -13.07 -9.71
N MET B 186 28.92 -14.15 -10.27
CA MET B 186 28.09 -15.09 -11.02
C MET B 186 27.21 -16.00 -10.14
N GLY B 187 27.69 -16.41 -8.95
CA GLY B 187 26.90 -17.27 -8.04
C GLY B 187 25.66 -16.50 -7.57
N VAL B 188 25.85 -15.20 -7.39
CA VAL B 188 24.75 -14.35 -6.94
C VAL B 188 23.73 -14.18 -8.05
N ALA B 189 24.19 -14.15 -9.30
CA ALA B 189 23.33 -14.01 -10.44
C ALA B 189 22.61 -15.35 -10.56
N LYS B 190 23.28 -16.42 -10.15
CA LYS B 190 22.73 -17.77 -10.33
C LYS B 190 21.69 -17.97 -9.28
N ALA B 191 21.98 -17.59 -8.04
CA ALA B 191 20.95 -17.59 -6.99
C ALA B 191 19.66 -16.91 -7.45
N SER B 192 19.83 -15.74 -8.07
CA SER B 192 18.73 -14.99 -8.68
C SER B 192 18.06 -15.80 -9.80
N LEU B 193 18.88 -16.42 -10.68
CA LEU B 193 18.34 -17.25 -11.79
C LEU B 193 17.46 -18.37 -11.23
N GLU B 194 17.92 -18.96 -10.14
CA GLU B 194 17.20 -20.03 -9.55
C GLU B 194 15.88 -19.58 -8.83
N ALA B 195 15.77 -18.32 -8.40
CA ALA B 195 14.51 -17.83 -7.87
C ALA B 195 13.58 -17.50 -9.04
N ASN B 196 14.14 -16.87 -10.07
CA ASN B 196 13.40 -16.57 -11.32
C ASN B 196 12.59 -17.76 -11.86
N VAL B 197 13.25 -18.90 -12.03
CA VAL B 197 12.63 -20.14 -12.43
C VAL B 197 11.43 -20.57 -11.55
N LYS B 198 11.59 -20.44 -10.23
CA LYS B 198 10.52 -20.81 -9.32
C LYS B 198 9.30 -19.87 -9.44
N TYR B 199 9.59 -18.56 -9.44
CA TYR B 199 8.59 -17.51 -9.67
C TYR B 199 7.99 -17.58 -11.08
N LEU B 200 8.80 -17.86 -12.10
CA LEU B 200 8.24 -17.99 -13.41
C LEU B 200 7.33 -19.23 -13.46
N ALA B 201 7.76 -20.30 -12.81
CA ALA B 201 7.02 -21.54 -12.78
C ALA B 201 5.62 -21.36 -12.19
N LEU B 202 5.55 -20.55 -11.12
CA LEU B 202 4.31 -20.34 -10.32
C LEU B 202 3.41 -19.43 -11.14
N ASP B 203 3.99 -18.39 -11.72
CA ASP B 203 3.25 -17.45 -12.53
C ASP B 203 2.65 -18.11 -13.79
N LEU B 204 3.39 -19.02 -14.45
CA LEU B 204 3.01 -19.60 -15.79
C LEU B 204 2.42 -21.03 -15.79
N GLY B 205 2.58 -21.77 -14.69
CA GLY B 205 1.86 -23.03 -14.48
C GLY B 205 0.42 -23.06 -14.99
N PRO B 206 -0.40 -22.04 -14.66
CA PRO B 206 -1.80 -22.10 -15.07
C PRO B 206 -1.93 -22.07 -16.57
N ASP B 207 -0.91 -21.54 -17.22
CA ASP B 207 -0.89 -21.44 -18.68
C ASP B 207 -0.33 -22.69 -19.30
N ASN B 208 -0.01 -23.64 -18.40
CA ASN B 208 0.51 -24.95 -18.79
C ASN B 208 1.98 -24.84 -19.25
N ILE B 209 2.73 -23.91 -18.66
CA ILE B 209 4.12 -23.79 -19.08
C ILE B 209 5.03 -24.23 -17.93
N ARG B 210 5.79 -25.30 -18.11
CA ARG B 210 6.72 -25.67 -17.05
C ARG B 210 8.06 -24.87 -17.13
N VAL B 211 8.72 -24.63 -15.98
CA VAL B 211 9.97 -23.84 -15.97
C VAL B 211 10.98 -24.43 -15.01
N ASN B 212 12.14 -24.77 -15.53
CA ASN B 212 13.07 -25.56 -14.80
C ASN B 212 14.51 -25.13 -15.15
N ALA B 213 15.46 -25.67 -14.37
CA ALA B 213 16.85 -25.41 -14.53
C ALA B 213 17.61 -26.74 -14.53
N ILE B 214 18.76 -26.73 -15.20
CA ILE B 214 19.72 -27.82 -15.07
C ILE B 214 20.91 -27.26 -14.32
N SER B 215 21.34 -27.88 -13.24
CA SER B 215 22.57 -27.37 -12.66
C SER B 215 23.66 -28.25 -13.20
N ALA B 216 24.33 -27.76 -14.24
CA ALA B 216 25.44 -28.45 -14.87
C ALA B 216 26.70 -28.47 -13.99
N GLY B 217 27.46 -29.56 -14.06
CA GLY B 217 28.79 -29.55 -13.54
C GLY B 217 29.64 -28.86 -14.60
N PRO B 218 30.90 -28.56 -14.24
CA PRO B 218 31.86 -27.79 -15.01
C PRO B 218 32.20 -28.48 -16.33
N ILE B 219 32.62 -27.73 -17.34
CA ILE B 219 32.76 -28.23 -18.72
C ILE B 219 33.59 -27.22 -19.50
N ARG B 220 34.73 -27.62 -20.07
CA ARG B 220 35.52 -26.81 -21.01
C ARG B 220 34.66 -25.95 -21.92
N THR B 221 34.50 -24.67 -21.66
CA THR B 221 33.71 -23.85 -22.59
C THR B 221 34.36 -22.49 -22.73
N LEU B 222 33.96 -21.74 -23.75
CA LEU B 222 34.51 -20.40 -23.99
C LEU B 222 34.40 -19.57 -22.71
N SER B 223 33.22 -19.61 -22.09
CA SER B 223 32.91 -18.89 -20.87
C SER B 223 33.58 -19.36 -19.62
N ALA B 224 33.80 -20.66 -19.48
CA ALA B 224 34.67 -21.17 -18.38
C ALA B 224 36.04 -20.48 -18.33
N LYS B 225 36.51 -19.96 -19.45
CA LYS B 225 37.80 -19.31 -19.40
C LYS B 225 37.81 -18.10 -18.48
N GLY B 226 36.64 -17.67 -18.03
CA GLY B 226 36.59 -16.49 -17.17
C GLY B 226 36.69 -16.83 -15.71
N VAL B 227 36.68 -18.12 -15.39
CA VAL B 227 36.51 -18.53 -14.04
C VAL B 227 37.83 -19.02 -13.41
N GLY B 228 38.28 -18.30 -12.40
CA GLY B 228 39.48 -18.70 -11.70
C GLY B 228 39.45 -20.14 -11.28
N GLY B 229 40.59 -20.79 -11.38
CA GLY B 229 40.77 -22.09 -10.77
C GLY B 229 39.99 -23.23 -11.41
N PHE B 230 39.60 -23.02 -12.66
CA PHE B 230 38.75 -24.01 -13.34
C PHE B 230 39.39 -25.43 -13.42
N ASN B 231 40.68 -25.47 -13.74
CA ASN B 231 41.37 -26.73 -13.68
C ASN B 231 41.16 -27.42 -12.35
N THR B 232 41.40 -26.77 -11.20
CA THR B 232 41.28 -27.50 -9.93
C THR B 232 39.82 -27.87 -9.60
N ILE B 233 38.88 -27.31 -10.35
CA ILE B 233 37.47 -27.56 -10.15
C ILE B 233 37.10 -28.87 -10.89
N LEU B 234 37.49 -28.97 -12.16
CA LEU B 234 37.34 -30.20 -12.90
C LEU B 234 37.97 -31.36 -12.14
N LYS B 235 39.16 -31.13 -11.57
CA LYS B 235 39.90 -32.18 -10.87
C LYS B 235 39.27 -32.53 -9.50
N GLU B 236 38.68 -31.55 -8.81
CA GLU B 236 37.95 -31.87 -7.58
C GLU B 236 36.74 -32.80 -7.84
N ILE B 237 35.98 -32.55 -8.92
CA ILE B 237 34.86 -33.41 -9.27
C ILE B 237 35.33 -34.84 -9.50
N GLU B 238 36.33 -35.01 -10.37
CA GLU B 238 36.99 -36.28 -10.63
C GLU B 238 37.38 -37.07 -9.38
N GLU B 239 37.94 -36.37 -8.40
CA GLU B 239 38.41 -37.02 -7.19
C GLU B 239 37.35 -37.18 -6.09
N ARG B 240 36.21 -36.47 -6.22
CA ARG B 240 35.17 -36.47 -5.16
C ARG B 240 33.70 -36.74 -5.51
N ALA B 241 33.21 -36.35 -6.71
CA ALA B 241 31.81 -36.57 -7.10
C ALA B 241 31.63 -38.05 -7.16
N PRO B 242 30.45 -38.54 -6.75
CA PRO B 242 30.22 -40.00 -6.62
C PRO B 242 30.54 -40.78 -7.90
N LEU B 243 30.26 -40.22 -9.09
CA LEU B 243 30.68 -40.84 -10.33
C LEU B 243 32.18 -40.69 -10.60
N LYS B 244 32.85 -39.88 -9.80
CA LYS B 244 34.30 -39.79 -9.95
C LYS B 244 34.60 -39.57 -11.41
N ARG B 245 33.83 -38.76 -12.11
CA ARG B 245 34.23 -38.31 -13.45
C ARG B 245 33.53 -36.96 -13.75
N ASN B 246 33.84 -36.30 -14.86
CA ASN B 246 33.13 -35.06 -15.21
C ASN B 246 32.04 -35.35 -16.25
N VAL B 247 31.09 -34.42 -16.46
CA VAL B 247 29.99 -34.67 -17.41
C VAL B 247 30.31 -33.90 -18.67
N ASP B 248 29.51 -34.09 -19.71
CA ASP B 248 29.66 -33.34 -20.95
C ASP B 248 28.37 -32.64 -21.37
N GLN B 249 28.51 -31.70 -22.29
CA GLN B 249 27.41 -31.01 -22.94
C GLN B 249 26.26 -31.93 -23.31
N VAL B 250 26.62 -33.13 -23.77
CA VAL B 250 25.72 -34.14 -24.30
C VAL B 250 24.92 -34.70 -23.16
N GLU B 251 25.53 -34.93 -22.03
CA GLU B 251 24.74 -35.29 -20.82
C GLU B 251 23.73 -34.19 -20.47
N VAL B 252 24.17 -32.95 -20.56
CA VAL B 252 23.33 -31.84 -20.23
C VAL B 252 22.12 -31.84 -21.15
N GLY B 253 22.37 -31.80 -22.46
CA GLY B 253 21.39 -32.13 -23.49
C GLY B 253 20.39 -33.26 -23.30
N LYS B 254 20.85 -34.40 -22.78
CA LYS B 254 19.91 -35.50 -22.55
C LYS B 254 18.89 -35.19 -21.45
N THR B 255 19.28 -34.47 -20.39
CA THR B 255 18.35 -34.01 -19.38
C THR B 255 17.47 -32.91 -19.96
N ALA B 256 18.04 -32.05 -20.78
CA ALA B 256 17.24 -31.06 -21.50
C ALA B 256 16.08 -31.69 -22.29
N ALA B 257 16.37 -32.76 -23.02
CA ALA B 257 15.35 -33.43 -23.78
C ALA B 257 14.21 -33.86 -22.90
N TYR B 258 14.54 -34.35 -21.72
CA TYR B 258 13.55 -34.86 -20.80
C TYR B 258 12.66 -33.70 -20.31
N LEU B 259 13.31 -32.63 -19.89
CA LEU B 259 12.65 -31.46 -19.33
C LEU B 259 11.82 -30.80 -20.39
N LEU B 260 12.30 -30.77 -21.65
CA LEU B 260 11.57 -30.11 -22.74
C LEU B 260 10.46 -30.96 -23.38
N SER B 261 10.32 -32.20 -22.91
CA SER B 261 9.33 -33.08 -23.49
C SER B 261 8.36 -33.51 -22.40
N ASP B 262 7.36 -34.27 -22.81
CA ASP B 262 6.28 -34.70 -21.95
C ASP B 262 6.67 -35.82 -21.00
N LEU B 263 7.80 -36.46 -21.23
CA LEU B 263 8.36 -37.25 -20.16
C LEU B 263 8.28 -36.48 -18.81
N SER B 264 8.56 -35.18 -18.80
CA SER B 264 8.65 -34.49 -17.52
C SER B 264 7.34 -33.84 -17.04
N SER B 265 6.19 -34.33 -17.51
CA SER B 265 4.95 -33.59 -17.30
C SER B 265 4.64 -33.17 -15.87
N GLY B 266 4.88 -33.97 -14.86
CA GLY B 266 4.56 -33.41 -13.53
C GLY B 266 5.56 -32.40 -12.94
N VAL B 267 6.57 -32.00 -13.69
CA VAL B 267 7.78 -31.41 -13.13
C VAL B 267 7.96 -29.92 -13.42
N THR B 268 8.01 -29.12 -12.35
CA THR B 268 8.17 -27.69 -12.61
C THR B 268 8.82 -26.99 -11.41
N GLY B 269 9.64 -26.00 -11.72
CA GLY B 269 10.27 -25.26 -10.66
C GLY B 269 11.35 -26.17 -10.10
N GLU B 270 11.76 -27.18 -10.87
CA GLU B 270 12.79 -28.05 -10.38
C GLU B 270 14.20 -27.60 -10.81
N ASN B 271 15.20 -28.03 -10.01
CA ASN B 271 16.62 -27.83 -10.31
C ASN B 271 17.27 -29.19 -10.40
N ILE B 272 17.35 -29.75 -11.59
CA ILE B 272 17.90 -31.08 -11.79
C ILE B 272 19.39 -30.97 -12.06
N HIS B 273 20.22 -31.59 -11.19
CA HIS B 273 21.71 -31.40 -11.23
C HIS B 273 22.38 -32.46 -12.10
N VAL B 274 23.11 -32.06 -13.14
CA VAL B 274 23.80 -33.02 -14.03
C VAL B 274 25.33 -32.89 -13.87
N ASP B 275 25.80 -33.41 -12.74
CA ASP B 275 27.07 -33.04 -12.16
C ASP B 275 27.80 -34.21 -11.49
N SER B 276 27.49 -35.46 -11.85
CA SER B 276 28.17 -36.61 -11.25
C SER B 276 27.83 -36.92 -9.76
N GLY B 277 26.73 -36.32 -9.29
CA GLY B 277 26.35 -36.29 -7.89
C GLY B 277 27.09 -35.34 -6.95
N PHE B 278 27.93 -34.42 -7.47
CA PHE B 278 28.69 -33.49 -6.63
C PHE B 278 27.84 -32.67 -5.65
N HIS B 279 26.70 -32.19 -6.11
CA HIS B 279 25.75 -31.51 -5.20
C HIS B 279 25.40 -32.34 -3.98
N ALA B 280 25.39 -33.66 -4.11
CA ALA B 280 24.89 -34.49 -3.01
C ALA B 280 25.92 -34.69 -1.87
N ILE B 281 27.17 -34.20 -2.03
CA ILE B 281 28.23 -34.52 -1.06
C ILE B 281 28.89 -33.30 -0.34
N LYS B 282 29.66 -33.58 0.72
CA LYS B 282 30.61 -32.63 1.30
C LYS B 282 31.95 -33.35 1.59
N VAL C 28 14.73 -42.19 -25.43
CA VAL C 28 14.28 -43.27 -24.48
C VAL C 28 13.62 -44.44 -25.25
N ASN C 29 14.47 -45.48 -25.46
CA ASN C 29 14.15 -46.83 -25.95
C ASN C 29 14.59 -47.90 -24.93
N LEU C 30 13.71 -48.84 -24.55
CA LEU C 30 14.04 -49.78 -23.45
C LEU C 30 14.07 -51.29 -23.76
N GLU C 31 14.05 -51.65 -25.05
CA GLU C 31 14.40 -53.02 -25.50
C GLU C 31 15.76 -53.42 -24.95
N ASN C 32 16.03 -54.73 -24.87
CA ASN C 32 17.29 -55.23 -24.29
C ASN C 32 17.55 -54.81 -22.85
N LYS C 33 16.54 -54.31 -22.17
CA LYS C 33 16.73 -53.86 -20.80
C LYS C 33 15.77 -54.54 -19.80
N THR C 34 16.27 -54.77 -18.57
CA THR C 34 15.56 -55.53 -17.52
C THR C 34 15.55 -54.75 -16.22
N TYR C 35 14.36 -54.51 -15.69
CA TYR C 35 14.18 -53.77 -14.44
C TYR C 35 13.35 -54.58 -13.46
N VAL C 36 13.79 -54.61 -12.20
CA VAL C 36 13.01 -55.19 -11.11
C VAL C 36 12.15 -54.10 -10.48
N ILE C 37 10.83 -54.30 -10.42
CA ILE C 37 9.90 -53.34 -9.81
C ILE C 37 9.42 -53.83 -8.45
N MET C 38 9.74 -53.09 -7.40
CA MET C 38 9.40 -53.60 -6.06
C MET C 38 8.24 -52.86 -5.46
N GLY C 39 7.10 -53.54 -5.26
CA GLY C 39 5.95 -52.91 -4.57
C GLY C 39 4.60 -52.59 -5.27
N ILE C 40 4.25 -53.30 -6.35
CA ILE C 40 2.87 -53.23 -6.82
C ILE C 40 1.97 -54.04 -5.85
N ALA C 41 0.81 -53.50 -5.47
CA ALA C 41 -0.24 -54.22 -4.71
C ALA C 41 -1.57 -54.24 -5.48
N ASN C 42 -1.80 -53.23 -6.33
CA ASN C 42 -2.97 -53.20 -7.19
C ASN C 42 -2.83 -52.23 -8.36
N LYS C 43 -3.92 -52.05 -9.11
CA LYS C 43 -3.97 -51.15 -10.30
C LYS C 43 -3.66 -49.66 -10.04
N ARG C 44 -3.74 -49.23 -8.78
CA ARG C 44 -3.54 -47.84 -8.37
CA ARG C 44 -3.51 -47.83 -8.39
C ARG C 44 -2.12 -47.66 -7.75
N SER C 45 -1.37 -48.76 -7.61
CA SER C 45 -0.03 -48.61 -7.08
C SER C 45 0.80 -47.63 -7.88
N ILE C 46 1.61 -46.86 -7.20
CA ILE C 46 2.48 -45.98 -7.98
C ILE C 46 3.38 -46.83 -8.89
N ALA C 47 3.84 -47.97 -8.33
CA ALA C 47 4.71 -48.90 -9.08
C ALA C 47 4.02 -49.42 -10.37
N PHE C 48 2.70 -49.51 -10.34
CA PHE C 48 2.02 -49.91 -11.54
C PHE C 48 2.12 -48.85 -12.65
N GLY C 49 2.08 -47.57 -12.30
CA GLY C 49 2.48 -46.50 -13.23
C GLY C 49 3.87 -46.72 -13.83
N VAL C 50 4.90 -46.76 -12.99
CA VAL C 50 6.24 -47.12 -13.46
C VAL C 50 6.18 -48.26 -14.50
N ALA C 51 5.50 -49.33 -14.15
CA ALA C 51 5.39 -50.52 -14.96
C ALA C 51 4.79 -50.29 -16.33
N LYS C 52 3.66 -49.59 -16.43
CA LYS C 52 3.07 -49.28 -17.75
C LYS C 52 4.00 -48.51 -18.70
N VAL C 53 4.78 -47.61 -18.14
CA VAL C 53 5.71 -46.83 -18.89
C VAL C 53 6.85 -47.72 -19.37
N LEU C 54 7.51 -48.38 -18.42
CA LEU C 54 8.63 -49.23 -18.78
C LEU C 54 8.26 -50.25 -19.86
N ASP C 55 7.23 -51.04 -19.60
CA ASP C 55 6.78 -52.00 -20.54
C ASP C 55 6.56 -51.40 -21.94
N GLN C 56 5.79 -50.31 -22.00
CA GLN C 56 5.48 -49.60 -23.25
C GLN C 56 6.75 -49.22 -24.00
N LEU C 57 7.82 -49.00 -23.25
CA LEU C 57 9.09 -48.64 -23.81
C LEU C 57 9.91 -49.91 -24.16
N GLY C 58 9.29 -51.07 -23.96
CA GLY C 58 9.90 -52.34 -24.34
C GLY C 58 10.93 -53.03 -23.43
N ALA C 59 11.09 -52.56 -22.19
CA ALA C 59 11.94 -53.27 -21.21
C ALA C 59 11.34 -54.60 -20.74
N LYS C 60 12.22 -55.49 -20.26
CA LYS C 60 11.80 -56.71 -19.57
C LYS C 60 11.62 -56.36 -18.07
N LEU C 61 10.46 -56.74 -17.53
CA LEU C 61 10.08 -56.48 -16.12
C LEU C 61 9.98 -57.75 -15.23
N VAL C 62 10.30 -57.58 -13.96
CA VAL C 62 10.39 -58.67 -13.01
C VAL C 62 9.75 -58.03 -11.79
N PHE C 63 8.82 -58.73 -11.15
CA PHE C 63 8.01 -58.07 -10.12
C PHE C 63 8.21 -58.73 -8.79
N THR C 64 8.38 -57.93 -7.75
CA THR C 64 8.47 -58.47 -6.39
C THR C 64 7.31 -57.94 -5.51
N TYR C 65 6.76 -58.81 -4.65
CA TYR C 65 5.53 -58.49 -3.89
C TYR C 65 5.73 -59.04 -2.49
N ARG C 66 4.97 -58.58 -1.50
CA ARG C 66 5.01 -59.24 -0.18
C ARG C 66 3.80 -60.16 0.11
N LYS C 67 2.59 -59.61 -0.01
CA LYS C 67 1.33 -60.33 0.32
C LYS C 67 0.90 -61.21 -0.82
N GLU C 68 0.51 -62.46 -0.51
CA GLU C 68 -0.03 -63.34 -1.55
C GLU C 68 -1.10 -62.62 -2.42
N ARG C 69 -1.89 -61.76 -1.80
CA ARG C 69 -2.91 -61.01 -2.52
C ARG C 69 -2.33 -60.04 -3.58
N SER C 70 -1.17 -59.45 -3.28
CA SER C 70 -0.47 -58.62 -4.26
C SER C 70 -0.09 -59.41 -5.54
N ARG C 71 0.37 -60.64 -5.36
CA ARG C 71 0.77 -61.42 -6.50
C ARG C 71 -0.47 -61.76 -7.33
N LYS C 72 -1.54 -62.18 -6.67
CA LYS C 72 -2.81 -62.44 -7.35
C LYS C 72 -3.20 -61.22 -8.20
N GLU C 73 -3.08 -60.04 -7.61
CA GLU C 73 -3.37 -58.78 -8.28
C GLU C 73 -2.42 -58.53 -9.46
N LEU C 74 -1.13 -58.79 -9.24
CA LEU C 74 -0.14 -58.70 -10.31
C LEU C 74 -0.47 -59.63 -11.43
N GLU C 75 -0.85 -60.86 -11.08
CA GLU C 75 -1.18 -61.86 -12.09
C GLU C 75 -2.20 -61.35 -13.10
N LYS C 76 -3.25 -60.68 -12.63
CA LYS C 76 -4.33 -60.12 -13.49
C LYS C 76 -3.96 -58.78 -14.19
N LEU C 77 -3.12 -58.00 -13.52
CA LEU C 77 -2.55 -56.77 -14.10
C LEU C 77 -1.60 -57.05 -15.26
N LEU C 78 -0.85 -58.15 -15.16
CA LEU C 78 0.05 -58.59 -16.23
C LEU C 78 -0.62 -58.77 -17.58
N GLU C 79 -1.90 -59.11 -17.59
CA GLU C 79 -2.69 -59.25 -18.82
C GLU C 79 -2.64 -58.01 -19.69
N GLN C 80 -2.70 -56.85 -19.04
CA GLN C 80 -2.63 -55.53 -19.70
C GLN C 80 -1.24 -55.12 -20.23
N LEU C 81 -0.17 -55.58 -19.58
CA LEU C 81 1.21 -55.40 -20.07
C LEU C 81 1.52 -56.29 -21.29
N ASN C 82 2.67 -56.03 -21.91
CA ASN C 82 3.13 -56.74 -23.07
C ASN C 82 4.31 -57.61 -22.74
N GLN C 83 4.22 -58.33 -21.62
CA GLN C 83 5.33 -59.15 -21.16
C GLN C 83 5.07 -60.61 -21.55
N PRO C 84 6.03 -61.21 -22.29
CA PRO C 84 5.96 -62.63 -22.61
C PRO C 84 5.67 -63.49 -21.37
N GLU C 85 6.40 -63.29 -20.28
CA GLU C 85 6.18 -64.09 -19.08
C GLU C 85 6.32 -63.34 -17.77
N ALA C 86 5.63 -63.90 -16.78
CA ALA C 86 5.56 -63.36 -15.44
C ALA C 86 6.89 -63.62 -14.79
N HIS C 87 7.46 -62.63 -14.15
CA HIS C 87 8.58 -62.95 -13.31
C HIS C 87 8.20 -62.38 -11.96
N LEU C 88 7.76 -63.24 -11.05
CA LEU C 88 7.12 -62.81 -9.79
C LEU C 88 7.85 -63.39 -8.59
N TYR C 89 8.27 -62.54 -7.67
CA TYR C 89 9.05 -63.03 -6.56
C TYR C 89 8.54 -62.43 -5.26
N GLN C 90 8.47 -63.28 -4.24
CA GLN C 90 7.95 -62.88 -2.97
C GLN C 90 9.14 -62.39 -2.21
N ILE C 91 9.22 -61.07 -2.00
CA ILE C 91 10.21 -60.50 -1.09
C ILE C 91 9.59 -59.61 -0.02
N ASP C 92 9.59 -60.09 1.20
CA ASP C 92 9.34 -59.21 2.35
C ASP C 92 10.69 -58.60 2.72
N VAL C 93 10.84 -57.31 2.45
CA VAL C 93 12.08 -56.60 2.78
C VAL C 93 12.46 -56.54 4.29
N GLN C 94 11.66 -57.12 5.18
CA GLN C 94 12.01 -57.15 6.56
C GLN C 94 13.01 -58.29 6.88
N SER C 95 13.23 -59.14 5.89
CA SER C 95 14.03 -60.34 6.02
C SER C 95 15.27 -60.27 5.13
N ASP C 96 16.45 -60.33 5.73
CA ASP C 96 17.66 -60.53 4.96
C ASP C 96 17.56 -61.74 3.99
N GLU C 97 17.06 -62.88 4.46
CA GLU C 97 16.98 -64.10 3.61
C GLU C 97 16.12 -63.86 2.38
N GLU C 98 14.97 -63.23 2.57
CA GLU C 98 14.06 -63.11 1.46
C GLU C 98 14.64 -62.19 0.37
N VAL C 99 15.28 -61.11 0.79
CA VAL C 99 15.99 -60.19 -0.14
C VAL C 99 17.20 -60.91 -0.85
N ILE C 100 18.08 -61.53 -0.05
CA ILE C 100 19.29 -62.15 -0.58
C ILE C 100 19.00 -63.30 -1.56
N ASN C 101 18.05 -64.14 -1.18
CA ASN C 101 17.59 -65.28 -2.00
C ASN C 101 16.73 -64.92 -3.21
N GLY C 102 15.90 -63.89 -3.12
CA GLY C 102 15.06 -63.47 -4.24
C GLY C 102 15.88 -62.88 -5.38
N PHE C 103 16.75 -61.92 -5.03
CA PHE C 103 17.68 -61.32 -5.96
C PHE C 103 18.61 -62.36 -6.59
N GLU C 104 19.09 -63.27 -5.76
CA GLU C 104 19.92 -64.36 -6.25
C GLU C 104 19.14 -65.24 -7.22
N GLN C 105 17.85 -65.41 -6.94
CA GLN C 105 17.01 -66.30 -7.72
C GLN C 105 16.55 -65.57 -8.96
N ILE C 106 16.39 -64.25 -8.88
CA ILE C 106 16.06 -63.41 -10.03
C ILE C 106 17.19 -63.40 -11.04
N GLY C 107 18.41 -63.29 -10.52
CA GLY C 107 19.58 -63.16 -11.38
C GLY C 107 19.98 -64.45 -12.04
N LYS C 108 19.18 -65.50 -11.80
CA LYS C 108 19.38 -66.83 -12.41
C LYS C 108 18.34 -67.10 -13.47
N ASP C 109 17.07 -66.92 -13.10
CA ASP C 109 15.94 -66.88 -14.03
C ASP C 109 16.09 -65.92 -15.23
N VAL C 110 16.48 -64.66 -14.98
CA VAL C 110 16.72 -63.68 -16.04
C VAL C 110 18.18 -63.25 -16.24
N GLY C 111 19.09 -63.62 -15.36
CA GLY C 111 20.48 -63.09 -15.48
C GLY C 111 20.63 -61.63 -15.06
N ASN C 112 21.68 -60.96 -15.52
CA ASN C 112 21.96 -59.54 -15.20
C ASN C 112 20.80 -58.56 -15.37
N ILE C 113 20.78 -57.49 -14.57
CA ILE C 113 19.75 -56.44 -14.70
C ILE C 113 20.29 -55.05 -14.83
N ASP C 114 19.35 -54.13 -15.08
CA ASP C 114 19.66 -52.74 -15.36
C ASP C 114 19.29 -51.81 -14.24
N GLY C 115 18.21 -52.10 -13.53
CA GLY C 115 17.81 -51.20 -12.46
C GLY C 115 16.77 -51.78 -11.53
N VAL C 116 16.49 -51.06 -10.47
CA VAL C 116 15.42 -51.40 -9.58
C VAL C 116 14.60 -50.13 -9.42
N TYR C 117 13.28 -50.25 -9.57
CA TYR C 117 12.36 -49.27 -9.01
C TYR C 117 11.83 -49.66 -7.61
N HIS C 118 12.22 -48.93 -6.59
CA HIS C 118 11.79 -49.33 -5.26
C HIS C 118 10.58 -48.49 -4.88
N SER C 119 9.58 -49.14 -4.26
CA SER C 119 8.27 -48.54 -4.08
C SER C 119 7.56 -49.03 -2.85
N ILE C 120 8.33 -49.14 -1.77
CA ILE C 120 7.89 -49.88 -0.58
C ILE C 120 7.95 -48.95 0.62
N ALA C 121 6.86 -48.97 1.40
CA ALA C 121 6.89 -48.29 2.69
C ALA C 121 5.81 -48.86 3.62
N PHE C 122 5.93 -48.66 4.92
CA PHE C 122 4.89 -49.09 5.84
C PHE C 122 4.97 -48.33 7.14
N ALA C 123 3.84 -47.87 7.63
CA ALA C 123 3.76 -47.51 9.04
C ALA C 123 2.41 -47.94 9.56
N ASN C 124 2.39 -48.27 10.85
CA ASN C 124 1.15 -48.46 11.57
C ASN C 124 0.24 -47.26 11.48
N MET C 125 -1.06 -47.51 11.40
CA MET C 125 -2.00 -46.44 11.27
C MET C 125 -2.05 -45.59 12.50
N GLU C 126 -2.00 -46.20 13.68
CA GLU C 126 -1.81 -45.42 14.93
C GLU C 126 -0.74 -44.31 14.78
N ASP C 127 0.41 -44.66 14.20
CA ASP C 127 1.47 -43.70 13.97
C ASP C 127 1.27 -42.85 12.67
N LEU C 128 0.05 -42.72 12.13
CA LEU C 128 -0.10 -41.87 10.92
C LEU C 128 -1.13 -40.65 10.97
N ARG C 129 -1.42 -40.21 12.21
CA ARG C 129 -2.39 -39.14 12.53
C ARG C 129 -2.10 -38.70 13.97
N GLY C 130 -2.81 -37.69 14.48
CA GLY C 130 -2.59 -37.25 15.88
C GLY C 130 -1.16 -36.77 16.19
N ARG C 131 -0.62 -37.12 17.36
CA ARG C 131 0.56 -36.42 17.86
C ARG C 131 1.81 -37.19 17.62
N PHE C 132 2.69 -36.62 16.81
CA PHE C 132 3.96 -37.23 16.52
C PHE C 132 4.84 -37.43 17.78
N SER C 133 4.64 -36.65 18.85
CA SER C 133 5.47 -36.85 20.07
C SER C 133 5.12 -38.16 20.86
N GLU C 134 3.97 -38.73 20.48
CA GLU C 134 3.39 -39.90 21.12
C GLU C 134 3.83 -41.25 20.43
N THR C 135 4.59 -41.17 19.33
CA THR C 135 5.06 -42.35 18.60
C THR C 135 5.82 -43.31 19.54
N SER C 136 5.47 -44.59 19.41
CA SER C 136 6.19 -45.70 20.04
C SER C 136 7.53 -45.99 19.35
N ARG C 137 8.52 -46.50 20.11
CA ARG C 137 9.80 -47.01 19.54
C ARG C 137 9.61 -48.04 18.44
N GLU C 138 8.68 -48.95 18.71
CA GLU C 138 8.32 -50.05 17.84
C GLU C 138 7.81 -49.54 16.46
N GLY C 139 6.82 -48.67 16.48
CA GLY C 139 6.27 -48.11 15.24
C GLY C 139 7.27 -47.25 14.46
N PHE C 140 8.17 -46.62 15.21
CA PHE C 140 9.22 -45.82 14.62
C PHE C 140 10.26 -46.67 13.88
N LEU C 141 10.73 -47.72 14.56
CA LEU C 141 11.75 -48.57 13.97
C LEU C 141 11.12 -49.39 12.87
N LEU C 142 9.83 -49.64 13.00
CA LEU C 142 9.14 -50.39 11.99
C LEU C 142 9.21 -49.56 10.74
N ALA C 143 8.79 -48.29 10.81
CA ALA C 143 8.82 -47.44 9.61
C ALA C 143 10.22 -47.25 8.97
N GLN C 144 11.26 -47.16 9.82
CA GLN C 144 12.68 -47.02 9.34
C GLN C 144 13.17 -48.27 8.57
N ASP C 145 12.81 -49.42 9.14
CA ASP C 145 13.19 -50.71 8.67
C ASP C 145 12.68 -50.95 7.25
N ILE C 146 11.37 -50.98 7.14
CA ILE C 146 10.69 -51.26 5.91
C ILE C 146 10.96 -50.22 4.84
N SER C 147 10.84 -48.93 5.20
CA SER C 147 10.69 -47.83 4.26
C SER C 147 12.02 -47.15 3.94
N SER C 148 13.05 -47.45 4.71
CA SER C 148 14.37 -46.83 4.50
C SER C 148 15.45 -47.89 4.43
N TYR C 149 15.60 -48.72 5.46
CA TYR C 149 16.66 -49.71 5.47
C TYR C 149 16.62 -50.58 4.23
N SER C 150 15.41 -50.98 3.83
CA SER C 150 15.26 -51.82 2.66
C SER C 150 15.99 -51.28 1.45
N LEU C 151 16.14 -49.97 1.36
CA LEU C 151 16.90 -49.48 0.19
C LEU C 151 18.35 -49.99 0.20
N THR C 152 18.99 -49.89 1.35
CA THR C 152 20.39 -50.27 1.52
C THR C 152 20.65 -51.74 1.18
N ILE C 153 19.85 -52.64 1.76
CA ILE C 153 20.05 -54.05 1.49
C ILE C 153 19.68 -54.46 0.05
N VAL C 154 18.56 -53.95 -0.48
CA VAL C 154 18.16 -54.21 -1.87
C VAL C 154 19.28 -53.80 -2.84
N ALA C 155 19.87 -52.62 -2.65
CA ALA C 155 20.95 -52.17 -3.53
C ALA C 155 22.21 -53.06 -3.44
N HIS C 156 22.56 -53.46 -2.24
CA HIS C 156 23.69 -54.34 -2.05
C HIS C 156 23.51 -55.68 -2.76
N GLU C 157 22.26 -56.17 -2.86
CA GLU C 157 21.98 -57.43 -3.53
C GLU C 157 21.82 -57.15 -5.00
N ALA C 158 21.07 -56.11 -5.35
CA ALA C 158 20.92 -55.72 -6.76
C ALA C 158 22.27 -55.46 -7.46
N LYS C 159 23.22 -54.88 -6.75
CA LYS C 159 24.59 -54.62 -7.26
C LYS C 159 25.26 -55.89 -7.86
N LYS C 160 25.05 -57.01 -7.17
CA LYS C 160 25.53 -58.33 -7.62
C LYS C 160 25.11 -58.64 -9.05
N LEU C 161 23.98 -58.09 -9.48
CA LEU C 161 23.42 -58.33 -10.82
C LEU C 161 23.59 -57.16 -11.80
N MET C 162 24.48 -56.22 -11.45
CA MET C 162 24.71 -55.08 -12.31
C MET C 162 26.21 -54.92 -12.50
N PRO C 163 26.88 -55.95 -13.06
CA PRO C 163 28.35 -55.85 -13.27
C PRO C 163 28.78 -54.69 -14.17
N GLU C 164 28.01 -54.42 -15.23
CA GLU C 164 28.30 -53.30 -16.12
C GLU C 164 27.55 -52.00 -15.75
N GLY C 165 27.15 -51.86 -14.48
CA GLY C 165 26.38 -50.69 -14.07
C GLY C 165 24.85 -50.80 -14.10
N GLY C 166 24.20 -49.73 -13.63
CA GLY C 166 22.77 -49.65 -13.48
C GLY C 166 22.25 -48.42 -12.76
N SER C 167 20.98 -48.53 -12.37
CA SER C 167 20.16 -47.40 -11.88
C SER C 167 19.08 -47.77 -10.81
N ILE C 168 19.18 -47.22 -9.61
CA ILE C 168 18.17 -47.48 -8.58
C ILE C 168 17.32 -46.22 -8.24
N VAL C 169 15.99 -46.36 -8.18
CA VAL C 169 15.11 -45.25 -7.84
C VAL C 169 14.22 -45.63 -6.68
N ALA C 170 14.19 -44.81 -5.64
CA ALA C 170 13.22 -44.96 -4.55
C ALA C 170 12.12 -43.85 -4.55
N THR C 171 11.06 -44.05 -3.79
CA THR C 171 9.94 -43.15 -3.87
C THR C 171 9.70 -42.45 -2.55
N THR C 172 9.78 -41.12 -2.59
CA THR C 172 9.67 -40.36 -1.36
C THR C 172 8.54 -39.33 -1.43
N TYR C 173 8.40 -38.53 -0.38
CA TYR C 173 7.31 -37.55 -0.29
C TYR C 173 7.88 -36.25 0.32
N LEU C 174 7.36 -35.09 -0.13
CA LEU C 174 7.68 -33.81 0.52
C LEU C 174 7.77 -33.87 2.05
N GLY C 175 7.04 -34.80 2.68
CA GLY C 175 7.04 -34.92 4.12
C GLY C 175 8.37 -35.34 4.69
N GLY C 176 9.30 -35.80 3.82
CA GLY C 176 10.69 -36.15 4.17
C GLY C 176 11.55 -34.89 4.34
N GLU C 177 11.04 -33.75 3.83
CA GLU C 177 11.78 -32.49 3.76
C GLU C 177 11.17 -31.36 4.60
N PHE C 178 9.87 -31.45 4.92
CA PHE C 178 9.20 -30.51 5.85
C PHE C 178 8.24 -31.24 6.78
N ALA C 179 7.91 -30.63 7.92
CA ALA C 179 7.05 -31.29 8.82
C ALA C 179 5.69 -30.98 8.30
N VAL C 180 5.05 -32.01 7.81
CA VAL C 180 3.76 -31.92 7.16
C VAL C 180 2.79 -32.50 8.19
N GLN C 181 1.56 -32.01 8.27
CA GLN C 181 0.67 -32.46 9.33
C GLN C 181 0.30 -33.93 9.05
N ASN C 182 0.06 -34.67 10.14
CA ASN C 182 -0.27 -36.12 10.15
C ASN C 182 0.84 -37.11 9.75
N TYR C 183 1.69 -36.75 8.78
CA TYR C 183 2.58 -37.69 8.13
C TYR C 183 3.59 -38.23 9.11
N ASN C 184 3.91 -37.45 10.14
CA ASN C 184 4.52 -38.04 11.39
C ASN C 184 5.69 -39.06 11.24
N VAL C 185 5.47 -40.31 11.65
CA VAL C 185 6.54 -41.33 11.60
C VAL C 185 7.06 -41.59 10.14
N MET C 186 6.21 -41.47 9.13
CA MET C 186 6.67 -41.68 7.78
C MET C 186 7.59 -40.57 7.23
N GLY C 187 7.37 -39.33 7.65
CA GLY C 187 8.24 -38.25 7.22
C GLY C 187 9.68 -38.37 7.74
N VAL C 188 9.82 -38.85 8.99
CA VAL C 188 11.15 -39.21 9.45
C VAL C 188 11.62 -40.41 8.62
N ALA C 189 10.74 -41.36 8.31
CA ALA C 189 11.23 -42.48 7.45
C ALA C 189 11.64 -41.93 6.10
N LYS C 190 10.91 -40.96 5.57
CA LYS C 190 11.35 -40.46 4.23
C LYS C 190 12.62 -39.64 4.38
N ALA C 191 12.70 -38.87 5.45
CA ALA C 191 13.91 -38.16 5.67
C ALA C 191 15.09 -39.13 5.58
N SER C 192 14.94 -40.27 6.25
CA SER C 192 16.02 -41.25 6.32
C SER C 192 16.25 -41.88 4.95
N LEU C 193 15.16 -42.12 4.23
CA LEU C 193 15.22 -42.58 2.83
C LEU C 193 16.08 -41.64 1.98
N GLU C 194 15.88 -40.35 2.15
CA GLU C 194 16.56 -39.45 1.25
C GLU C 194 18.10 -39.45 1.40
N ALA C 195 18.61 -39.45 2.64
CA ALA C 195 20.03 -39.50 2.97
C ALA C 195 20.66 -40.76 2.50
N ASN C 196 19.86 -41.85 2.60
CA ASN C 196 20.17 -43.20 2.13
C ASN C 196 20.46 -43.21 0.64
N VAL C 197 19.59 -42.58 -0.13
CA VAL C 197 19.78 -42.45 -1.55
C VAL C 197 21.12 -41.77 -1.88
N LYS C 198 21.39 -40.69 -1.13
CA LYS C 198 22.63 -39.92 -1.26
C LYS C 198 23.87 -40.73 -0.89
N TYR C 199 23.77 -41.48 0.22
CA TYR C 199 24.88 -42.29 0.73
C TYR C 199 25.12 -43.47 -0.15
N LEU C 200 24.06 -44.14 -0.59
CA LEU C 200 24.17 -45.17 -1.65
C LEU C 200 24.74 -44.62 -2.95
N ALA C 201 24.39 -43.40 -3.34
CA ALA C 201 25.01 -42.77 -4.53
C ALA C 201 26.51 -42.63 -4.41
N LEU C 202 26.97 -42.15 -3.24
CA LEU C 202 28.43 -41.96 -2.96
C LEU C 202 29.15 -43.31 -3.01
N ASP C 203 28.56 -44.30 -2.35
CA ASP C 203 29.11 -45.64 -2.24
C ASP C 203 29.29 -46.33 -3.60
N LEU C 204 28.21 -46.33 -4.39
CA LEU C 204 28.13 -47.18 -5.58
C LEU C 204 28.44 -46.47 -6.89
N GLY C 205 28.77 -45.18 -6.83
CA GLY C 205 29.12 -44.39 -8.03
C GLY C 205 30.26 -44.97 -8.83
N PRO C 206 31.37 -45.36 -8.15
CA PRO C 206 32.50 -45.93 -8.90
C PRO C 206 32.10 -47.20 -9.65
N ASP C 207 31.01 -47.80 -9.21
CA ASP C 207 30.54 -49.05 -9.81
C ASP C 207 29.60 -48.77 -10.99
N ASN C 208 29.51 -47.49 -11.32
CA ASN C 208 28.58 -47.01 -12.33
C ASN C 208 27.11 -47.32 -12.02
N ILE C 209 26.74 -47.26 -10.75
CA ILE C 209 25.33 -47.47 -10.39
C ILE C 209 24.71 -46.17 -9.89
N ARG C 210 23.69 -45.66 -10.55
CA ARG C 210 23.10 -44.42 -10.03
C ARG C 210 22.03 -44.66 -8.97
N VAL C 211 21.79 -43.69 -8.11
CA VAL C 211 20.79 -43.81 -7.05
C VAL C 211 20.10 -42.48 -6.88
N ASN C 212 18.79 -42.50 -7.11
CA ASN C 212 18.00 -41.32 -7.13
C ASN C 212 16.64 -41.59 -6.47
N ALA C 213 15.89 -40.50 -6.26
CA ALA C 213 14.56 -40.58 -5.67
C ALA C 213 13.58 -39.82 -6.54
N ILE C 214 12.33 -40.25 -6.58
CA ILE C 214 11.26 -39.36 -7.11
C ILE C 214 10.46 -38.90 -5.91
N SER C 215 10.18 -37.62 -5.85
CA SER C 215 9.32 -37.09 -4.80
C SER C 215 7.96 -36.82 -5.41
N ALA C 216 7.08 -37.77 -5.16
CA ALA C 216 5.78 -37.82 -5.78
C ALA C 216 4.79 -36.94 -5.02
N GLY C 217 3.99 -36.16 -5.76
CA GLY C 217 2.85 -35.52 -5.19
C GLY C 217 1.83 -36.55 -4.72
N PRO C 218 0.82 -36.11 -3.96
CA PRO C 218 -0.13 -37.06 -3.38
C PRO C 218 -0.96 -37.72 -4.46
N ILE C 219 -1.06 -39.05 -4.44
CA ILE C 219 -1.86 -39.86 -5.41
C ILE C 219 -2.84 -40.80 -4.66
N ARG C 220 -4.12 -40.85 -5.05
CA ARG C 220 -5.07 -41.78 -4.42
C ARG C 220 -4.63 -43.23 -4.57
N THR C 221 -4.11 -43.85 -3.50
CA THR C 221 -3.64 -45.22 -3.46
C THR C 221 -4.08 -45.97 -2.19
N LEU C 222 -3.69 -47.23 -2.07
CA LEU C 222 -4.08 -48.04 -0.93
C LEU C 222 -3.38 -47.56 0.36
N SER C 223 -2.08 -47.36 0.31
CA SER C 223 -1.38 -46.79 1.43
C SER C 223 -1.77 -45.34 1.76
N ALA C 224 -2.18 -44.56 0.77
CA ALA C 224 -2.77 -43.23 1.06
C ALA C 224 -3.98 -43.26 2.02
N LYS C 225 -4.70 -44.39 2.06
CA LYS C 225 -5.82 -44.49 2.98
C LYS C 225 -5.39 -44.39 4.43
N GLY C 226 -4.17 -44.77 4.74
CA GLY C 226 -3.76 -44.66 6.13
C GLY C 226 -3.34 -43.28 6.60
N VAL C 227 -3.22 -42.31 5.66
CA VAL C 227 -2.74 -40.93 5.95
C VAL C 227 -3.81 -39.88 6.30
N GLY C 228 -3.95 -39.58 7.58
CA GLY C 228 -4.95 -38.63 8.01
C GLY C 228 -4.99 -37.48 7.07
N GLY C 229 -6.16 -36.87 6.93
CA GLY C 229 -6.27 -35.65 6.15
C GLY C 229 -6.02 -35.70 4.64
N PHE C 230 -5.86 -36.90 4.08
CA PHE C 230 -5.48 -37.03 2.64
C PHE C 230 -6.28 -36.22 1.59
N ASN C 231 -7.60 -36.26 1.66
CA ASN C 231 -8.43 -35.49 0.71
C ASN C 231 -8.11 -34.01 0.76
N THR C 232 -7.76 -33.49 1.95
CA THR C 232 -7.38 -32.08 2.18
C THR C 232 -6.08 -31.78 1.44
N ILE C 233 -5.12 -32.70 1.59
CA ILE C 233 -3.84 -32.67 0.89
C ILE C 233 -3.99 -32.51 -0.65
N LEU C 234 -4.73 -33.41 -1.29
CA LEU C 234 -4.94 -33.35 -2.73
C LEU C 234 -5.50 -32.01 -3.18
N LYS C 235 -6.38 -31.44 -2.35
CA LYS C 235 -7.15 -30.24 -2.64
C LYS C 235 -6.27 -29.03 -2.55
N GLU C 236 -5.40 -29.00 -1.53
CA GLU C 236 -4.37 -27.97 -1.44
C GLU C 236 -3.47 -27.90 -2.72
N ILE C 237 -3.08 -29.04 -3.27
CA ILE C 237 -2.32 -29.07 -4.52
C ILE C 237 -3.06 -28.39 -5.66
N GLU C 238 -4.31 -28.77 -5.88
CA GLU C 238 -5.17 -28.18 -6.93
C GLU C 238 -5.28 -26.68 -6.80
N GLU C 239 -5.39 -26.20 -5.56
CA GLU C 239 -5.58 -24.78 -5.28
C GLU C 239 -4.26 -23.95 -5.31
N ARG C 240 -3.11 -24.59 -5.11
CA ARG C 240 -1.86 -23.89 -4.73
C ARG C 240 -0.58 -24.23 -5.52
N ALA C 241 -0.37 -25.50 -5.89
CA ALA C 241 0.70 -25.87 -6.78
C ALA C 241 0.55 -25.15 -8.12
N PRO C 242 1.69 -24.74 -8.72
CA PRO C 242 1.77 -24.01 -9.96
C PRO C 242 0.96 -24.58 -11.12
N LEU C 243 0.77 -25.92 -11.20
CA LEU C 243 0.04 -26.51 -12.34
C LEU C 243 -1.43 -26.56 -11.99
N LYS C 244 -1.73 -26.20 -10.75
CA LYS C 244 -3.07 -26.26 -10.24
C LYS C 244 -3.77 -27.54 -10.69
N ARG C 245 -3.18 -28.68 -10.39
CA ARG C 245 -3.79 -29.95 -10.63
C ARG C 245 -2.90 -30.95 -9.84
N ASN C 246 -3.40 -32.17 -9.67
CA ASN C 246 -2.69 -33.30 -9.07
C ASN C 246 -2.01 -34.09 -10.18
N VAL C 247 -0.92 -34.81 -9.86
CA VAL C 247 -0.15 -35.65 -10.80
C VAL C 247 -0.71 -37.04 -10.72
N ASP C 248 -0.36 -37.91 -11.68
CA ASP C 248 -0.71 -39.36 -11.56
C ASP C 248 0.45 -40.35 -11.63
N GLN C 249 0.11 -41.63 -11.56
CA GLN C 249 1.10 -42.71 -11.46
C GLN C 249 1.98 -42.75 -12.72
N VAL C 250 1.33 -42.68 -13.88
CA VAL C 250 1.97 -42.63 -15.17
C VAL C 250 2.96 -41.45 -15.21
N GLU C 251 2.59 -40.28 -14.72
CA GLU C 251 3.57 -39.20 -14.60
C GLU C 251 4.84 -39.53 -13.75
N VAL C 252 4.67 -40.18 -12.60
CA VAL C 252 5.82 -40.67 -11.86
C VAL C 252 6.60 -41.65 -12.77
N GLY C 253 5.88 -42.63 -13.35
CA GLY C 253 6.39 -43.57 -14.39
C GLY C 253 7.30 -42.98 -15.45
N LYS C 254 6.87 -41.85 -16.02
CA LYS C 254 7.62 -41.19 -17.07
C LYS C 254 8.97 -40.71 -16.57
N THR C 255 8.99 -40.08 -15.41
CA THR C 255 10.23 -39.62 -14.81
C THR C 255 11.18 -40.75 -14.41
N ALA C 256 10.63 -41.85 -13.88
CA ALA C 256 11.32 -43.10 -13.59
C ALA C 256 12.08 -43.60 -14.81
N ALA C 257 11.38 -43.62 -15.95
CA ALA C 257 12.00 -44.04 -17.18
C ALA C 257 13.24 -43.18 -17.42
N TYR C 258 13.08 -41.84 -17.28
CA TYR C 258 14.22 -40.94 -17.39
C TYR C 258 15.32 -41.46 -16.47
N LEU C 259 14.98 -41.68 -15.21
CA LEU C 259 15.99 -41.95 -14.18
C LEU C 259 16.55 -43.34 -14.34
N LEU C 260 15.77 -44.28 -14.86
CA LEU C 260 16.22 -45.66 -15.01
C LEU C 260 16.98 -45.90 -16.29
N SER C 261 17.15 -44.86 -17.09
CA SER C 261 17.75 -45.06 -18.39
C SER C 261 18.90 -44.10 -18.62
N ASP C 262 19.52 -44.20 -19.79
CA ASP C 262 20.70 -43.43 -20.09
C ASP C 262 20.42 -41.93 -20.35
N LEU C 263 19.16 -41.49 -20.38
CA LEU C 263 19.00 -40.05 -20.41
C LEU C 263 19.47 -39.45 -19.09
N SER C 264 19.37 -40.16 -17.99
CA SER C 264 19.79 -39.55 -16.78
C SER C 264 21.28 -39.76 -16.47
N SER C 265 22.08 -40.34 -17.38
CA SER C 265 23.54 -40.47 -17.14
C SER C 265 24.16 -39.15 -16.67
N GLY C 266 24.79 -39.11 -15.51
CA GLY C 266 25.28 -37.81 -14.97
C GLY C 266 24.52 -37.47 -13.69
N VAL C 267 23.34 -38.08 -13.55
CA VAL C 267 22.48 -37.74 -12.48
C VAL C 267 22.46 -38.80 -11.40
N THR C 268 22.89 -38.46 -10.20
CA THR C 268 22.90 -39.46 -9.12
C THR C 268 22.76 -38.68 -7.83
N GLY C 269 22.29 -39.32 -6.77
CA GLY C 269 21.96 -38.57 -5.58
C GLY C 269 20.93 -37.45 -5.80
N GLU C 270 20.23 -37.45 -6.96
CA GLU C 270 19.18 -36.43 -7.17
C GLU C 270 17.80 -36.76 -6.59
N ASN C 271 17.02 -35.73 -6.24
CA ASN C 271 15.65 -35.93 -5.77
C ASN C 271 14.68 -35.16 -6.68
N ILE C 272 14.13 -35.81 -7.70
CA ILE C 272 13.26 -35.11 -8.67
C ILE C 272 11.80 -35.05 -8.20
N HIS C 273 11.25 -33.85 -8.00
CA HIS C 273 9.87 -33.75 -7.53
C HIS C 273 8.88 -33.78 -8.66
N VAL C 274 7.99 -34.79 -8.70
CA VAL C 274 6.93 -34.87 -9.76
C VAL C 274 5.59 -34.52 -9.11
N ASP C 275 5.36 -33.21 -8.91
CA ASP C 275 4.31 -32.74 -7.95
C ASP C 275 3.60 -31.45 -8.32
N SER C 276 3.44 -31.18 -9.61
CA SER C 276 2.87 -29.92 -10.01
C SER C 276 3.71 -28.69 -9.57
N GLY C 277 4.98 -28.87 -9.23
CA GLY C 277 5.77 -27.77 -8.64
C GLY C 277 5.50 -27.36 -7.20
N PHE C 278 4.71 -28.12 -6.44
CA PHE C 278 4.37 -27.79 -5.06
C PHE C 278 5.58 -27.55 -4.18
N HIS C 279 6.65 -28.29 -4.40
CA HIS C 279 7.87 -28.12 -3.59
C HIS C 279 8.55 -26.76 -3.74
N ALA C 280 8.19 -25.97 -4.75
CA ALA C 280 8.92 -24.71 -5.02
C ALA C 280 8.21 -23.54 -4.36
N ILE C 281 7.01 -23.79 -3.83
CA ILE C 281 6.23 -22.75 -3.19
C ILE C 281 6.05 -22.90 -1.67
N LYS C 282 5.66 -21.79 -1.06
CA LYS C 282 5.26 -21.65 0.34
C LYS C 282 4.14 -20.59 0.38
N ASN D 29 20.85 -13.84 30.74
CA ASN D 29 21.00 -14.36 32.13
C ASN D 29 19.98 -15.46 32.45
N LEU D 30 20.47 -16.66 32.76
CA LEU D 30 19.60 -17.82 33.00
C LEU D 30 19.37 -18.20 34.48
N GLU D 31 19.59 -17.26 35.40
CA GLU D 31 19.28 -17.48 36.80
C GLU D 31 17.82 -17.92 36.94
N ASN D 32 17.57 -18.79 37.92
CA ASN D 32 16.23 -19.34 38.15
C ASN D 32 15.63 -20.04 36.92
N LYS D 33 16.50 -20.45 36.00
CA LYS D 33 16.14 -21.41 34.96
C LYS D 33 16.78 -22.75 35.34
N THR D 34 16.31 -23.84 34.73
CA THR D 34 16.82 -25.17 35.02
C THR D 34 16.84 -25.97 33.72
N TYR D 35 17.98 -26.59 33.45
CA TYR D 35 18.12 -27.34 32.20
C TYR D 35 18.68 -28.73 32.47
N VAL D 36 18.18 -29.73 31.74
CA VAL D 36 18.67 -31.10 31.80
C VAL D 36 19.61 -31.34 30.60
N ILE D 37 20.88 -31.57 30.91
CA ILE D 37 21.89 -31.84 29.89
C ILE D 37 22.11 -33.35 29.83
N MET D 38 22.01 -33.88 28.62
CA MET D 38 22.06 -35.32 28.35
C MET D 38 23.27 -35.65 27.49
N GLY D 39 24.11 -36.55 27.98
CA GLY D 39 25.21 -37.09 27.19
C GLY D 39 26.63 -36.60 27.46
N ILE D 40 26.94 -36.23 28.69
CA ILE D 40 28.36 -35.95 29.01
C ILE D 40 29.16 -37.22 29.36
N ALA D 41 30.19 -37.51 28.56
CA ALA D 41 31.10 -38.64 28.80
C ALA D 41 32.38 -38.24 29.55
N ASN D 42 33.00 -37.12 29.15
CA ASN D 42 34.27 -36.66 29.75
C ASN D 42 34.48 -35.16 29.60
N LYS D 43 35.63 -34.65 30.02
CA LYS D 43 35.95 -33.24 29.80
C LYS D 43 35.77 -32.75 28.34
N ARG D 44 35.78 -33.67 27.38
CA ARG D 44 35.74 -33.33 25.95
C ARG D 44 34.34 -33.36 25.33
N SER D 45 33.36 -33.89 26.06
CA SER D 45 32.04 -34.02 25.49
C SER D 45 31.47 -32.66 25.10
N ILE D 46 31.04 -32.52 23.87
CA ILE D 46 30.33 -31.30 23.48
C ILE D 46 29.41 -30.82 24.60
N ALA D 47 28.63 -31.73 25.16
CA ALA D 47 27.66 -31.44 26.20
C ALA D 47 28.25 -30.77 27.44
N PHE D 48 29.48 -31.10 27.78
CA PHE D 48 30.16 -30.41 28.85
C PHE D 48 30.52 -28.96 28.47
N GLY D 49 30.79 -28.71 27.20
CA GLY D 49 30.89 -27.34 26.70
C GLY D 49 29.56 -26.59 26.85
N VAL D 50 28.43 -27.28 26.64
CA VAL D 50 27.15 -26.67 26.88
C VAL D 50 27.03 -26.28 28.37
N ALA D 51 27.52 -27.17 29.24
CA ALA D 51 27.27 -27.08 30.65
C ALA D 51 27.99 -25.90 31.28
N LYS D 52 29.25 -25.72 30.90
CA LYS D 52 30.01 -24.57 31.34
C LYS D 52 29.27 -23.30 30.90
N VAL D 53 28.84 -23.21 29.62
CA VAL D 53 28.23 -21.95 29.18
C VAL D 53 27.00 -21.59 30.03
N LEU D 54 26.13 -22.56 30.30
CA LEU D 54 24.92 -22.33 31.10
C LEU D 54 25.22 -22.13 32.61
N ASP D 55 26.27 -22.78 33.11
CA ASP D 55 26.61 -22.69 34.54
C ASP D 55 27.06 -21.28 34.81
N GLN D 56 28.06 -20.82 34.06
CA GLN D 56 28.46 -19.42 34.01
C GLN D 56 27.26 -18.49 34.02
N LEU D 57 26.29 -18.76 33.14
CA LEU D 57 25.10 -17.91 32.99
C LEU D 57 24.07 -17.94 34.14
N GLY D 58 24.32 -18.75 35.18
CA GLY D 58 23.51 -18.80 36.39
C GLY D 58 22.37 -19.81 36.48
N ALA D 59 22.38 -20.79 35.58
CA ALA D 59 21.33 -21.81 35.50
C ALA D 59 21.58 -22.97 36.47
N LYS D 60 20.48 -23.56 36.97
CA LYS D 60 20.57 -24.83 37.68
C LYS D 60 20.61 -25.95 36.62
N LEU D 61 21.57 -26.85 36.71
CA LEU D 61 21.66 -27.97 35.76
C LEU D 61 21.49 -29.37 36.40
N VAL D 62 21.02 -30.30 35.56
CA VAL D 62 20.74 -31.68 35.90
C VAL D 62 21.33 -32.53 34.77
N PHE D 63 22.03 -33.61 35.11
CA PHE D 63 22.74 -34.39 34.10
C PHE D 63 22.25 -35.80 34.02
N THR D 64 22.30 -36.38 32.82
CA THR D 64 21.96 -37.77 32.65
C THR D 64 23.14 -38.44 31.97
N TYR D 65 23.45 -39.67 32.41
CA TYR D 65 24.54 -40.49 31.86
C TYR D 65 24.00 -41.90 31.58
N ARG D 66 24.71 -42.67 30.75
CA ARG D 66 24.36 -44.07 30.47
C ARG D 66 25.07 -45.10 31.38
N LYS D 67 26.36 -44.91 31.60
CA LYS D 67 27.18 -45.96 32.19
C LYS D 67 28.08 -45.42 33.32
N GLU D 68 28.35 -46.23 34.34
CA GLU D 68 29.16 -45.75 35.47
C GLU D 68 30.38 -44.93 35.06
N ARG D 69 31.19 -45.46 34.13
CA ARG D 69 32.39 -44.77 33.57
C ARG D 69 32.21 -43.26 33.55
N SER D 70 31.01 -42.84 33.21
CA SER D 70 30.72 -41.43 33.13
C SER D 70 30.19 -40.88 34.47
N ARG D 71 29.48 -41.71 35.26
CA ARG D 71 29.02 -41.33 36.62
C ARG D 71 30.17 -40.76 37.43
N LYS D 72 31.34 -41.40 37.27
CA LYS D 72 32.58 -41.05 37.98
C LYS D 72 33.32 -39.88 37.32
N GLU D 73 33.31 -39.86 36.00
CA GLU D 73 33.84 -38.73 35.22
C GLU D 73 33.10 -37.44 35.59
N LEU D 74 31.77 -37.57 35.66
CA LEU D 74 30.84 -36.53 36.07
C LEU D 74 31.04 -36.06 37.50
N GLU D 75 31.32 -36.98 38.43
CA GLU D 75 31.64 -36.60 39.82
C GLU D 75 32.64 -35.45 39.74
N LYS D 76 33.75 -35.73 39.04
CA LYS D 76 34.93 -34.88 39.06
C LYS D 76 34.75 -33.67 38.18
N LEU D 77 33.95 -33.82 37.15
CA LEU D 77 33.70 -32.70 36.29
C LEU D 77 32.97 -31.57 36.99
N LEU D 78 32.00 -31.88 37.86
CA LEU D 78 31.12 -30.84 38.39
C LEU D 78 31.72 -30.01 39.50
N GLU D 79 32.93 -30.32 39.89
CA GLU D 79 33.67 -29.44 40.78
C GLU D 79 34.25 -28.27 39.99
N GLN D 80 34.33 -28.40 38.67
CA GLN D 80 34.77 -27.30 37.81
C GLN D 80 33.65 -26.27 37.55
N LEU D 81 32.40 -26.69 37.80
CA LEU D 81 31.20 -25.84 37.67
C LEU D 81 30.83 -25.29 39.04
N ASN D 82 29.84 -24.39 39.06
CA ASN D 82 29.40 -23.77 40.30
C ASN D 82 28.06 -24.30 40.71
N GLN D 83 27.79 -25.56 40.38
CA GLN D 83 26.54 -26.20 40.80
C GLN D 83 26.67 -26.53 42.27
N PRO D 84 25.82 -25.91 43.13
CA PRO D 84 25.92 -26.12 44.57
C PRO D 84 25.56 -27.56 44.91
N GLU D 85 24.62 -28.14 44.15
CA GLU D 85 24.42 -29.58 44.23
C GLU D 85 24.36 -30.31 42.91
N ALA D 86 24.80 -31.57 42.99
CA ALA D 86 24.98 -32.38 41.82
C ALA D 86 23.74 -33.22 41.61
N HIS D 87 22.98 -32.92 40.56
CA HIS D 87 21.80 -33.69 40.25
C HIS D 87 22.15 -34.60 39.05
N LEU D 88 22.28 -35.89 39.34
CA LEU D 88 22.72 -36.87 38.33
C LEU D 88 21.79 -38.04 38.31
N TYR D 89 21.43 -38.48 37.11
CA TYR D 89 20.43 -39.49 36.93
C TYR D 89 20.91 -40.37 35.81
N GLN D 90 20.85 -41.68 36.01
CA GLN D 90 21.29 -42.59 34.98
C GLN D 90 20.14 -42.86 33.99
N ILE D 91 20.32 -42.47 32.74
CA ILE D 91 19.36 -42.82 31.69
C ILE D 91 20.05 -43.45 30.45
N ASP D 92 19.71 -44.71 30.19
CA ASP D 92 19.97 -45.28 28.87
C ASP D 92 18.74 -45.11 27.97
N VAL D 93 18.93 -44.40 26.87
CA VAL D 93 17.84 -44.07 25.95
C VAL D 93 17.29 -45.21 25.09
N GLN D 94 17.81 -46.41 25.32
CA GLN D 94 17.26 -47.59 24.69
C GLN D 94 16.07 -48.14 25.49
N SER D 95 15.88 -47.62 26.70
CA SER D 95 14.84 -48.11 27.62
C SER D 95 13.76 -47.07 27.87
N ASP D 96 12.52 -47.37 27.49
CA ASP D 96 11.42 -46.45 27.77
C ASP D 96 11.31 -46.12 29.24
N GLU D 97 11.41 -47.15 30.08
CA GLU D 97 11.20 -47.06 31.53
C GLU D 97 12.21 -46.12 32.17
N GLU D 98 13.46 -46.18 31.74
CA GLU D 98 14.48 -45.31 32.29
C GLU D 98 14.28 -43.87 31.84
N VAL D 99 13.92 -43.67 30.57
CA VAL D 99 13.56 -42.33 30.10
C VAL D 99 12.33 -41.84 30.90
N ILE D 100 11.26 -42.64 30.94
CA ILE D 100 10.07 -42.27 31.72
C ILE D 100 10.38 -42.00 33.22
N ASN D 101 10.96 -42.99 33.91
CA ASN D 101 11.22 -42.88 35.36
C ASN D 101 12.20 -41.77 35.74
N GLY D 102 13.29 -41.67 34.99
CA GLY D 102 14.24 -40.55 35.07
C GLY D 102 13.63 -39.14 35.11
N PHE D 103 12.82 -38.80 34.10
CA PHE D 103 12.21 -37.46 34.08
C PHE D 103 11.21 -37.24 35.22
N GLU D 104 10.42 -38.26 35.56
CA GLU D 104 9.57 -38.21 36.74
C GLU D 104 10.37 -37.95 38.02
N GLN D 105 11.56 -38.55 38.13
CA GLN D 105 12.38 -38.33 39.33
C GLN D 105 12.97 -36.95 39.30
N ILE D 106 13.31 -36.46 38.10
CA ILE D 106 13.91 -35.14 37.96
C ILE D 106 12.95 -34.09 38.51
N GLY D 107 11.68 -34.20 38.14
CA GLY D 107 10.63 -33.28 38.56
C GLY D 107 10.31 -33.33 40.05
N LYS D 108 10.29 -34.54 40.61
CA LYS D 108 10.04 -34.68 42.04
C LYS D 108 11.23 -34.10 42.81
N ASP D 109 12.41 -34.16 42.21
CA ASP D 109 13.64 -33.66 42.86
C ASP D 109 13.88 -32.18 42.64
N VAL D 110 13.34 -31.62 41.57
CA VAL D 110 13.78 -30.32 41.10
C VAL D 110 12.65 -29.41 40.56
N GLY D 111 11.47 -29.99 40.41
CA GLY D 111 10.33 -29.24 39.87
C GLY D 111 10.44 -29.08 38.38
N ASN D 112 9.68 -28.15 37.83
CA ASN D 112 9.59 -27.94 36.38
C ASN D 112 10.90 -27.49 35.77
N ILE D 113 11.18 -27.95 34.55
CA ILE D 113 12.41 -27.56 33.85
C ILE D 113 12.10 -26.53 32.76
N ASP D 114 13.17 -25.84 32.31
CA ASP D 114 13.08 -24.85 31.26
C ASP D 114 13.48 -25.43 29.88
N GLY D 115 14.20 -26.55 29.90
CA GLY D 115 14.72 -27.14 28.67
C GLY D 115 15.58 -28.40 28.80
N VAL D 116 15.97 -28.92 27.65
CA VAL D 116 16.77 -30.13 27.55
C VAL D 116 17.76 -29.91 26.42
N TYR D 117 19.04 -30.05 26.73
CA TYR D 117 20.04 -30.24 25.68
C TYR D 117 20.24 -31.77 25.45
N HIS D 118 19.96 -32.24 24.24
CA HIS D 118 20.16 -33.65 23.89
C HIS D 118 21.47 -33.77 23.11
N SER D 119 22.39 -34.56 23.68
CA SER D 119 23.71 -34.75 23.08
C SER D 119 24.12 -36.23 23.09
N ILE D 120 23.33 -37.04 22.38
CA ILE D 120 23.45 -38.50 22.41
C ILE D 120 23.36 -39.10 20.99
N ALA D 121 24.34 -39.95 20.66
CA ALA D 121 24.32 -40.77 19.42
C ALA D 121 25.24 -41.98 19.60
N PHE D 122 25.04 -43.00 18.77
CA PHE D 122 25.81 -44.23 18.76
C PHE D 122 25.62 -44.98 17.45
N ALA D 123 26.71 -45.53 16.93
CA ALA D 123 26.69 -46.58 15.92
C ALA D 123 27.77 -47.62 16.29
N ASN D 124 27.68 -48.84 15.75
CA ASN D 124 28.79 -49.81 15.84
C ASN D 124 29.89 -49.36 14.89
N MET D 125 31.13 -49.44 15.35
CA MET D 125 32.24 -48.94 14.59
C MET D 125 32.43 -49.51 13.16
N GLU D 126 31.99 -50.74 12.89
CA GLU D 126 32.12 -51.28 11.50
C GLU D 126 31.29 -50.49 10.48
N ASP D 127 30.27 -49.82 10.97
CA ASP D 127 29.33 -49.09 10.16
C ASP D 127 29.72 -47.60 10.04
N LEU D 128 30.93 -47.27 10.53
CA LEU D 128 31.48 -45.91 10.48
C LEU D 128 32.73 -45.84 9.61
N ARG D 129 32.90 -46.89 8.80
CA ARG D 129 33.95 -46.97 7.79
C ARG D 129 33.50 -47.93 6.68
N GLY D 130 34.22 -47.92 5.58
CA GLY D 130 33.93 -48.86 4.50
C GLY D 130 32.71 -48.47 3.68
N ARG D 131 31.95 -49.48 3.25
CA ARG D 131 30.87 -49.24 2.27
C ARG D 131 29.51 -49.14 2.99
N PHE D 132 28.75 -48.08 2.70
CA PHE D 132 27.48 -47.91 3.38
C PHE D 132 26.55 -49.01 2.94
N SER D 133 26.76 -49.51 1.71
CA SER D 133 25.90 -50.57 1.17
C SER D 133 26.07 -51.90 1.95
N GLU D 134 27.03 -51.94 2.83
CA GLU D 134 27.25 -53.13 3.58
C GLU D 134 26.60 -53.05 4.98
N THR D 135 26.25 -51.88 5.49
CA THR D 135 25.59 -51.74 6.78
C THR D 135 24.58 -52.86 7.03
N SER D 136 24.69 -53.51 8.20
CA SER D 136 23.72 -54.49 8.66
C SER D 136 22.40 -53.84 9.11
N ARG D 137 21.31 -54.61 9.14
CA ARG D 137 20.03 -54.11 9.61
C ARG D 137 20.08 -53.72 11.10
N GLU D 138 20.80 -54.53 11.86
CA GLU D 138 20.93 -54.33 13.30
C GLU D 138 21.67 -53.05 13.56
N GLY D 139 22.75 -52.82 12.81
CA GLY D 139 23.56 -51.65 13.05
C GLY D 139 22.86 -50.38 12.65
N PHE D 140 22.25 -50.38 11.46
CA PHE D 140 21.37 -49.31 11.00
C PHE D 140 20.28 -48.93 11.98
N LEU D 141 19.51 -49.91 12.45
CA LEU D 141 18.45 -49.66 13.41
C LEU D 141 18.99 -49.22 14.76
N LEU D 142 20.15 -49.72 15.14
CA LEU D 142 20.77 -49.31 16.41
C LEU D 142 21.03 -47.81 16.41
N ALA D 143 21.56 -47.30 15.30
CA ALA D 143 21.82 -45.89 15.19
C ALA D 143 20.51 -45.03 15.13
N GLN D 144 19.51 -45.41 14.32
CA GLN D 144 18.23 -44.71 14.40
C GLN D 144 17.65 -44.68 15.83
N ASP D 145 17.46 -45.84 16.47
CA ASP D 145 17.01 -45.91 17.87
C ASP D 145 17.70 -44.87 18.77
N ILE D 146 19.01 -44.88 18.81
CA ILE D 146 19.72 -44.13 19.86
C ILE D 146 19.89 -42.66 19.51
N SER D 147 20.26 -42.44 18.27
CA SER D 147 20.65 -41.13 17.80
C SER D 147 19.44 -40.33 17.31
N SER D 148 18.29 -40.98 17.12
CA SER D 148 17.15 -40.26 16.59
C SER D 148 15.92 -40.43 17.43
N TYR D 149 15.53 -41.68 17.65
CA TYR D 149 14.28 -41.89 18.34
C TYR D 149 14.34 -41.31 19.72
N SER D 150 15.51 -41.37 20.35
CA SER D 150 15.61 -40.98 21.73
C SER D 150 15.14 -39.53 21.97
N LEU D 151 15.20 -38.68 20.94
CA LEU D 151 14.78 -37.31 21.11
C LEU D 151 13.29 -37.25 21.21
N THR D 152 12.60 -38.10 20.44
CA THR D 152 11.13 -38.17 20.54
C THR D 152 10.63 -38.50 21.99
N ILE D 153 11.16 -39.56 22.57
CA ILE D 153 10.73 -40.01 23.89
C ILE D 153 11.11 -39.00 24.99
N VAL D 154 12.31 -38.44 24.89
CA VAL D 154 12.76 -37.39 25.79
C VAL D 154 11.85 -36.15 25.74
N ALA D 155 11.48 -35.74 24.51
CA ALA D 155 10.60 -34.63 24.30
C ALA D 155 9.22 -34.95 24.89
N HIS D 156 8.66 -36.12 24.58
CA HIS D 156 7.42 -36.52 25.27
C HIS D 156 7.49 -36.47 26.81
N GLU D 157 8.61 -36.85 27.38
CA GLU D 157 8.67 -36.97 28.82
C GLU D 157 9.01 -35.66 29.50
N ALA D 158 9.88 -34.85 28.89
CA ALA D 158 10.17 -33.49 29.38
C ALA D 158 8.99 -32.51 29.26
N LYS D 159 8.21 -32.61 28.18
CA LYS D 159 6.96 -31.86 28.03
C LYS D 159 6.23 -31.82 29.38
N LYS D 160 6.23 -32.95 30.09
CA LYS D 160 5.51 -33.08 31.37
C LYS D 160 6.04 -32.15 32.45
N LEU D 161 7.27 -31.69 32.26
CA LEU D 161 7.99 -30.81 33.19
C LEU D 161 8.07 -29.40 32.63
N MET D 162 7.44 -29.19 31.48
CA MET D 162 7.40 -27.86 30.89
C MET D 162 5.97 -27.37 30.66
N PRO D 163 5.20 -27.24 31.76
CA PRO D 163 3.79 -26.87 31.69
C PRO D 163 3.61 -25.48 31.08
N GLU D 164 4.64 -24.64 31.15
CA GLU D 164 4.48 -23.30 30.61
C GLU D 164 5.35 -23.04 29.41
N GLY D 165 5.85 -24.11 28.79
CA GLY D 165 6.69 -24.00 27.62
C GLY D 165 8.16 -24.10 27.94
N GLY D 166 8.96 -24.35 26.92
CA GLY D 166 10.38 -24.51 27.15
C GLY D 166 11.12 -24.62 25.85
N SER D 167 12.34 -25.16 25.92
CA SER D 167 13.18 -25.28 24.72
C SER D 167 13.93 -26.59 24.72
N ILE D 168 13.99 -27.25 23.57
CA ILE D 168 14.74 -28.50 23.41
C ILE D 168 15.67 -28.42 22.19
N VAL D 169 16.92 -28.82 22.39
CA VAL D 169 17.98 -28.63 21.40
C VAL D 169 18.72 -29.95 21.26
N ALA D 170 18.75 -30.50 20.03
CA ALA D 170 19.61 -31.68 19.70
C ALA D 170 20.92 -31.36 18.88
N THR D 171 21.96 -32.20 19.02
CA THR D 171 23.21 -31.99 18.28
C THR D 171 23.34 -32.85 17.04
N THR D 172 23.38 -32.22 15.87
CA THR D 172 23.39 -32.95 14.57
C THR D 172 24.70 -32.65 13.84
N TYR D 173 24.80 -33.04 12.57
CA TYR D 173 26.03 -32.83 11.82
C TYR D 173 25.77 -32.82 10.31
N LEU D 174 26.56 -32.06 9.59
CA LEU D 174 26.45 -31.93 8.14
C LEU D 174 26.33 -33.26 7.35
N GLY D 175 26.80 -34.38 7.91
CA GLY D 175 26.51 -35.70 7.32
C GLY D 175 24.99 -36.07 7.25
N GLY D 176 24.17 -35.44 8.06
CA GLY D 176 22.73 -35.60 7.87
C GLY D 176 22.18 -34.93 6.60
N GLU D 177 22.91 -33.99 6.03
CA GLU D 177 22.38 -33.22 4.90
C GLU D 177 23.08 -33.60 3.61
N PHE D 178 24.31 -34.07 3.72
CA PHE D 178 25.12 -34.42 2.58
C PHE D 178 25.74 -35.81 2.88
N ALA D 179 26.03 -36.59 1.84
CA ALA D 179 26.82 -37.79 1.98
C ALA D 179 28.30 -37.41 2.13
N VAL D 180 28.94 -37.77 3.26
CA VAL D 180 30.39 -37.57 3.45
C VAL D 180 31.06 -38.93 3.61
N GLN D 181 32.17 -39.17 2.95
CA GLN D 181 32.88 -40.44 3.07
C GLN D 181 32.90 -40.88 4.59
N ASN D 182 32.68 -42.19 4.85
CA ASN D 182 32.82 -42.85 6.21
C ASN D 182 31.71 -42.71 7.27
N TYR D 183 31.07 -41.55 7.38
CA TYR D 183 30.09 -41.28 8.45
C TYR D 183 28.91 -42.23 8.36
N ASN D 184 28.62 -42.62 7.12
CA ASN D 184 27.75 -43.74 6.81
C ASN D 184 26.43 -43.92 7.56
N VAL D 185 26.29 -44.92 8.43
CA VAL D 185 25.03 -45.17 9.17
C VAL D 185 24.55 -43.97 9.98
N MET D 186 25.50 -43.21 10.52
CA MET D 186 25.24 -42.00 11.31
C MET D 186 24.59 -40.85 10.49
N GLY D 187 24.99 -40.75 9.21
CA GLY D 187 24.49 -39.75 8.28
C GLY D 187 22.99 -39.85 8.02
N VAL D 188 22.50 -41.08 7.97
CA VAL D 188 21.10 -41.35 7.69
C VAL D 188 20.31 -41.18 8.98
N ALA D 189 20.95 -41.51 10.10
CA ALA D 189 20.35 -41.35 11.39
C ALA D 189 20.31 -39.89 11.70
N LYS D 190 21.33 -39.14 11.25
CA LYS D 190 21.32 -37.67 11.49
C LYS D 190 20.28 -36.96 10.62
N ALA D 191 20.16 -37.38 9.37
CA ALA D 191 19.05 -36.90 8.58
C ALA D 191 17.68 -37.23 9.23
N SER D 192 17.57 -38.42 9.84
CA SER D 192 16.36 -38.80 10.52
C SER D 192 16.11 -37.90 11.75
N LEU D 193 17.14 -37.65 12.56
CA LEU D 193 17.07 -36.70 13.72
C LEU D 193 16.59 -35.28 13.33
N GLU D 194 17.03 -34.80 12.17
CA GLU D 194 16.79 -33.44 11.81
C GLU D 194 15.33 -33.32 11.40
N ALA D 195 14.79 -34.32 10.68
CA ALA D 195 13.32 -34.36 10.48
C ALA D 195 12.58 -34.52 11.83
N ASN D 196 13.13 -35.34 12.73
CA ASN D 196 12.59 -35.54 14.05
C ASN D 196 12.35 -34.18 14.66
N VAL D 197 13.31 -33.25 14.51
CA VAL D 197 13.18 -31.89 15.10
C VAL D 197 12.04 -31.07 14.49
N LYS D 198 12.01 -31.01 13.17
CA LYS D 198 10.89 -30.42 12.45
C LYS D 198 9.52 -31.01 12.88
N TYR D 199 9.40 -32.34 12.99
CA TYR D 199 8.11 -32.90 13.34
C TYR D 199 7.78 -32.64 14.81
N LEU D 200 8.78 -32.68 15.70
CA LEU D 200 8.54 -32.25 17.10
C LEU D 200 8.18 -30.79 17.27
N ALA D 201 8.81 -29.92 16.48
CA ALA D 201 8.51 -28.48 16.48
C ALA D 201 7.05 -28.22 16.18
N LEU D 202 6.56 -28.86 15.13
CA LEU D 202 5.20 -28.68 14.69
C LEU D 202 4.30 -29.16 15.84
N ASP D 203 4.57 -30.34 16.38
CA ASP D 203 3.72 -30.93 17.42
C ASP D 203 3.64 -30.11 18.68
N LEU D 204 4.80 -29.72 19.20
CA LEU D 204 4.91 -29.13 20.50
C LEU D 204 4.81 -27.62 20.45
N GLY D 205 4.91 -27.07 19.22
CA GLY D 205 4.83 -25.62 18.96
C GLY D 205 3.67 -25.08 19.77
N PRO D 206 2.49 -25.69 19.59
CA PRO D 206 1.35 -25.09 20.27
C PRO D 206 1.42 -25.19 21.80
N ASP D 207 2.30 -26.00 22.36
CA ASP D 207 2.48 -26.00 23.83
C ASP D 207 3.56 -25.04 24.28
N ASN D 208 4.02 -24.19 23.37
CA ASN D 208 5.06 -23.20 23.67
C ASN D 208 6.40 -23.88 23.93
N ILE D 209 6.57 -25.08 23.38
CA ILE D 209 7.87 -25.75 23.46
C ILE D 209 8.53 -25.68 22.10
N ARG D 210 9.76 -25.16 22.06
CA ARG D 210 10.48 -25.03 20.79
C ARG D 210 11.52 -26.15 20.69
N VAL D 211 11.73 -26.67 19.48
CA VAL D 211 12.67 -27.75 19.25
C VAL D 211 13.57 -27.39 18.10
N ASN D 212 14.88 -27.33 18.37
CA ASN D 212 15.88 -26.95 17.38
C ASN D 212 17.11 -27.86 17.46
N ALA D 213 18.00 -27.74 16.47
CA ALA D 213 19.18 -28.59 16.36
C ALA D 213 20.38 -27.70 16.24
N ILE D 214 21.46 -28.05 16.92
CA ILE D 214 22.71 -27.38 16.57
C ILE D 214 23.51 -28.32 15.70
N SER D 215 24.03 -27.79 14.60
CA SER D 215 24.89 -28.58 13.70
C SER D 215 26.36 -28.17 13.87
N ALA D 216 27.10 -28.94 14.65
CA ALA D 216 28.44 -28.57 15.11
C ALA D 216 29.43 -28.98 14.07
N GLY D 217 30.42 -28.12 13.81
CA GLY D 217 31.55 -28.49 12.99
C GLY D 217 32.29 -29.65 13.66
N PRO D 218 33.33 -30.19 13.00
CA PRO D 218 34.03 -31.30 13.61
C PRO D 218 34.82 -30.92 14.88
N ILE D 219 34.76 -31.78 15.91
CA ILE D 219 35.39 -31.56 17.20
C ILE D 219 35.93 -32.89 17.69
N ARG D 220 37.17 -32.87 18.16
CA ARG D 220 37.83 -34.01 18.71
C ARG D 220 37.20 -34.32 20.08
N THR D 221 36.29 -35.31 20.05
CA THR D 221 35.70 -35.94 21.23
C THR D 221 35.97 -37.45 21.21
N LEU D 222 35.62 -38.12 22.32
CA LEU D 222 35.57 -39.59 22.44
C LEU D 222 34.81 -40.30 21.29
N SER D 223 33.53 -39.98 21.07
CA SER D 223 32.73 -40.57 19.98
C SER D 223 33.40 -40.35 18.62
N ALA D 224 33.90 -39.14 18.42
CA ALA D 224 34.64 -38.76 17.21
C ALA D 224 35.88 -39.63 16.93
N LYS D 225 36.32 -40.43 17.89
CA LYS D 225 37.42 -41.38 17.65
C LYS D 225 36.92 -42.55 16.84
N GLY D 226 35.61 -42.76 16.89
CA GLY D 226 34.98 -43.87 16.19
C GLY D 226 34.71 -43.63 14.72
N VAL D 227 34.73 -42.37 14.26
CA VAL D 227 34.40 -42.05 12.87
C VAL D 227 35.65 -42.22 12.04
N GLY D 228 35.51 -42.72 10.83
CA GLY D 228 36.65 -42.90 9.95
C GLY D 228 37.20 -41.63 9.34
N GLY D 229 38.51 -41.42 9.51
CA GLY D 229 39.24 -40.39 8.75
C GLY D 229 38.90 -39.05 9.32
N PHE D 230 38.53 -39.07 10.59
CA PHE D 230 38.18 -37.86 11.33
C PHE D 230 39.27 -36.81 11.31
N ASN D 231 40.53 -37.22 11.40
CA ASN D 231 41.62 -36.29 11.22
C ASN D 231 41.52 -35.45 9.95
N THR D 232 41.33 -36.09 8.80
CA THR D 232 41.27 -35.35 7.53
C THR D 232 40.09 -34.38 7.51
N ILE D 233 39.05 -34.69 8.29
CA ILE D 233 37.92 -33.77 8.44
C ILE D 233 38.43 -32.45 9.02
N LEU D 234 39.05 -32.52 10.20
CA LEU D 234 39.50 -31.34 10.92
C LEU D 234 40.26 -30.39 9.99
N LYS D 235 41.19 -30.93 9.25
CA LYS D 235 42.09 -30.12 8.46
C LYS D 235 41.32 -29.59 7.25
N GLU D 236 40.51 -30.42 6.64
CA GLU D 236 39.78 -29.92 5.49
C GLU D 236 38.95 -28.65 5.84
N ILE D 237 38.52 -28.55 7.10
CA ILE D 237 37.80 -27.41 7.64
C ILE D 237 38.68 -26.17 7.80
N GLU D 238 39.84 -26.31 8.48
CA GLU D 238 40.80 -25.22 8.66
C GLU D 238 41.12 -24.54 7.34
N GLU D 239 41.23 -25.32 6.28
CA GLU D 239 41.75 -24.80 5.02
C GLU D 239 40.70 -24.14 4.18
N ARG D 240 39.47 -24.65 4.28
CA ARG D 240 38.43 -24.40 3.32
C ARG D 240 37.23 -23.59 3.89
N ALA D 241 36.94 -23.71 5.19
CA ALA D 241 35.73 -23.06 5.71
C ALA D 241 36.00 -21.57 5.84
N PRO D 242 34.93 -20.72 5.73
CA PRO D 242 35.09 -19.25 5.71
C PRO D 242 35.95 -18.65 6.84
N LEU D 243 35.82 -19.20 8.05
CA LEU D 243 36.54 -18.68 9.18
C LEU D 243 37.93 -19.28 9.22
N LYS D 244 38.14 -20.34 8.44
CA LYS D 244 39.50 -20.90 8.26
C LYS D 244 40.15 -21.30 9.60
N ARG D 245 39.31 -21.82 10.52
CA ARG D 245 39.72 -22.32 11.82
C ARG D 245 38.64 -23.33 12.23
N ASN D 246 38.92 -24.16 13.23
CA ASN D 246 37.90 -25.05 13.78
C ASN D 246 37.09 -24.45 14.93
N VAL D 247 35.89 -24.97 15.15
CA VAL D 247 35.07 -24.61 16.30
C VAL D 247 35.46 -25.43 17.56
N ASP D 248 34.98 -25.02 18.74
CA ASP D 248 35.07 -25.86 19.97
C ASP D 248 33.74 -25.99 20.72
N GLN D 249 33.75 -26.75 21.81
CA GLN D 249 32.53 -27.12 22.51
C GLN D 249 31.83 -25.91 23.17
N VAL D 250 32.64 -24.95 23.61
CA VAL D 250 32.14 -23.71 24.20
C VAL D 250 31.35 -22.91 23.15
N GLU D 251 31.83 -22.91 21.90
CA GLU D 251 31.11 -22.25 20.80
C GLU D 251 29.72 -22.91 20.62
N VAL D 252 29.65 -24.22 20.85
CA VAL D 252 28.35 -24.90 20.82
C VAL D 252 27.52 -24.45 22.01
N GLY D 253 28.08 -24.50 23.20
CA GLY D 253 27.38 -24.04 24.38
C GLY D 253 26.80 -22.64 24.29
N LYS D 254 27.52 -21.73 23.64
CA LYS D 254 27.07 -20.34 23.55
C LYS D 254 25.80 -20.25 22.68
N THR D 255 25.83 -20.91 21.52
CA THR D 255 24.71 -21.00 20.63
C THR D 255 23.60 -21.80 21.31
N ALA D 256 23.98 -22.84 22.05
CA ALA D 256 23.00 -23.65 22.80
C ALA D 256 22.30 -22.75 23.82
N ALA D 257 23.05 -21.89 24.53
CA ALA D 257 22.48 -20.83 25.37
C ALA D 257 21.47 -19.90 24.69
N TYR D 258 21.78 -19.50 23.45
CA TYR D 258 20.88 -18.69 22.66
C TYR D 258 19.56 -19.48 22.48
N LEU D 259 19.69 -20.72 22.01
CA LEU D 259 18.55 -21.58 21.73
C LEU D 259 17.71 -21.93 22.95
N LEU D 260 18.36 -22.12 24.08
CA LEU D 260 17.67 -22.54 25.29
C LEU D 260 17.05 -21.36 26.06
N SER D 261 17.14 -20.16 25.50
CA SER D 261 16.69 -18.97 26.22
C SER D 261 15.66 -18.12 25.46
N ASP D 262 15.11 -17.14 26.15
CA ASP D 262 14.17 -16.18 25.55
C ASP D 262 14.73 -15.39 24.34
N LEU D 263 16.04 -15.27 24.17
CA LEU D 263 16.62 -14.66 22.98
C LEU D 263 16.15 -15.35 21.68
N SER D 264 15.96 -16.66 21.71
CA SER D 264 15.47 -17.36 20.51
C SER D 264 13.97 -17.58 20.47
N SER D 265 13.17 -16.80 21.21
CA SER D 265 11.72 -16.97 21.09
C SER D 265 11.35 -16.76 19.61
N GLY D 266 10.34 -17.41 19.07
CA GLY D 266 10.07 -17.12 17.66
C GLY D 266 10.90 -17.95 16.69
N VAL D 267 11.95 -18.59 17.20
CA VAL D 267 12.78 -19.55 16.44
C VAL D 267 12.46 -20.99 16.88
N THR D 268 11.92 -21.83 15.98
CA THR D 268 11.73 -23.27 16.22
C THR D 268 11.84 -24.08 14.90
N GLY D 269 12.03 -25.41 14.98
CA GLY D 269 12.22 -26.21 13.79
C GLY D 269 13.50 -25.81 13.04
N GLU D 270 14.40 -25.08 13.71
CA GLU D 270 15.58 -24.61 13.03
C GLU D 270 16.86 -25.42 13.38
N ASN D 271 17.91 -25.22 12.57
CA ASN D 271 19.17 -26.00 12.60
C ASN D 271 20.29 -24.98 12.44
N ILE D 272 20.93 -24.55 13.52
CA ILE D 272 21.92 -23.50 13.42
C ILE D 272 23.25 -24.19 13.24
N HIS D 273 23.91 -23.97 12.10
CA HIS D 273 25.27 -24.49 11.97
C HIS D 273 26.31 -23.70 12.77
N VAL D 274 27.14 -24.39 13.56
CA VAL D 274 28.23 -23.77 14.30
C VAL D 274 29.53 -24.44 13.88
N ASP D 275 30.02 -24.01 12.73
CA ASP D 275 30.92 -24.82 11.91
C ASP D 275 31.84 -23.95 10.99
N SER D 276 32.19 -22.76 11.46
CA SER D 276 32.98 -21.78 10.69
C SER D 276 32.48 -21.46 9.27
N GLY D 277 31.19 -21.70 8.99
CA GLY D 277 30.58 -21.36 7.70
C GLY D 277 30.64 -22.51 6.70
N PHE D 278 31.13 -23.65 7.15
CA PHE D 278 31.40 -24.76 6.26
C PHE D 278 30.15 -25.27 5.61
N HIS D 279 29.00 -25.17 6.26
CA HIS D 279 27.78 -25.63 5.59
C HIS D 279 27.48 -24.87 4.30
N ALA D 280 28.13 -23.73 4.07
CA ALA D 280 27.64 -22.73 3.12
C ALA D 280 28.49 -22.59 1.89
N ILE D 281 29.53 -23.40 1.84
CA ILE D 281 30.51 -23.39 0.78
C ILE D 281 30.51 -24.77 0.14
N LYS D 282 31.06 -24.86 -1.06
CA LYS D 282 31.24 -26.13 -1.73
C LYS D 282 32.64 -26.20 -2.42
N ASN E 29 -19.54 12.79 -29.97
CA ASN E 29 -18.72 12.17 -31.05
C ASN E 29 -17.46 12.94 -31.40
N LEU E 30 -16.33 12.27 -31.23
CA LEU E 30 -15.04 12.93 -31.23
C LEU E 30 -14.14 12.55 -32.44
N GLU E 31 -14.75 12.18 -33.55
CA GLU E 31 -13.97 11.90 -34.74
C GLU E 31 -13.26 13.18 -35.15
N ASN E 32 -12.04 13.04 -35.65
CA ASN E 32 -11.12 14.17 -35.87
C ASN E 32 -10.85 15.04 -34.63
N LYS E 33 -10.99 14.45 -33.45
CA LYS E 33 -10.37 15.02 -32.26
C LYS E 33 -9.14 14.23 -31.88
N THR E 34 -8.15 14.92 -31.33
CA THR E 34 -6.98 14.28 -30.76
C THR E 34 -6.77 14.78 -29.34
N TYR E 35 -6.72 13.82 -28.39
CA TYR E 35 -6.50 14.10 -26.98
C TYR E 35 -5.27 13.36 -26.45
N VAL E 36 -4.54 14.01 -25.54
CA VAL E 36 -3.40 13.38 -24.87
C VAL E 36 -3.84 13.01 -23.46
N ILE E 37 -3.60 11.75 -23.11
CA ILE E 37 -4.03 11.23 -21.82
C ILE E 37 -2.80 10.90 -21.01
N MET E 38 -2.68 11.58 -19.89
CA MET E 38 -1.48 11.48 -19.12
C MET E 38 -1.72 10.65 -17.88
N GLY E 39 -1.00 9.55 -17.76
CA GLY E 39 -0.88 8.82 -16.50
C GLY E 39 -1.65 7.51 -16.40
N ILE E 40 -1.73 6.75 -17.50
CA ILE E 40 -2.15 5.34 -17.39
C ILE E 40 -0.99 4.49 -16.84
N ALA E 41 -1.28 3.65 -15.84
CA ALA E 41 -0.27 2.77 -15.24
C ALA E 41 -0.65 1.32 -15.44
N ASN E 42 -1.96 1.08 -15.61
CA ASN E 42 -2.53 -0.25 -15.77
C ASN E 42 -4.07 -0.20 -16.02
N LYS E 43 -4.76 -1.35 -16.03
CA LYS E 43 -6.22 -1.36 -16.37
C LYS E 43 -7.11 -0.69 -15.31
N ARG E 44 -6.67 -0.64 -14.08
CA ARG E 44 -7.45 0.01 -13.04
C ARG E 44 -7.24 1.54 -13.04
N SER E 45 -6.21 2.03 -13.69
CA SER E 45 -6.02 3.49 -13.85
C SER E 45 -7.25 4.31 -14.28
N ILE E 46 -7.53 5.39 -13.55
CA ILE E 46 -8.69 6.25 -13.93
C ILE E 46 -8.59 6.68 -15.40
N ALA E 47 -7.38 7.08 -15.79
CA ALA E 47 -7.13 7.53 -17.15
C ALA E 47 -7.39 6.44 -18.18
N PHE E 48 -7.41 5.18 -17.74
CA PHE E 48 -7.74 4.12 -18.68
C PHE E 48 -9.21 4.13 -19.00
N GLY E 49 -10.03 4.38 -17.96
CA GLY E 49 -11.46 4.66 -18.09
C GLY E 49 -11.72 5.81 -19.05
N VAL E 50 -11.07 6.93 -18.78
CA VAL E 50 -11.12 8.03 -19.70
C VAL E 50 -10.84 7.55 -21.14
N ALA E 51 -9.75 6.80 -21.32
CA ALA E 51 -9.31 6.29 -22.62
C ALA E 51 -10.34 5.47 -23.41
N LYS E 52 -10.91 4.45 -22.79
CA LYS E 52 -11.90 3.56 -23.42
C LYS E 52 -13.13 4.32 -23.93
N VAL E 53 -13.57 5.32 -23.17
CA VAL E 53 -14.70 6.17 -23.47
C VAL E 53 -14.34 7.10 -24.64
N LEU E 54 -13.17 7.76 -24.53
CA LEU E 54 -12.80 8.64 -25.65
C LEU E 54 -12.59 7.84 -26.97
N ASP E 55 -12.10 6.61 -26.82
CA ASP E 55 -11.81 5.71 -27.90
C ASP E 55 -13.13 5.31 -28.58
N GLN E 56 -14.08 4.89 -27.77
CA GLN E 56 -15.39 4.52 -28.25
C GLN E 56 -16.04 5.67 -29.02
N LEU E 57 -15.74 6.91 -28.64
CA LEU E 57 -16.35 8.13 -29.21
C LEU E 57 -15.62 8.66 -30.45
N GLY E 58 -14.57 7.96 -30.88
CA GLY E 58 -14.00 8.11 -32.23
C GLY E 58 -12.66 8.83 -32.24
N ALA E 59 -12.20 9.21 -31.05
CA ALA E 59 -11.04 10.08 -30.88
C ALA E 59 -9.76 9.38 -31.25
N LYS E 60 -8.76 10.16 -31.62
CA LYS E 60 -7.38 9.68 -31.68
C LYS E 60 -6.75 9.93 -30.32
N LEU E 61 -5.97 8.98 -29.81
CA LEU E 61 -5.36 9.13 -28.47
C LEU E 61 -3.81 9.04 -28.48
N VAL E 62 -3.14 9.96 -27.79
CA VAL E 62 -1.71 9.92 -27.54
C VAL E 62 -1.59 9.60 -26.07
N PHE E 63 -0.67 8.71 -25.66
CA PHE E 63 -0.51 8.40 -24.23
C PHE E 63 0.84 8.82 -23.63
N THR E 64 0.84 9.29 -22.40
CA THR E 64 2.13 9.55 -21.76
C THR E 64 2.33 8.76 -20.44
N TYR E 65 3.57 8.30 -20.23
CA TYR E 65 3.91 7.41 -19.11
C TYR E 65 5.21 7.89 -18.51
N ARG E 66 5.56 7.36 -17.33
CA ARG E 66 6.85 7.61 -16.70
C ARG E 66 7.70 6.32 -16.59
N LYS E 67 7.15 5.30 -15.93
CA LYS E 67 7.80 4.01 -15.67
C LYS E 67 7.75 3.05 -16.86
N GLU E 68 8.85 2.34 -17.15
CA GLU E 68 8.94 1.34 -18.23
CA GLU E 68 8.87 1.43 -18.29
C GLU E 68 7.77 0.37 -18.14
N ARG E 69 7.55 -0.10 -16.92
CA ARG E 69 6.46 -1.01 -16.61
C ARG E 69 5.13 -0.44 -17.10
N SER E 70 4.98 0.88 -17.09
CA SER E 70 3.74 1.53 -17.54
C SER E 70 3.56 1.59 -19.09
N ARG E 71 4.68 1.63 -19.81
CA ARG E 71 4.65 1.54 -21.26
C ARG E 71 4.28 0.12 -21.73
N LYS E 72 4.90 -0.90 -21.12
CA LYS E 72 4.49 -2.28 -21.35
C LYS E 72 2.97 -2.50 -21.11
N GLU E 73 2.46 -2.12 -19.92
CA GLU E 73 1.01 -2.17 -19.67
C GLU E 73 0.22 -1.42 -20.75
N LEU E 74 0.68 -0.22 -21.10
CA LEU E 74 0.03 0.55 -22.16
C LEU E 74 0.02 -0.19 -23.50
N GLU E 75 1.16 -0.75 -23.90
CA GLU E 75 1.27 -1.54 -25.12
C GLU E 75 0.19 -2.66 -25.19
N LYS E 76 -0.04 -3.32 -24.05
CA LYS E 76 -1.03 -4.39 -23.89
C LYS E 76 -2.50 -3.85 -23.97
N LEU E 77 -2.83 -2.81 -23.18
CA LEU E 77 -4.21 -2.28 -23.16
C LEU E 77 -4.65 -1.68 -24.52
N LEU E 78 -3.68 -1.32 -25.35
CA LEU E 78 -3.98 -0.79 -26.68
C LEU E 78 -4.66 -1.79 -27.62
N GLU E 79 -4.44 -3.08 -27.36
CA GLU E 79 -5.15 -4.17 -28.04
C GLU E 79 -6.66 -4.11 -27.84
N GLN E 80 -7.09 -3.63 -26.67
CA GLN E 80 -8.52 -3.38 -26.39
C GLN E 80 -9.12 -2.13 -27.01
N LEU E 81 -8.29 -1.16 -27.35
CA LEU E 81 -8.81 0.05 -27.95
C LEU E 81 -8.90 -0.07 -29.46
N ASN E 82 -9.38 0.97 -30.11
CA ASN E 82 -9.61 0.94 -31.53
C ASN E 82 -8.64 1.87 -32.26
N GLN E 83 -7.46 2.07 -31.68
CA GLN E 83 -6.52 3.03 -32.24
C GLN E 83 -5.74 2.41 -33.39
N PRO E 84 -5.70 3.11 -34.55
CA PRO E 84 -4.95 2.58 -35.68
C PRO E 84 -3.43 2.52 -35.41
N GLU E 85 -2.86 3.55 -34.75
CA GLU E 85 -1.43 3.63 -34.40
C GLU E 85 -1.27 3.85 -32.93
N ALA E 86 -0.21 3.27 -32.37
CA ALA E 86 0.15 3.46 -30.95
C ALA E 86 1.13 4.62 -30.78
N HIS E 87 0.66 5.70 -30.13
CA HIS E 87 1.46 6.90 -29.92
C HIS E 87 1.78 6.98 -28.43
N LEU E 88 3.02 6.63 -28.07
CA LEU E 88 3.42 6.55 -26.65
C LEU E 88 4.66 7.36 -26.40
N TYR E 89 4.63 8.15 -25.31
CA TYR E 89 5.69 9.11 -25.00
C TYR E 89 6.01 9.05 -23.53
N GLN E 90 7.30 9.09 -23.23
CA GLN E 90 7.76 9.11 -21.87
C GLN E 90 7.87 10.53 -21.38
N ILE E 91 7.05 10.87 -20.39
CA ILE E 91 7.16 12.15 -19.75
C ILE E 91 7.02 12.00 -18.26
N ASP E 92 8.16 12.10 -17.57
CA ASP E 92 8.19 12.31 -16.11
C ASP E 92 8.01 13.82 -15.92
N VAL E 93 6.87 14.22 -15.37
CA VAL E 93 6.56 15.65 -15.19
C VAL E 93 7.38 16.33 -14.06
N GLN E 94 8.37 15.65 -13.48
CA GLN E 94 9.36 16.33 -12.65
C GLN E 94 10.43 17.06 -13.47
N SER E 95 10.50 16.78 -14.76
CA SER E 95 11.53 17.38 -15.62
C SER E 95 10.87 18.36 -16.58
N ASP E 96 11.30 19.62 -16.53
CA ASP E 96 10.82 20.60 -17.48
C ASP E 96 11.05 20.11 -18.89
N GLU E 97 12.31 19.69 -19.11
CA GLU E 97 12.88 19.27 -20.36
C GLU E 97 12.03 18.19 -21.01
N GLU E 98 11.53 17.22 -20.23
CA GLU E 98 10.72 16.11 -20.77
C GLU E 98 9.29 16.52 -21.14
N VAL E 99 8.72 17.46 -20.38
CA VAL E 99 7.39 17.95 -20.72
C VAL E 99 7.48 18.80 -22.00
N ILE E 100 8.42 19.74 -22.02
CA ILE E 100 8.66 20.56 -23.19
C ILE E 100 8.93 19.72 -24.46
N ASN E 101 9.95 18.85 -24.41
CA ASN E 101 10.33 18.01 -25.57
C ASN E 101 9.24 16.95 -25.92
N GLY E 102 8.61 16.36 -24.90
CA GLY E 102 7.54 15.38 -25.09
C GLY E 102 6.40 15.93 -25.94
N PHE E 103 5.82 17.06 -25.52
CA PHE E 103 4.80 17.75 -26.31
C PHE E 103 5.31 18.17 -27.71
N GLU E 104 6.56 18.62 -27.79
CA GLU E 104 7.09 19.10 -29.05
C GLU E 104 7.08 17.94 -30.01
N GLN E 105 7.42 16.76 -29.50
CA GLN E 105 7.39 15.56 -30.35
C GLN E 105 5.96 15.18 -30.73
N ILE E 106 5.04 15.32 -29.79
CA ILE E 106 3.62 14.99 -30.04
C ILE E 106 3.12 15.78 -31.25
N GLY E 107 3.37 17.09 -31.21
CA GLY E 107 3.08 18.01 -32.29
C GLY E 107 3.68 17.62 -33.64
N LYS E 108 4.95 17.22 -33.67
CA LYS E 108 5.58 16.78 -34.92
C LYS E 108 5.01 15.44 -35.42
N ASP E 109 4.71 14.51 -34.51
CA ASP E 109 4.14 13.23 -34.92
C ASP E 109 2.66 13.32 -35.32
N VAL E 110 1.79 13.92 -34.50
CA VAL E 110 0.33 13.91 -34.79
C VAL E 110 -0.35 15.27 -35.15
N GLY E 111 0.28 16.40 -34.82
CA GLY E 111 -0.33 17.68 -35.14
C GLY E 111 -0.92 18.42 -33.95
N ASN E 112 -1.86 19.31 -34.25
CA ASN E 112 -2.51 20.10 -33.20
C ASN E 112 -3.45 19.19 -32.46
N ILE E 113 -3.54 19.38 -31.16
CA ILE E 113 -4.43 18.57 -30.34
C ILE E 113 -5.63 19.36 -29.87
N ASP E 114 -6.62 18.67 -29.32
CA ASP E 114 -7.88 19.27 -28.93
C ASP E 114 -8.03 19.38 -27.41
N GLY E 115 -7.29 18.57 -26.65
CA GLY E 115 -7.16 18.75 -25.22
C GLY E 115 -6.22 17.76 -24.53
N VAL E 116 -6.09 17.87 -23.21
CA VAL E 116 -5.25 17.01 -22.41
C VAL E 116 -6.08 16.49 -21.22
N TYR E 117 -5.96 15.20 -20.93
CA TYR E 117 -6.55 14.66 -19.68
C TYR E 117 -5.39 14.44 -18.71
N HIS E 118 -5.42 15.07 -17.55
CA HIS E 118 -4.28 14.92 -16.64
C HIS E 118 -4.71 14.07 -15.45
N SER E 119 -3.99 12.96 -15.30
CA SER E 119 -4.29 11.93 -14.30
C SER E 119 -3.05 11.54 -13.47
N ILE E 120 -2.37 12.52 -12.87
CA ILE E 120 -1.04 12.28 -12.31
C ILE E 120 -1.03 12.85 -10.93
N ALA E 121 -0.51 12.07 -9.97
CA ALA E 121 -0.19 12.57 -8.66
C ALA E 121 0.84 11.69 -8.01
N PHE E 122 1.42 12.12 -6.88
CA PHE E 122 2.30 11.25 -6.16
C PHE E 122 2.63 11.84 -4.78
N ALA E 123 2.73 10.99 -3.76
CA ALA E 123 3.26 11.36 -2.46
C ALA E 123 4.08 10.18 -1.89
N ASN E 124 4.99 10.42 -0.94
CA ASN E 124 5.63 9.30 -0.25
C ASN E 124 4.64 8.63 0.67
N MET E 125 4.75 7.31 0.75
CA MET E 125 3.93 6.52 1.65
C MET E 125 3.90 7.04 3.09
N GLU E 126 5.05 7.42 3.67
CA GLU E 126 5.06 7.97 5.05
C GLU E 126 4.06 9.12 5.25
N ASP E 127 4.11 10.05 4.31
CA ASP E 127 3.33 11.25 4.31
C ASP E 127 1.88 10.96 3.88
N LEU E 128 1.44 9.71 3.85
CA LEU E 128 0.02 9.48 3.50
C LEU E 128 -0.92 8.90 4.58
N ARG E 129 -0.48 8.98 5.84
CA ARG E 129 -1.07 8.23 6.96
C ARG E 129 -0.40 8.64 8.30
N GLY E 130 -1.23 8.97 9.28
CA GLY E 130 -0.76 9.32 10.63
C GLY E 130 -0.94 10.80 10.74
N ARG E 131 0.10 11.51 11.21
CA ARG E 131 -0.09 12.90 11.61
C ARG E 131 0.40 13.89 10.55
N PHE E 132 -0.50 14.77 10.05
CA PHE E 132 -0.12 15.73 9.02
C PHE E 132 0.96 16.68 9.52
N SER E 133 0.86 17.03 10.79
CA SER E 133 1.76 17.98 11.36
C SER E 133 3.22 17.48 11.31
N GLU E 134 3.45 16.24 10.86
CA GLU E 134 4.82 15.70 10.87
C GLU E 134 5.44 15.63 9.48
N THR E 135 4.64 15.97 8.47
CA THR E 135 5.10 16.00 7.10
C THR E 135 6.43 16.75 7.06
N SER E 136 7.35 16.19 6.30
CA SER E 136 8.62 16.76 6.07
C SER E 136 8.49 17.72 4.90
N ARG E 137 9.39 18.70 4.85
CA ARG E 137 9.53 19.59 3.72
C ARG E 137 9.65 18.87 2.35
N GLU E 138 10.55 17.89 2.20
CA GLU E 138 10.79 17.31 0.88
C GLU E 138 9.53 16.56 0.46
N GLY E 139 8.91 15.87 1.42
CA GLY E 139 7.65 15.20 1.18
C GLY E 139 6.53 16.12 0.70
N PHE E 140 6.33 17.24 1.43
CA PHE E 140 5.36 18.26 1.07
C PHE E 140 5.58 18.87 -0.30
N LEU E 141 6.78 19.38 -0.54
CA LEU E 141 7.08 19.93 -1.84
C LEU E 141 7.04 18.91 -2.99
N LEU E 142 7.48 17.68 -2.74
CA LEU E 142 7.36 16.58 -3.72
C LEU E 142 5.89 16.36 -4.21
N ALA E 143 4.94 16.19 -3.28
CA ALA E 143 3.53 16.14 -3.66
C ALA E 143 3.02 17.38 -4.48
N GLN E 144 3.46 18.59 -4.11
CA GLN E 144 3.06 19.80 -4.90
C GLN E 144 3.59 19.81 -6.32
N ASP E 145 4.90 19.53 -6.46
CA ASP E 145 5.59 19.37 -7.73
C ASP E 145 4.83 18.47 -8.71
N ILE E 146 4.70 17.20 -8.32
CA ILE E 146 4.10 16.21 -9.19
C ILE E 146 2.60 16.39 -9.35
N SER E 147 1.93 16.72 -8.26
CA SER E 147 0.48 16.69 -8.22
C SER E 147 -0.23 17.98 -8.60
N SER E 148 0.50 19.06 -8.83
CA SER E 148 -0.10 20.37 -9.06
C SER E 148 0.72 21.20 -10.04
N TYR E 149 1.98 21.48 -9.72
CA TYR E 149 2.80 22.22 -10.66
C TYR E 149 2.78 21.52 -12.03
N SER E 150 2.74 20.19 -12.01
CA SER E 150 2.74 19.45 -13.25
C SER E 150 1.71 20.03 -14.21
N LEU E 151 0.54 20.46 -13.71
CA LEU E 151 -0.53 20.95 -14.59
C LEU E 151 -0.22 22.28 -15.29
N THR E 152 0.49 23.15 -14.59
CA THR E 152 0.82 24.48 -15.09
C THR E 152 1.77 24.38 -16.29
N ILE E 153 2.77 23.53 -16.14
CA ILE E 153 3.75 23.35 -17.19
C ILE E 153 3.21 22.50 -18.36
N VAL E 154 2.33 21.55 -18.09
CA VAL E 154 1.69 20.80 -19.15
C VAL E 154 0.80 21.75 -19.92
N ALA E 155 0.11 22.65 -19.20
CA ALA E 155 -0.82 23.58 -19.81
C ALA E 155 -0.05 24.48 -20.74
N HIS E 156 1.01 25.08 -20.22
CA HIS E 156 1.89 25.92 -21.05
C HIS E 156 2.37 25.19 -22.31
N GLU E 157 2.78 23.93 -22.18
CA GLU E 157 3.34 23.24 -23.33
C GLU E 157 2.26 22.80 -24.32
N ALA E 158 1.17 22.27 -23.76
CA ALA E 158 -0.05 21.92 -24.48
C ALA E 158 -0.62 23.07 -25.33
N LYS E 159 -0.64 24.27 -24.76
CA LYS E 159 -1.12 25.49 -25.40
C LYS E 159 -0.55 25.69 -26.80
N LYS E 160 0.74 25.40 -26.98
CA LYS E 160 1.47 25.51 -28.25
C LYS E 160 0.83 24.65 -29.38
N LEU E 161 0.12 23.61 -28.96
CA LEU E 161 -0.56 22.66 -29.85
C LEU E 161 -2.06 22.92 -29.97
N MET E 162 -2.55 23.97 -29.32
CA MET E 162 -3.96 24.30 -29.42
C MET E 162 -4.24 25.73 -29.94
N PRO E 163 -3.77 26.06 -31.17
CA PRO E 163 -3.91 27.45 -31.63
C PRO E 163 -5.35 27.88 -31.87
N GLU E 164 -6.26 26.92 -31.97
CA GLU E 164 -7.67 27.24 -32.12
C GLU E 164 -8.42 27.06 -30.80
N GLY E 165 -7.70 26.67 -29.74
CA GLY E 165 -8.29 26.50 -28.44
C GLY E 165 -8.51 25.04 -28.12
N GLY E 166 -8.97 24.78 -26.91
CA GLY E 166 -9.18 23.43 -26.49
C GLY E 166 -9.55 23.31 -25.03
N SER E 167 -9.34 22.11 -24.50
CA SER E 167 -9.89 21.76 -23.19
C SER E 167 -8.86 21.02 -22.37
N ILE E 168 -8.70 21.42 -21.12
CA ILE E 168 -7.79 20.73 -20.23
C ILE E 168 -8.48 20.33 -18.93
N VAL E 169 -8.29 19.08 -18.51
CA VAL E 169 -8.97 18.49 -17.35
C VAL E 169 -7.96 17.78 -16.44
N ALA E 170 -7.83 18.22 -15.20
CA ALA E 170 -7.11 17.51 -14.17
C ALA E 170 -8.09 16.63 -13.29
N THR E 171 -7.55 15.67 -12.54
CA THR E 171 -8.31 14.76 -11.66
C THR E 171 -8.02 15.14 -10.21
N THR E 172 -9.05 15.51 -9.45
CA THR E 172 -8.83 15.85 -8.06
C THR E 172 -9.68 15.02 -7.11
N TYR E 173 -9.57 15.33 -5.83
CA TYR E 173 -10.33 14.59 -4.90
C TYR E 173 -10.81 15.52 -3.86
N LEU E 174 -11.95 15.18 -3.30
CA LEU E 174 -12.59 15.82 -2.18
C LEU E 174 -11.72 16.18 -0.94
N GLY E 175 -10.62 15.47 -0.65
CA GLY E 175 -9.73 15.83 0.47
C GLY E 175 -8.93 17.14 0.23
N GLY E 176 -9.04 17.67 -0.99
CA GLY E 176 -8.60 19.02 -1.29
C GLY E 176 -9.63 20.11 -0.94
N GLU E 177 -10.86 19.76 -0.59
CA GLU E 177 -11.83 20.80 -0.25
C GLU E 177 -12.13 20.82 1.28
N PHE E 178 -11.93 19.67 1.91
CA PHE E 178 -12.20 19.40 3.33
C PHE E 178 -11.01 18.55 3.80
N ALA E 179 -10.54 18.76 5.02
CA ALA E 179 -9.62 17.84 5.65
C ALA E 179 -10.30 16.48 5.81
N VAL E 180 -9.64 15.44 5.34
CA VAL E 180 -10.09 14.05 5.42
C VAL E 180 -8.99 13.23 6.16
N GLN E 181 -9.32 12.36 7.10
CA GLN E 181 -8.28 11.51 7.75
C GLN E 181 -7.30 10.93 6.68
N ASN E 182 -6.03 10.81 7.05
CA ASN E 182 -5.01 10.17 6.18
C ASN E 182 -4.66 10.79 4.84
N TYR E 183 -5.60 11.37 4.08
CA TYR E 183 -5.21 11.87 2.75
C TYR E 183 -4.05 12.88 2.88
N ASN E 184 -3.99 13.52 4.06
CA ASN E 184 -2.87 14.35 4.48
C ASN E 184 -2.16 15.22 3.39
N VAL E 185 -0.87 14.98 3.12
CA VAL E 185 -0.13 15.82 2.16
C VAL E 185 -0.81 15.96 0.80
N MET E 186 -1.54 14.96 0.36
CA MET E 186 -2.21 15.00 -0.93
C MET E 186 -3.42 16.00 -0.97
N GLY E 187 -4.11 16.07 0.18
CA GLY E 187 -5.15 17.08 0.46
C GLY E 187 -4.66 18.47 0.08
N VAL E 188 -3.53 18.86 0.65
CA VAL E 188 -2.95 20.18 0.40
C VAL E 188 -2.57 20.31 -1.05
N ALA E 189 -2.13 19.21 -1.64
CA ALA E 189 -1.71 19.22 -2.98
C ALA E 189 -2.92 19.28 -3.90
N LYS E 190 -4.03 18.62 -3.51
CA LYS E 190 -5.27 18.72 -4.33
C LYS E 190 -5.92 20.11 -4.16
N ALA E 191 -5.78 20.73 -3.01
CA ALA E 191 -6.16 22.11 -2.83
C ALA E 191 -5.39 23.08 -3.81
N SER E 192 -4.09 22.94 -3.81
CA SER E 192 -3.23 23.64 -4.73
C SER E 192 -3.62 23.36 -6.22
N LEU E 193 -3.81 22.09 -6.61
CA LEU E 193 -4.29 21.73 -8.01
C LEU E 193 -5.62 22.48 -8.44
N GLU E 194 -6.56 22.45 -7.54
CA GLU E 194 -7.83 23.06 -7.80
C GLU E 194 -7.72 24.57 -8.04
N ALA E 195 -6.96 25.26 -7.21
CA ALA E 195 -6.67 26.68 -7.46
C ALA E 195 -5.96 26.84 -8.83
N ASN E 196 -4.95 25.97 -9.07
CA ASN E 196 -4.23 25.87 -10.32
C ASN E 196 -5.24 25.81 -11.42
N VAL E 197 -6.28 24.99 -11.27
CA VAL E 197 -7.28 24.99 -12.33
C VAL E 197 -7.92 26.36 -12.58
N LYS E 198 -8.29 27.10 -11.53
CA LYS E 198 -8.93 28.38 -11.69
C LYS E 198 -8.02 29.49 -12.25
N TYR E 199 -6.81 29.66 -11.68
CA TYR E 199 -5.82 30.57 -12.28
C TYR E 199 -5.46 30.18 -13.74
N LEU E 200 -5.31 28.90 -14.05
CA LEU E 200 -5.16 28.52 -15.49
C LEU E 200 -6.36 28.92 -16.38
N ALA E 201 -7.58 28.64 -15.90
CA ALA E 201 -8.84 28.98 -16.64
C ALA E 201 -8.85 30.45 -16.97
N LEU E 202 -8.44 31.25 -15.99
CA LEU E 202 -8.50 32.70 -16.06
C LEU E 202 -7.52 33.17 -17.12
N ASP E 203 -6.35 32.53 -17.13
CA ASP E 203 -5.23 32.96 -17.96
C ASP E 203 -5.37 32.49 -19.42
N LEU E 204 -5.76 31.24 -19.58
CA LEU E 204 -5.84 30.63 -20.91
C LEU E 204 -7.19 30.86 -21.58
N GLY E 205 -8.13 31.46 -20.81
CA GLY E 205 -9.52 31.71 -21.24
C GLY E 205 -9.58 32.56 -22.48
N PRO E 206 -8.82 33.65 -22.49
CA PRO E 206 -8.72 34.47 -23.69
C PRO E 206 -8.21 33.75 -24.93
N ASP E 207 -7.72 32.52 -24.79
CA ASP E 207 -7.13 31.77 -25.92
C ASP E 207 -8.04 30.64 -26.37
N ASN E 208 -9.28 30.70 -25.93
CA ASN E 208 -10.28 29.65 -26.11
C ASN E 208 -9.84 28.27 -25.56
N ILE E 209 -9.15 28.27 -24.41
CA ILE E 209 -8.76 27.00 -23.81
C ILE E 209 -9.40 26.87 -22.44
N ARG E 210 -10.22 25.84 -22.28
CA ARG E 210 -10.96 25.65 -21.01
C ARG E 210 -10.16 24.79 -20.07
N VAL E 211 -10.27 25.03 -18.75
CA VAL E 211 -9.57 24.23 -17.79
C VAL E 211 -10.49 23.90 -16.62
N ASN E 212 -10.69 22.62 -16.36
CA ASN E 212 -11.65 22.12 -15.35
C ASN E 212 -11.03 20.91 -14.62
N ALA E 213 -11.73 20.41 -13.62
CA ALA E 213 -11.31 19.23 -12.85
C ALA E 213 -12.48 18.31 -12.71
N ILE E 214 -12.18 17.03 -12.63
CA ILE E 214 -13.16 16.08 -12.15
C ILE E 214 -12.67 15.66 -10.78
N SER E 215 -13.52 15.82 -9.77
CA SER E 215 -13.30 15.29 -8.42
C SER E 215 -13.92 13.89 -8.32
N ALA E 216 -13.17 12.86 -8.68
CA ALA E 216 -13.68 11.50 -8.63
C ALA E 216 -13.88 11.03 -7.19
N GLY E 217 -14.92 10.21 -6.99
CA GLY E 217 -15.10 9.56 -5.70
C GLY E 217 -14.04 8.46 -5.63
N PRO E 218 -14.01 7.65 -4.54
CA PRO E 218 -12.88 6.70 -4.43
C PRO E 218 -12.99 5.40 -5.25
N ILE E 219 -11.85 4.91 -5.76
CA ILE E 219 -11.81 3.82 -6.75
C ILE E 219 -10.57 2.99 -6.52
N ARG E 220 -10.69 1.66 -6.52
CA ARG E 220 -9.53 0.82 -6.35
C ARG E 220 -8.53 1.04 -7.49
N THR E 221 -7.44 1.76 -7.21
CA THR E 221 -6.33 1.85 -8.17
C THR E 221 -5.06 1.48 -7.47
N LEU E 222 -3.97 1.40 -8.22
CA LEU E 222 -2.64 1.22 -7.66
C LEU E 222 -2.32 2.33 -6.62
N SER E 223 -2.51 3.60 -7.00
CA SER E 223 -2.23 4.72 -6.10
C SER E 223 -3.12 4.76 -4.87
N ALA E 224 -4.38 4.35 -5.00
CA ALA E 224 -5.22 4.14 -3.80
C ALA E 224 -4.64 3.25 -2.67
N LYS E 225 -3.69 2.38 -2.99
CA LYS E 225 -3.09 1.51 -2.02
C LYS E 225 -2.20 2.22 -0.99
N GLY E 226 -1.80 3.45 -1.28
CA GLY E 226 -1.08 4.26 -0.33
C GLY E 226 -1.92 5.23 0.50
N VAL E 227 -3.25 5.22 0.34
CA VAL E 227 -4.12 6.01 1.17
C VAL E 227 -4.55 5.17 2.40
N GLY E 228 -4.07 5.49 3.60
CA GLY E 228 -4.60 4.81 4.77
C GLY E 228 -6.13 4.71 4.79
N GLY E 229 -6.64 3.58 5.26
CA GLY E 229 -8.09 3.37 5.48
C GLY E 229 -8.95 3.40 4.24
N PHE E 230 -8.41 2.97 3.09
CA PHE E 230 -9.16 3.08 1.85
C PHE E 230 -10.43 2.27 1.85
N ASN E 231 -10.35 1.06 2.36
CA ASN E 231 -11.49 0.17 2.50
C ASN E 231 -12.64 0.86 3.23
N THR E 232 -12.34 1.51 4.37
CA THR E 232 -13.35 2.23 5.12
C THR E 232 -13.96 3.37 4.33
N ILE E 233 -13.17 3.99 3.45
CA ILE E 233 -13.65 5.13 2.65
C ILE E 233 -14.71 4.65 1.63
N LEU E 234 -14.39 3.57 0.92
CA LEU E 234 -15.22 3.01 -0.14
C LEU E 234 -16.59 2.63 0.43
N LYS E 235 -16.59 2.09 1.63
CA LYS E 235 -17.78 1.59 2.21
C LYS E 235 -18.58 2.74 2.75
N GLU E 236 -17.95 3.85 3.11
CA GLU E 236 -18.73 4.98 3.63
CA GLU E 236 -18.80 4.92 3.63
C GLU E 236 -19.57 5.56 2.49
N ILE E 237 -19.02 5.53 1.30
CA ILE E 237 -19.74 5.96 0.12
C ILE E 237 -20.98 5.09 -0.12
N GLU E 238 -20.88 3.78 0.07
CA GLU E 238 -22.00 2.88 -0.23
C GLU E 238 -23.14 3.19 0.68
N GLU E 239 -22.82 3.43 1.94
CA GLU E 239 -23.82 3.64 2.99
C GLU E 239 -24.45 5.03 3.04
N ARG E 240 -23.64 6.06 2.71
CA ARG E 240 -23.99 7.47 2.95
C ARG E 240 -24.28 8.29 1.73
N ALA E 241 -23.63 8.05 0.61
CA ALA E 241 -23.77 8.98 -0.50
C ALA E 241 -25.10 8.78 -1.16
N PRO E 242 -25.66 9.84 -1.74
CA PRO E 242 -26.97 9.82 -2.37
C PRO E 242 -27.24 8.64 -3.29
N LEU E 243 -26.32 8.31 -4.17
CA LEU E 243 -26.56 7.17 -5.04
C LEU E 243 -26.36 5.83 -4.35
N LYS E 244 -25.91 5.88 -3.09
CA LYS E 244 -25.69 4.66 -2.29
C LYS E 244 -24.81 3.56 -2.92
N ARG E 245 -23.69 3.94 -3.55
CA ARG E 245 -22.88 3.03 -4.35
C ARG E 245 -21.64 3.75 -4.77
N ASN E 246 -20.59 3.01 -5.13
CA ASN E 246 -19.38 3.61 -5.58
C ASN E 246 -19.39 3.80 -7.09
N VAL E 247 -18.64 4.81 -7.55
CA VAL E 247 -18.49 5.11 -9.00
C VAL E 247 -17.32 4.34 -9.58
N ASP E 248 -17.22 4.26 -10.91
CA ASP E 248 -16.01 3.63 -11.52
C ASP E 248 -15.28 4.55 -12.52
N GLN E 249 -14.19 4.06 -13.09
CA GLN E 249 -13.33 4.80 -13.97
C GLN E 249 -14.04 5.20 -15.28
N VAL E 250 -14.91 4.33 -15.79
CA VAL E 250 -15.69 4.65 -16.99
C VAL E 250 -16.65 5.85 -16.71
N GLU E 251 -17.25 5.89 -15.52
CA GLU E 251 -18.05 7.04 -15.09
C GLU E 251 -17.24 8.34 -15.17
N VAL E 252 -16.05 8.34 -14.58
CA VAL E 252 -15.12 9.45 -14.78
C VAL E 252 -14.88 9.70 -16.29
N GLY E 253 -14.42 8.70 -17.03
CA GLY E 253 -14.35 8.79 -18.48
C GLY E 253 -15.50 9.51 -19.15
N LYS E 254 -16.73 9.20 -18.74
CA LYS E 254 -17.89 9.84 -19.38
C LYS E 254 -17.99 11.36 -19.20
N THR E 255 -17.71 11.84 -17.98
CA THR E 255 -17.65 13.27 -17.68
C THR E 255 -16.42 13.94 -18.33
N ALA E 256 -15.29 13.23 -18.36
CA ALA E 256 -14.14 13.70 -19.12
C ALA E 256 -14.52 13.85 -20.62
N ALA E 257 -15.35 12.96 -21.16
CA ALA E 257 -15.79 13.18 -22.55
C ALA E 257 -16.59 14.47 -22.74
N TYR E 258 -17.45 14.79 -21.79
CA TYR E 258 -18.23 16.03 -21.83
C TYR E 258 -17.33 17.28 -21.63
N LEU E 259 -16.45 17.23 -20.64
CA LEU E 259 -15.48 18.31 -20.45
C LEU E 259 -14.53 18.55 -21.62
N LEU E 260 -14.27 17.54 -22.46
CA LEU E 260 -13.27 17.70 -23.54
C LEU E 260 -13.90 17.95 -24.91
N SER E 261 -15.22 17.89 -24.95
CA SER E 261 -15.93 18.19 -26.18
C SER E 261 -16.64 19.54 -26.05
N ASP E 262 -17.23 19.97 -27.16
CA ASP E 262 -17.92 21.24 -27.24
C ASP E 262 -19.24 21.25 -26.41
N LEU E 263 -19.68 20.09 -25.93
CA LEU E 263 -20.82 20.03 -25.03
C LEU E 263 -20.63 20.97 -23.85
N SER E 264 -19.41 21.02 -23.29
CA SER E 264 -19.15 21.91 -22.16
C SER E 264 -18.55 23.30 -22.57
N SER E 265 -18.94 23.82 -23.76
CA SER E 265 -18.44 25.13 -24.26
C SER E 265 -18.57 26.35 -23.30
N GLY E 266 -19.66 26.46 -22.54
CA GLY E 266 -19.72 27.57 -21.62
C GLY E 266 -19.02 27.42 -20.25
N VAL E 267 -18.25 26.33 -20.07
CA VAL E 267 -17.81 25.86 -18.76
C VAL E 267 -16.29 25.89 -18.60
N THR E 268 -15.81 26.71 -17.69
CA THR E 268 -14.37 26.68 -17.39
C THR E 268 -14.09 26.99 -15.89
N GLY E 269 -12.91 26.63 -15.40
CA GLY E 269 -12.60 26.76 -13.98
C GLY E 269 -13.54 26.01 -13.07
N GLU E 270 -14.15 24.96 -13.58
CA GLU E 270 -15.15 24.29 -12.80
C GLU E 270 -14.60 22.99 -12.22
N ASN E 271 -15.32 22.42 -11.26
CA ASN E 271 -14.91 21.18 -10.58
C ASN E 271 -16.12 20.25 -10.54
N ILE E 272 -16.22 19.28 -11.46
CA ILE E 272 -17.39 18.39 -11.51
C ILE E 272 -17.19 17.20 -10.60
N HIS E 273 -18.04 17.07 -9.60
CA HIS E 273 -17.91 15.95 -8.72
C HIS E 273 -18.59 14.75 -9.33
N VAL E 274 -17.84 13.65 -9.37
CA VAL E 274 -18.30 12.37 -9.90
C VAL E 274 -18.13 11.28 -8.83
N ASP E 275 -19.07 11.30 -7.92
CA ASP E 275 -18.83 10.69 -6.64
C ASP E 275 -20.13 10.30 -5.88
N SER E 276 -21.20 10.08 -6.65
CA SER E 276 -22.48 9.61 -6.11
C SER E 276 -23.21 10.58 -5.19
N GLY E 277 -22.99 11.89 -5.38
CA GLY E 277 -23.52 12.92 -4.48
C GLY E 277 -22.74 13.20 -3.19
N PHE E 278 -21.77 12.36 -2.87
CA PHE E 278 -21.03 12.51 -1.60
C PHE E 278 -20.66 13.94 -1.27
N HIS E 279 -20.26 14.75 -2.26
CA HIS E 279 -19.85 16.13 -1.96
C HIS E 279 -20.98 17.01 -1.36
N ALA E 280 -22.24 16.70 -1.69
CA ALA E 280 -23.35 17.54 -1.36
C ALA E 280 -23.92 17.27 0.04
N ILE E 281 -23.42 16.25 0.71
CA ILE E 281 -23.94 15.80 2.00
C ILE E 281 -22.92 15.87 3.13
N LYS E 282 -23.41 15.68 4.34
CA LYS E 282 -22.58 15.76 5.53
C LYS E 282 -23.15 14.87 6.69
N VAL F 28 -11.00 41.70 25.59
CA VAL F 28 -11.04 40.38 26.31
C VAL F 28 -10.30 40.41 27.67
N ASN F 29 -9.26 39.58 27.79
CA ASN F 29 -8.16 39.72 28.78
C ASN F 29 -7.02 38.70 28.57
N LEU F 30 -5.82 39.20 28.28
CA LEU F 30 -4.69 38.36 27.87
C LEU F 30 -3.44 38.49 28.73
N GLU F 31 -3.61 38.90 29.99
CA GLU F 31 -2.55 38.91 30.99
C GLU F 31 -2.26 37.47 31.34
N ASN F 32 -0.99 37.10 31.53
CA ASN F 32 -0.62 35.69 31.87
C ASN F 32 -0.59 34.76 30.65
N LYS F 33 -0.81 35.37 29.49
CA LYS F 33 -0.74 34.67 28.23
C LYS F 33 0.51 35.12 27.42
N THR F 34 1.03 34.24 26.56
CA THR F 34 2.23 34.51 25.76
C THR F 34 2.01 34.12 24.26
N TYR F 35 2.18 35.05 23.34
CA TYR F 35 2.05 34.72 21.91
C TYR F 35 3.34 34.98 21.15
N VAL F 36 3.61 34.11 20.19
CA VAL F 36 4.66 34.33 19.23
C VAL F 36 4.10 35.02 17.95
N ILE F 37 4.74 36.13 17.53
CA ILE F 37 4.31 36.83 16.32
C ILE F 37 5.38 36.80 15.24
N MET F 38 5.09 36.08 14.17
CA MET F 38 6.06 35.89 13.07
C MET F 38 5.68 36.80 11.89
N GLY F 39 6.59 37.65 11.43
CA GLY F 39 6.38 38.38 10.16
C GLY F 39 6.14 39.90 10.24
N ILE F 40 6.63 40.52 11.31
CA ILE F 40 6.73 41.95 11.38
C ILE F 40 8.00 42.30 10.62
N ALA F 41 7.91 43.32 9.77
CA ALA F 41 9.06 43.96 9.08
C ALA F 41 9.05 45.50 9.24
N ASN F 42 7.87 46.12 9.37
CA ASN F 42 7.82 47.56 9.64
C ASN F 42 6.51 47.94 10.32
N LYS F 43 6.32 49.23 10.56
CA LYS F 43 5.08 49.74 11.12
C LYS F 43 3.82 49.34 10.33
N ARG F 44 3.98 48.95 9.06
CA ARG F 44 2.82 48.60 8.18
C ARG F 44 2.58 47.09 8.03
N SER F 45 3.46 46.30 8.64
CA SER F 45 3.16 44.90 8.65
C SER F 45 1.79 44.61 9.33
N ILE F 46 0.97 43.80 8.66
CA ILE F 46 -0.29 43.28 9.28
C ILE F 46 0.01 42.73 10.67
N ALA F 47 1.16 42.08 10.80
CA ALA F 47 1.63 41.49 12.04
C ALA F 47 1.73 42.53 13.17
N PHE F 48 2.14 43.76 12.85
CA PHE F 48 2.21 44.82 13.85
C PHE F 48 0.82 45.27 14.25
N GLY F 49 -0.12 45.30 13.30
CA GLY F 49 -1.51 45.50 13.64
C GLY F 49 -1.89 44.47 14.69
N VAL F 50 -1.61 43.21 14.41
CA VAL F 50 -1.80 42.18 15.41
C VAL F 50 -1.12 42.50 16.77
N ALA F 51 0.04 43.15 16.75
CA ALA F 51 0.82 43.22 17.95
C ALA F 51 0.26 44.26 18.90
N LYS F 52 -0.02 45.46 18.40
CA LYS F 52 -0.64 46.55 19.18
C LYS F 52 -1.93 46.09 19.86
N VAL F 53 -2.69 45.25 19.19
CA VAL F 53 -3.87 44.71 19.80
C VAL F 53 -3.56 43.81 21.00
N LEU F 54 -2.84 42.72 20.79
CA LEU F 54 -2.47 41.86 21.93
C LEU F 54 -1.78 42.60 23.08
N ASP F 55 -0.75 43.38 22.75
CA ASP F 55 -0.03 44.13 23.72
C ASP F 55 -0.99 44.91 24.63
N GLN F 56 -1.95 45.61 23.99
CA GLN F 56 -2.93 46.47 24.64
C GLN F 56 -3.84 45.65 25.50
N LEU F 57 -4.04 44.38 25.11
CA LEU F 57 -4.83 43.44 25.91
C LEU F 57 -4.01 42.74 27.02
N GLY F 58 -2.79 43.21 27.27
CA GLY F 58 -1.96 42.60 28.33
C GLY F 58 -1.07 41.38 28.08
N ALA F 59 -1.11 40.80 26.87
CA ALA F 59 -0.26 39.64 26.55
C ALA F 59 1.28 39.86 26.59
N LYS F 60 2.03 38.83 26.98
CA LYS F 60 3.46 38.75 26.65
C LYS F 60 3.58 38.38 25.15
N LEU F 61 4.49 39.05 24.47
CA LEU F 61 4.73 38.94 23.04
C LEU F 61 6.19 38.66 22.78
N VAL F 62 6.43 37.68 21.91
CA VAL F 62 7.74 37.18 21.50
C VAL F 62 7.71 37.29 19.96
N PHE F 63 8.76 37.88 19.37
CA PHE F 63 8.72 38.21 17.95
C PHE F 63 9.75 37.44 17.13
N THR F 64 9.37 36.95 15.96
CA THR F 64 10.35 36.32 15.06
C THR F 64 10.56 37.11 13.73
N TYR F 65 11.81 37.17 13.28
CA TYR F 65 12.16 37.98 12.12
C TYR F 65 13.05 37.17 11.18
N ARG F 66 13.10 37.58 9.91
CA ARG F 66 14.11 37.03 9.00
C ARG F 66 15.37 37.92 8.68
N LYS F 67 15.16 39.09 8.07
CA LYS F 67 16.23 40.04 7.71
C LYS F 67 16.65 40.89 8.91
N GLU F 68 17.96 41.13 9.05
CA GLU F 68 18.48 42.05 10.08
C GLU F 68 17.68 43.35 10.17
N ARG F 69 17.23 43.81 9.01
CA ARG F 69 16.44 45.03 8.93
C ARG F 69 15.14 44.92 9.75
N SER F 70 14.47 43.79 9.61
CA SER F 70 13.24 43.55 10.33
C SER F 70 13.48 43.60 11.85
N ARG F 71 14.58 43.03 12.32
CA ARG F 71 14.91 43.13 13.73
C ARG F 71 15.04 44.58 14.13
N LYS F 72 15.74 45.36 13.30
CA LYS F 72 15.96 46.77 13.61
C LYS F 72 14.66 47.58 13.70
N GLU F 73 13.74 47.40 12.75
CA GLU F 73 12.42 48.04 12.85
C GLU F 73 11.65 47.61 14.12
N LEU F 74 11.64 46.30 14.41
CA LEU F 74 11.01 45.75 15.60
C LEU F 74 11.51 46.43 16.86
N GLU F 75 12.83 46.53 17.04
CA GLU F 75 13.42 47.09 18.25
C GLU F 75 12.91 48.52 18.50
N LYS F 76 12.83 49.25 17.41
CA LYS F 76 12.31 50.61 17.31
C LYS F 76 10.77 50.63 17.43
N LEU F 77 10.07 49.63 16.87
CA LEU F 77 8.61 49.61 16.98
C LEU F 77 8.16 49.23 18.36
N LEU F 78 8.96 48.39 19.03
CA LEU F 78 8.76 48.02 20.42
C LEU F 78 8.54 49.16 21.38
N GLU F 79 9.12 50.31 21.06
CA GLU F 79 9.12 51.50 21.96
C GLU F 79 7.72 52.06 22.23
N GLN F 80 6.76 51.79 21.33
CA GLN F 80 5.39 52.26 21.49
C GLN F 80 4.44 51.13 21.92
N LEU F 81 5.00 50.12 22.57
CA LEU F 81 4.22 49.02 23.12
C LEU F 81 4.58 48.91 24.61
N ASN F 82 3.62 48.59 25.46
CA ASN F 82 3.97 48.36 26.82
C ASN F 82 4.51 46.94 27.01
N GLN F 83 5.41 46.50 26.13
CA GLN F 83 6.19 45.28 26.41
C GLN F 83 7.43 45.62 27.24
N PRO F 84 7.60 44.95 28.39
CA PRO F 84 8.72 45.23 29.27
C PRO F 84 10.03 44.62 28.76
N GLU F 85 9.93 43.63 27.89
CA GLU F 85 11.10 42.86 27.48
C GLU F 85 11.00 42.61 25.99
N ALA F 86 12.06 42.94 25.28
CA ALA F 86 12.18 42.55 23.88
C ALA F 86 12.58 41.09 23.79
N HIS F 87 11.70 40.22 23.29
CA HIS F 87 12.12 38.86 22.98
C HIS F 87 12.17 38.72 21.47
N LEU F 88 13.35 38.75 20.87
CA LEU F 88 13.45 38.67 19.39
C LEU F 88 14.21 37.44 18.94
N TYR F 89 13.79 36.89 17.82
CA TYR F 89 14.31 35.61 17.37
C TYR F 89 14.42 35.63 15.86
N GLN F 90 15.60 35.26 15.37
CA GLN F 90 15.78 35.08 13.96
C GLN F 90 15.30 33.71 13.55
N ILE F 91 14.24 33.69 12.72
CA ILE F 91 13.78 32.46 12.10
C ILE F 91 13.42 32.67 10.62
N ASP F 92 14.33 32.22 9.76
CA ASP F 92 13.99 31.97 8.34
C ASP F 92 13.24 30.62 8.28
N VAL F 93 11.96 30.67 7.94
CA VAL F 93 11.17 29.42 7.84
C VAL F 93 11.61 28.46 6.74
N GLN F 94 12.59 28.83 5.93
CA GLN F 94 13.00 27.93 4.84
C GLN F 94 13.88 26.81 5.36
N SER F 95 14.39 27.03 6.58
CA SER F 95 15.32 26.12 7.21
C SER F 95 14.63 25.50 8.42
N ASP F 96 14.49 24.17 8.36
CA ASP F 96 14.02 23.38 9.46
C ASP F 96 14.78 23.71 10.76
N GLU F 97 16.12 23.78 10.67
CA GLU F 97 16.93 23.95 11.88
C GLU F 97 16.62 25.27 12.61
N GLU F 98 16.42 26.33 11.83
CA GLU F 98 16.05 27.61 12.40
C GLU F 98 14.69 27.62 13.11
N VAL F 99 13.71 26.90 12.57
CA VAL F 99 12.42 26.80 13.22
C VAL F 99 12.48 25.92 14.50
N ILE F 100 13.10 24.75 14.38
CA ILE F 100 13.33 23.87 15.52
C ILE F 100 14.13 24.52 16.66
N ASN F 101 15.30 25.07 16.34
CA ASN F 101 16.11 25.71 17.38
C ASN F 101 15.49 26.96 17.98
N GLY F 102 14.79 27.75 17.15
CA GLY F 102 14.18 29.02 17.58
C GLY F 102 13.13 28.81 18.64
N PHE F 103 12.13 28.00 18.29
CA PHE F 103 11.08 27.65 19.24
C PHE F 103 11.60 26.96 20.48
N GLU F 104 12.63 26.14 20.34
CA GLU F 104 13.19 25.48 21.52
C GLU F 104 13.79 26.54 22.45
N GLN F 105 14.45 27.52 21.85
CA GLN F 105 14.99 28.67 22.56
C GLN F 105 13.88 29.52 23.16
N ILE F 106 12.87 29.84 22.34
CA ILE F 106 11.69 30.56 22.81
C ILE F 106 11.16 29.89 24.07
N GLY F 107 11.15 28.57 24.04
CA GLY F 107 10.68 27.75 25.16
C GLY F 107 11.49 27.92 26.43
N LYS F 108 12.83 27.89 26.33
CA LYS F 108 13.68 28.15 27.50
C LYS F 108 13.67 29.62 27.98
N ASP F 109 13.39 30.58 27.12
CA ASP F 109 13.36 31.98 27.57
C ASP F 109 12.04 32.36 28.26
N VAL F 110 10.91 32.10 27.61
CA VAL F 110 9.61 32.42 28.17
C VAL F 110 8.82 31.21 28.68
N GLY F 111 9.25 30.00 28.38
CA GLY F 111 8.45 28.85 28.78
C GLY F 111 7.32 28.54 27.82
N ASN F 112 6.28 27.86 28.32
CA ASN F 112 5.05 27.60 27.53
C ASN F 112 4.35 28.84 26.91
N ILE F 113 3.82 28.69 25.70
CA ILE F 113 3.08 29.78 25.04
C ILE F 113 1.65 29.37 24.78
N ASP F 114 0.86 30.33 24.37
CA ASP F 114 -0.56 30.18 24.23
C ASP F 114 -1.00 30.09 22.80
N GLY F 115 -0.21 30.70 21.91
CA GLY F 115 -0.58 30.74 20.51
C GLY F 115 0.52 31.33 19.68
N VAL F 116 0.26 31.34 18.38
CA VAL F 116 1.17 31.75 17.34
C VAL F 116 0.38 32.54 16.27
N TYR F 117 0.90 33.71 15.90
CA TYR F 117 0.38 34.38 14.72
C TYR F 117 1.36 34.27 13.55
N HIS F 118 0.88 33.65 12.50
CA HIS F 118 1.70 33.43 11.33
C HIS F 118 1.34 34.45 10.26
N SER F 119 2.34 35.21 9.84
CA SER F 119 2.14 36.32 8.92
C SER F 119 3.25 36.41 7.89
N ILE F 120 3.53 35.30 7.18
CA ILE F 120 4.72 35.09 6.38
C ILE F 120 4.35 34.60 5.01
N ALA F 121 4.97 35.20 4.00
CA ALA F 121 4.74 34.80 2.64
C ALA F 121 5.78 35.40 1.72
N PHE F 122 6.01 34.76 0.57
CA PHE F 122 7.02 35.26 -0.38
C PHE F 122 6.84 34.65 -1.75
N ALA F 123 6.85 35.48 -2.77
CA ALA F 123 7.09 35.02 -4.14
C ALA F 123 8.01 36.01 -4.87
N ASN F 124 8.75 35.51 -5.84
CA ASN F 124 9.38 36.37 -6.83
C ASN F 124 8.37 37.23 -7.59
N MET F 125 8.72 38.52 -7.66
CA MET F 125 8.08 39.51 -8.48
C MET F 125 7.97 38.98 -9.85
N GLU F 126 9.01 38.26 -10.28
CA GLU F 126 9.15 37.78 -11.65
C GLU F 126 8.07 36.79 -12.01
N ASP F 127 7.68 35.96 -11.03
CA ASP F 127 6.53 35.04 -11.14
C ASP F 127 5.19 35.73 -10.89
N LEU F 128 5.13 36.70 -9.97
CA LEU F 128 3.88 37.43 -9.66
C LEU F 128 3.39 38.27 -10.87
N ARG F 129 4.33 38.80 -11.65
CA ARG F 129 3.93 39.65 -12.77
C ARG F 129 4.09 38.92 -14.10
N GLY F 130 3.34 37.85 -14.28
CA GLY F 130 3.43 37.13 -15.55
C GLY F 130 2.07 36.76 -16.14
N ARG F 131 2.09 35.69 -16.91
CA ARG F 131 0.89 34.96 -17.11
C ARG F 131 1.13 33.84 -16.11
N PHE F 132 0.10 33.46 -15.36
CA PHE F 132 0.24 32.35 -14.49
C PHE F 132 0.74 31.08 -15.22
N SER F 133 0.31 30.89 -16.47
CA SER F 133 0.68 29.69 -17.22
C SER F 133 2.19 29.64 -17.51
N GLU F 134 2.88 30.74 -17.25
CA GLU F 134 4.31 30.84 -17.51
C GLU F 134 5.15 30.72 -16.23
N THR F 135 4.54 30.38 -15.11
CA THR F 135 5.25 30.26 -13.84
C THR F 135 6.33 29.17 -13.84
N SER F 136 7.49 29.48 -13.28
CA SER F 136 8.60 28.53 -13.19
C SER F 136 8.36 27.55 -12.02
N ARG F 137 8.95 26.35 -12.13
CA ARG F 137 8.87 25.34 -11.06
C ARG F 137 9.48 25.85 -9.75
N GLU F 138 10.71 26.36 -9.85
CA GLU F 138 11.46 26.87 -8.71
C GLU F 138 10.62 27.92 -7.91
N GLY F 139 10.14 28.96 -8.61
CA GLY F 139 9.18 29.96 -8.06
C GLY F 139 7.82 29.48 -7.51
N PHE F 140 7.29 28.40 -8.11
CA PHE F 140 6.05 27.82 -7.64
C PHE F 140 6.33 27.12 -6.34
N LEU F 141 7.43 26.40 -6.31
CA LEU F 141 7.78 25.64 -5.12
C LEU F 141 8.16 26.59 -3.99
N LEU F 142 8.82 27.68 -4.36
CA LEU F 142 9.28 28.72 -3.45
C LEU F 142 8.12 29.34 -2.70
N ALA F 143 7.07 29.72 -3.44
CA ALA F 143 5.91 30.25 -2.80
C ALA F 143 5.19 29.21 -1.84
N GLN F 144 5.23 27.92 -2.19
CA GLN F 144 4.60 26.88 -1.34
C GLN F 144 5.38 26.67 -0.12
N ASP F 145 6.69 26.57 -0.31
CA ASP F 145 7.63 26.34 0.73
C ASP F 145 7.46 27.35 1.87
N ILE F 146 7.50 28.64 1.51
CA ILE F 146 7.53 29.75 2.48
C ILE F 146 6.13 30.10 3.00
N SER F 147 5.14 30.10 2.09
CA SER F 147 3.87 30.69 2.39
C SER F 147 2.84 29.67 2.76
N SER F 148 3.24 28.40 2.77
CA SER F 148 2.30 27.36 3.10
C SER F 148 2.94 26.30 3.93
N TYR F 149 4.01 25.68 3.40
CA TYR F 149 4.61 24.58 4.09
C TYR F 149 5.02 25.02 5.48
N SER F 150 5.41 26.28 5.63
CA SER F 150 5.95 26.71 6.89
C SER F 150 4.93 26.70 8.02
N LEU F 151 3.63 26.71 7.74
CA LEU F 151 2.70 26.67 8.84
C LEU F 151 2.85 25.31 9.52
N THR F 152 3.05 24.27 8.70
CA THR F 152 3.07 22.88 9.16
C THR F 152 4.21 22.66 10.16
N ILE F 153 5.40 23.13 9.81
CA ILE F 153 6.52 22.96 10.68
C ILE F 153 6.47 23.89 11.90
N VAL F 154 5.95 25.11 11.74
CA VAL F 154 5.79 26.00 12.91
C VAL F 154 4.87 25.34 13.94
N ALA F 155 3.76 24.77 13.43
CA ALA F 155 2.71 24.12 14.21
C ALA F 155 3.30 22.94 14.94
N HIS F 156 3.96 22.08 14.16
CA HIS F 156 4.74 21.00 14.76
C HIS F 156 5.65 21.49 15.90
N GLU F 157 6.38 22.60 15.71
CA GLU F 157 7.40 22.96 16.72
C GLU F 157 6.76 23.75 17.83
N ALA F 158 5.70 24.47 17.50
CA ALA F 158 4.95 25.29 18.51
C ALA F 158 4.13 24.46 19.53
N LYS F 159 3.60 23.34 19.08
CA LYS F 159 2.88 22.34 19.89
C LYS F 159 3.70 21.89 21.12
N LYS F 160 4.97 21.59 20.96
CA LYS F 160 5.85 21.30 22.09
C LYS F 160 5.70 22.28 23.25
N LEU F 161 5.43 23.54 22.93
CA LEU F 161 5.31 24.63 23.91
C LEU F 161 3.86 24.92 24.34
N MET F 162 2.95 24.05 23.92
CA MET F 162 1.58 24.18 24.27
C MET F 162 1.12 22.85 24.83
N PRO F 163 1.75 22.37 25.95
CA PRO F 163 1.39 21.05 26.49
C PRO F 163 -0.08 20.95 26.80
N GLU F 164 -0.73 22.06 27.17
CA GLU F 164 -2.17 22.02 27.41
C GLU F 164 -3.07 22.85 26.51
N GLY F 165 -2.65 23.08 25.27
CA GLY F 165 -3.51 23.79 24.31
C GLY F 165 -3.02 25.18 23.88
N GLY F 166 -3.67 25.70 22.86
CA GLY F 166 -3.21 26.88 22.18
C GLY F 166 -4.02 27.19 20.95
N SER F 167 -3.63 28.26 20.27
CA SER F 167 -4.28 28.70 19.05
C SER F 167 -3.25 29.24 18.06
N ILE F 168 -3.35 28.75 16.83
CA ILE F 168 -2.49 29.16 15.77
C ILE F 168 -3.31 29.85 14.65
N VAL F 169 -2.94 31.08 14.25
CA VAL F 169 -3.62 31.81 13.22
C VAL F 169 -2.66 32.17 12.14
N ALA F 170 -3.09 31.99 10.88
CA ALA F 170 -2.32 32.43 9.74
C ALA F 170 -3.07 33.44 8.84
N THR F 171 -2.38 33.93 7.84
CA THR F 171 -2.88 35.08 7.15
C THR F 171 -3.01 34.77 5.66
N THR F 172 -4.25 34.76 5.16
CA THR F 172 -4.51 34.39 3.80
C THR F 172 -5.26 35.53 3.05
N TYR F 173 -5.63 35.29 1.80
CA TYR F 173 -6.22 36.33 1.01
C TYR F 173 -7.32 35.77 0.08
N LEU F 174 -8.42 36.50 -0.09
CA LEU F 174 -9.45 36.00 -1.04
C LEU F 174 -8.85 35.31 -2.29
N GLY F 175 -7.65 35.67 -2.68
CA GLY F 175 -7.05 35.18 -3.92
C GLY F 175 -6.69 33.72 -3.91
N GLY F 176 -6.68 33.09 -2.71
CA GLY F 176 -6.65 31.61 -2.48
C GLY F 176 -7.95 30.83 -2.76
N GLU F 177 -9.07 31.52 -2.70
CA GLU F 177 -10.34 30.94 -3.03
C GLU F 177 -10.83 31.27 -4.46
N PHE F 178 -10.28 32.29 -5.12
CA PHE F 178 -10.70 32.65 -6.52
C PHE F 178 -9.53 33.07 -7.38
N ALA F 179 -9.70 32.96 -8.68
CA ALA F 179 -8.64 33.26 -9.53
C ALA F 179 -8.82 34.74 -9.69
N VAL F 180 -7.78 35.49 -9.36
CA VAL F 180 -7.89 36.91 -9.10
C VAL F 180 -6.80 37.48 -10.02
N GLN F 181 -7.00 38.65 -10.60
CA GLN F 181 -5.98 39.13 -11.54
C GLN F 181 -4.69 39.42 -10.77
N ASN F 182 -3.56 39.06 -11.41
CA ASN F 182 -2.15 39.24 -10.96
C ASN F 182 -1.62 38.50 -9.72
N TYR F 183 -2.44 37.70 -9.05
CA TYR F 183 -2.00 37.18 -7.77
C TYR F 183 -1.31 35.87 -8.07
N ASN F 184 -1.67 35.27 -9.22
CA ASN F 184 -0.87 34.18 -9.82
C ASN F 184 -0.37 33.07 -8.85
N VAL F 185 0.96 32.92 -8.74
CA VAL F 185 1.59 31.92 -7.90
C VAL F 185 1.20 32.04 -6.42
N MET F 186 0.89 33.25 -5.94
CA MET F 186 0.49 33.40 -4.54
C MET F 186 -0.94 32.92 -4.19
N GLY F 187 -1.87 32.97 -5.14
CA GLY F 187 -3.23 32.44 -4.94
C GLY F 187 -3.23 30.92 -4.75
N VAL F 188 -2.37 30.25 -5.54
CA VAL F 188 -2.18 28.80 -5.40
C VAL F 188 -1.55 28.52 -4.06
N ALA F 189 -0.65 29.38 -3.60
CA ALA F 189 0.06 29.10 -2.35
C ALA F 189 -0.95 29.32 -1.28
N LYS F 190 -1.89 30.25 -1.52
CA LYS F 190 -2.88 30.54 -0.43
C LYS F 190 -3.89 29.43 -0.33
N ALA F 191 -4.31 28.91 -1.48
CA ALA F 191 -5.23 27.78 -1.53
C ALA F 191 -4.67 26.63 -0.71
N SER F 192 -3.37 26.45 -0.88
CA SER F 192 -2.63 25.40 -0.20
C SER F 192 -2.54 25.75 1.29
N LEU F 193 -2.21 27.00 1.60
CA LEU F 193 -2.28 27.50 3.01
C LEU F 193 -3.66 27.24 3.65
N GLU F 194 -4.71 27.38 2.88
CA GLU F 194 -5.99 27.20 3.50
C GLU F 194 -6.30 25.75 3.89
N ALA F 195 -5.93 24.78 3.01
CA ALA F 195 -5.98 23.35 3.30
C ALA F 195 -5.11 22.96 4.47
N ASN F 196 -3.86 23.41 4.44
CA ASN F 196 -2.92 23.25 5.55
C ASN F 196 -3.61 23.59 6.89
N VAL F 197 -4.36 24.70 6.95
CA VAL F 197 -5.04 25.03 8.18
C VAL F 197 -6.10 23.98 8.65
N LYS F 198 -6.93 23.50 7.73
CA LYS F 198 -7.93 22.54 8.04
C LYS F 198 -7.35 21.18 8.49
N TYR F 199 -6.35 20.70 7.72
CA TYR F 199 -5.57 19.50 8.01
C TYR F 199 -4.85 19.72 9.32
N LEU F 200 -4.22 20.86 9.51
CA LEU F 200 -3.60 21.10 10.84
C LEU F 200 -4.67 21.04 11.92
N ALA F 201 -5.92 21.40 11.58
CA ALA F 201 -6.97 21.50 12.58
C ALA F 201 -7.39 20.13 13.05
N LEU F 202 -7.61 19.25 12.07
CA LEU F 202 -7.96 17.86 12.23
C LEU F 202 -6.87 17.12 13.05
N ASP F 203 -5.62 17.40 12.74
CA ASP F 203 -4.49 16.76 13.37
C ASP F 203 -4.39 17.20 14.82
N LEU F 204 -4.43 18.50 15.08
CA LEU F 204 -4.06 19.03 16.44
C LEU F 204 -5.24 19.22 17.38
N GLY F 205 -6.47 19.22 16.83
CA GLY F 205 -7.71 19.15 17.64
C GLY F 205 -7.58 18.44 19.00
N PRO F 206 -7.17 17.14 18.98
CA PRO F 206 -7.10 16.31 20.18
C PRO F 206 -6.12 16.81 21.24
N ASP F 207 -5.20 17.67 20.81
CA ASP F 207 -4.23 18.26 21.71
C ASP F 207 -4.75 19.58 22.25
N ASN F 208 -5.95 19.92 21.79
CA ASN F 208 -6.64 21.14 22.16
C ASN F 208 -6.00 22.40 21.50
N ILE F 209 -5.62 22.28 20.24
CA ILE F 209 -4.92 23.37 19.61
C ILE F 209 -5.78 23.76 18.41
N ARG F 210 -6.31 24.97 18.41
CA ARG F 210 -7.14 25.35 17.33
C ARG F 210 -6.27 25.90 16.19
N VAL F 211 -6.64 25.69 14.93
CA VAL F 211 -5.87 26.30 13.84
C VAL F 211 -6.83 26.96 12.89
N ASN F 212 -6.59 28.24 12.63
CA ASN F 212 -7.53 29.08 11.89
C ASN F 212 -6.76 30.08 10.97
N ALA F 213 -7.49 30.71 10.06
CA ALA F 213 -6.97 31.63 9.11
C ALA F 213 -7.80 32.90 9.20
N ILE F 214 -7.17 34.05 8.96
CA ILE F 214 -7.93 35.28 8.76
C ILE F 214 -7.75 35.65 7.29
N SER F 215 -8.83 35.76 6.54
CA SER F 215 -8.71 36.29 5.18
C SER F 215 -8.85 37.80 5.20
N ALA F 216 -7.70 38.44 5.10
CA ALA F 216 -7.61 39.89 5.14
C ALA F 216 -7.93 40.50 3.81
N GLY F 217 -8.59 41.66 3.84
CA GLY F 217 -8.66 42.52 2.68
C GLY F 217 -7.34 43.23 2.35
N PRO F 218 -7.22 43.74 1.11
CA PRO F 218 -5.98 44.40 0.71
C PRO F 218 -5.66 45.55 1.65
N ILE F 219 -4.38 45.68 2.06
CA ILE F 219 -3.85 46.73 2.96
C ILE F 219 -2.44 47.17 2.44
N ARG F 220 -2.17 48.48 2.39
CA ARG F 220 -0.89 48.96 1.88
C ARG F 220 0.27 48.51 2.74
N THR F 221 0.96 47.51 2.27
CA THR F 221 2.09 46.99 3.02
C THR F 221 3.28 46.85 2.09
N LEU F 222 4.41 46.50 2.68
CA LEU F 222 5.65 46.32 1.92
C LEU F 222 5.52 45.22 0.86
N SER F 223 4.82 44.14 1.18
CA SER F 223 4.69 42.99 0.30
C SER F 223 3.66 43.24 -0.75
N ALA F 224 2.66 44.04 -0.44
CA ALA F 224 1.72 44.54 -1.49
C ALA F 224 2.44 45.22 -2.66
N LYS F 225 3.64 45.77 -2.41
CA LYS F 225 4.32 46.36 -3.55
C LYS F 225 4.54 45.36 -4.72
N GLY F 226 4.46 44.06 -4.46
CA GLY F 226 4.86 43.09 -5.47
C GLY F 226 3.70 42.71 -6.35
N VAL F 227 2.51 43.03 -5.86
CA VAL F 227 1.23 42.70 -6.48
C VAL F 227 0.71 43.68 -7.52
N GLY F 228 0.85 43.29 -8.78
CA GLY F 228 0.21 44.01 -9.89
C GLY F 228 -1.12 44.56 -9.48
N GLY F 229 -1.40 45.78 -9.91
CA GLY F 229 -2.74 46.35 -9.84
C GLY F 229 -3.21 46.81 -8.49
N PHE F 230 -2.30 46.90 -7.51
CA PHE F 230 -2.74 47.11 -6.10
C PHE F 230 -3.72 48.28 -5.85
N ASN F 231 -3.38 49.47 -6.30
CA ASN F 231 -4.32 50.57 -6.30
C ASN F 231 -5.73 50.22 -6.76
N THR F 232 -5.86 49.57 -7.92
CA THR F 232 -7.14 49.27 -8.54
C THR F 232 -7.96 48.37 -7.65
N ILE F 233 -7.25 47.51 -6.91
CA ILE F 233 -7.83 46.58 -5.98
C ILE F 233 -8.37 47.39 -4.78
N LEU F 234 -7.53 48.15 -4.07
CA LEU F 234 -8.02 48.86 -2.89
C LEU F 234 -9.27 49.67 -3.22
N LYS F 235 -9.33 50.17 -4.44
CA LYS F 235 -10.41 51.07 -4.87
C LYS F 235 -11.66 50.27 -5.22
N GLU F 236 -11.48 49.14 -5.89
CA GLU F 236 -12.58 48.31 -6.32
C GLU F 236 -13.42 47.84 -5.09
N ILE F 237 -12.74 47.75 -3.94
CA ILE F 237 -13.31 47.37 -2.67
C ILE F 237 -14.17 48.47 -2.10
N GLU F 238 -13.61 49.68 -2.02
CA GLU F 238 -14.35 50.90 -1.68
C GLU F 238 -15.58 51.13 -2.53
N GLU F 239 -15.52 50.75 -3.80
CA GLU F 239 -16.68 50.86 -4.64
C GLU F 239 -17.72 49.76 -4.42
N ARG F 240 -17.27 48.58 -3.95
CA ARG F 240 -18.10 47.35 -4.02
C ARG F 240 -18.28 46.56 -2.71
N ALA F 241 -17.26 46.52 -1.86
CA ALA F 241 -17.37 45.86 -0.57
C ALA F 241 -18.56 46.48 0.15
N PRO F 242 -19.43 45.66 0.73
CA PRO F 242 -20.64 46.13 1.46
C PRO F 242 -20.45 47.36 2.36
N LEU F 243 -19.26 47.50 3.01
CA LEU F 243 -18.96 48.65 3.89
C LEU F 243 -18.31 49.79 3.14
N LYS F 244 -18.17 49.61 1.83
CA LYS F 244 -17.55 50.59 1.00
C LYS F 244 -16.34 51.24 1.69
N ARG F 245 -15.49 50.48 2.36
CA ARG F 245 -14.20 51.01 2.79
C ARG F 245 -13.20 49.84 2.78
N ASN F 246 -11.95 50.13 3.10
CA ASN F 246 -10.93 49.13 3.17
C ASN F 246 -10.69 48.97 4.67
N VAL F 247 -10.19 47.79 5.07
CA VAL F 247 -9.84 47.52 6.45
C VAL F 247 -8.41 47.92 6.67
N ASP F 248 -7.96 47.80 7.89
CA ASP F 248 -6.58 48.11 8.22
C ASP F 248 -6.05 47.02 9.14
N GLN F 249 -4.77 47.13 9.46
CA GLN F 249 -4.00 46.18 10.29
C GLN F 249 -4.59 45.94 11.63
N VAL F 250 -5.10 47.01 12.22
CA VAL F 250 -5.72 47.02 13.53
C VAL F 250 -7.00 46.15 13.56
N GLU F 251 -7.85 46.26 12.55
CA GLU F 251 -8.98 45.34 12.43
C GLU F 251 -8.58 43.84 12.29
N VAL F 252 -7.56 43.56 11.48
CA VAL F 252 -7.08 42.20 11.39
C VAL F 252 -6.67 41.72 12.80
N GLY F 253 -5.83 42.50 13.48
CA GLY F 253 -5.55 42.35 14.91
C GLY F 253 -6.70 42.07 15.89
N LYS F 254 -7.80 42.80 15.75
CA LYS F 254 -8.94 42.53 16.64
C LYS F 254 -9.50 41.13 16.47
N THR F 255 -9.67 40.64 15.23
CA THR F 255 -10.09 39.25 14.97
C THR F 255 -9.08 38.21 15.39
N ALA F 256 -7.80 38.49 15.16
CA ALA F 256 -6.66 37.72 15.74
C ALA F 256 -6.80 37.49 17.27
N ALA F 257 -6.99 38.56 18.03
CA ALA F 257 -7.21 38.40 19.45
C ALA F 257 -8.38 37.47 19.76
N TYR F 258 -9.48 37.58 18.99
CA TYR F 258 -10.61 36.66 19.18
C TYR F 258 -10.11 35.24 18.93
N LEU F 259 -9.45 35.05 17.81
CA LEU F 259 -9.00 33.74 17.36
C LEU F 259 -7.94 33.21 18.28
N LEU F 260 -7.00 34.06 18.71
CA LEU F 260 -5.95 33.67 19.67
C LEU F 260 -6.41 33.47 21.12
N SER F 261 -7.70 33.68 21.40
CA SER F 261 -8.11 33.62 22.80
C SER F 261 -9.31 32.74 22.98
N ASP F 262 -9.76 32.67 24.21
CA ASP F 262 -10.79 31.73 24.60
C ASP F 262 -12.16 32.14 24.06
N LEU F 263 -12.28 33.35 23.57
CA LEU F 263 -13.57 33.71 23.03
C LEU F 263 -13.89 32.85 21.83
N SER F 264 -12.89 32.31 21.18
CA SER F 264 -13.16 31.53 19.98
C SER F 264 -13.08 30.02 20.24
N SER F 265 -13.26 29.62 21.50
CA SER F 265 -12.99 28.24 21.91
C SER F 265 -13.68 27.16 21.09
N GLY F 266 -14.84 27.39 20.53
CA GLY F 266 -15.41 26.28 19.74
C GLY F 266 -14.99 26.27 18.29
N VAL F 267 -14.01 27.07 17.94
CA VAL F 267 -13.83 27.42 16.51
C VAL F 267 -12.51 26.96 15.91
N THR F 268 -12.58 26.19 14.83
CA THR F 268 -11.32 25.63 14.28
C THR F 268 -11.52 25.22 12.86
N GLY F 269 -10.43 25.31 12.10
CA GLY F 269 -10.44 24.97 10.70
C GLY F 269 -11.25 26.04 10.02
N GLU F 270 -11.53 27.14 10.73
CA GLU F 270 -12.35 28.22 10.14
C GLU F 270 -11.51 29.26 9.35
N ASN F 271 -12.12 29.86 8.33
CA ASN F 271 -11.46 30.96 7.59
C ASN F 271 -12.34 32.18 7.74
N ILE F 272 -11.93 33.11 8.61
CA ILE F 272 -12.69 34.33 8.91
C ILE F 272 -12.26 35.52 8.04
N HIS F 273 -13.20 36.07 7.26
CA HIS F 273 -12.89 37.14 6.30
C HIS F 273 -12.97 38.55 6.90
N VAL F 274 -11.82 39.23 6.99
CA VAL F 274 -11.82 40.62 7.54
C VAL F 274 -11.64 41.63 6.40
N ASP F 275 -12.70 41.79 5.64
CA ASP F 275 -12.55 42.35 4.30
C ASP F 275 -13.72 43.25 3.93
N SER F 276 -14.42 43.85 4.90
CA SER F 276 -15.56 44.64 4.53
C SER F 276 -16.74 43.88 3.88
N GLY F 277 -16.77 42.56 4.08
CA GLY F 277 -17.67 41.71 3.31
C GLY F 277 -17.46 41.49 1.81
N PHE F 278 -16.32 41.90 1.23
CA PHE F 278 -16.04 41.68 -0.21
C PHE F 278 -16.26 40.25 -0.65
N HIS F 279 -15.77 39.33 0.16
CA HIS F 279 -15.97 37.88 -0.03
C HIS F 279 -17.39 37.46 -0.26
N ALA F 280 -18.36 38.21 0.25
CA ALA F 280 -19.75 37.74 0.19
C ALA F 280 -20.44 38.18 -1.06
N ILE F 281 -19.75 38.95 -1.92
CA ILE F 281 -20.39 39.53 -3.10
C ILE F 281 -19.81 39.07 -4.42
N LYS F 282 -20.61 39.25 -5.49
CA LYS F 282 -20.13 39.15 -6.85
C LYS F 282 -20.55 40.42 -7.64
N VAL G 28 -13.18 43.46 24.54
CA VAL G 28 -14.63 43.03 24.52
C VAL G 28 -15.39 43.48 25.80
N ASN G 29 -15.33 44.81 26.07
CA ASN G 29 -16.12 45.48 27.12
C ASN G 29 -17.47 46.01 26.57
N LEU G 30 -18.59 45.61 27.18
CA LEU G 30 -19.92 45.93 26.63
C LEU G 30 -20.89 46.75 27.50
N GLU G 31 -20.34 47.59 28.38
CA GLU G 31 -21.12 48.59 29.12
C GLU G 31 -21.51 49.80 28.28
N ASN G 32 -22.73 50.28 28.47
CA ASN G 32 -23.33 51.38 27.68
C ASN G 32 -23.66 50.93 26.25
N LYS G 33 -23.90 49.62 26.10
CA LYS G 33 -24.32 49.04 24.84
C LYS G 33 -25.62 48.27 25.05
N THR G 34 -26.42 48.13 23.99
CA THR G 34 -27.77 47.60 24.10
C THR G 34 -28.13 46.63 22.99
N TYR G 35 -28.38 45.38 23.35
CA TYR G 35 -28.79 44.38 22.38
C TYR G 35 -30.15 43.82 22.68
N VAL G 36 -30.96 43.72 21.64
CA VAL G 36 -32.18 42.96 21.66
C VAL G 36 -31.86 41.49 21.36
N ILE G 37 -32.32 40.60 22.24
CA ILE G 37 -32.10 39.16 22.01
C ILE G 37 -33.39 38.45 21.72
N MET G 38 -33.50 37.90 20.54
CA MET G 38 -34.75 37.30 20.07
C MET G 38 -34.63 35.77 20.11
N GLY G 39 -35.55 35.09 20.81
CA GLY G 39 -35.61 33.63 20.81
C GLY G 39 -35.27 32.78 22.05
N ILE G 40 -35.25 33.35 23.25
CA ILE G 40 -35.12 32.54 24.47
C ILE G 40 -36.47 31.88 24.76
N ALA G 41 -36.46 30.57 25.04
CA ALA G 41 -37.63 29.80 25.55
C ALA G 41 -37.36 29.03 26.87
N ASN G 42 -36.09 28.73 27.15
CA ASN G 42 -35.74 28.17 28.46
C ASN G 42 -34.25 28.22 28.71
N LYS G 43 -33.79 27.76 29.88
CA LYS G 43 -32.35 27.75 30.26
C LYS G 43 -31.39 27.03 29.27
N ARG G 44 -31.95 26.20 28.39
CA ARG G 44 -31.18 25.43 27.40
C ARG G 44 -31.20 26.13 26.02
N SER G 45 -31.92 27.22 25.90
CA SER G 45 -31.90 27.96 24.68
C SER G 45 -30.53 28.53 24.27
N ILE G 46 -30.10 28.24 23.07
CA ILE G 46 -28.93 28.93 22.54
C ILE G 46 -28.91 30.47 22.78
N ALA G 47 -30.07 31.14 22.62
CA ALA G 47 -30.18 32.58 22.95
C ALA G 47 -29.77 32.88 24.41
N PHE G 48 -30.07 31.95 25.31
CA PHE G 48 -29.70 32.11 26.69
C PHE G 48 -28.20 32.03 26.97
N GLY G 49 -27.45 31.28 26.16
CA GLY G 49 -26.01 31.33 26.21
C GLY G 49 -25.50 32.71 25.79
N VAL G 50 -25.95 33.15 24.62
CA VAL G 50 -25.68 34.51 24.17
C VAL G 50 -25.94 35.49 25.30
N ALA G 51 -27.02 35.30 26.04
CA ALA G 51 -27.44 36.22 27.04
C ALA G 51 -26.46 36.23 28.20
N LYS G 52 -26.13 35.08 28.76
CA LYS G 52 -25.18 34.99 29.89
C LYS G 52 -23.86 35.71 29.64
N VAL G 53 -23.28 35.48 28.46
CA VAL G 53 -22.10 36.15 27.99
C VAL G 53 -22.33 37.65 27.86
N LEU G 54 -23.32 38.05 27.08
CA LEU G 54 -23.55 39.47 26.88
C LEU G 54 -23.71 40.22 28.21
N ASP G 55 -24.63 39.76 29.05
CA ASP G 55 -24.80 40.20 30.42
C ASP G 55 -23.52 40.36 31.23
N GLN G 56 -22.68 39.32 31.24
CA GLN G 56 -21.39 39.31 31.91
C GLN G 56 -20.57 40.46 31.39
N LEU G 57 -20.64 40.71 30.10
CA LEU G 57 -19.81 41.74 29.54
C LEU G 57 -20.31 43.17 29.86
N GLY G 58 -21.42 43.27 30.60
CA GLY G 58 -21.98 44.56 30.97
C GLY G 58 -23.00 45.21 30.05
N ALA G 59 -23.42 44.51 28.99
CA ALA G 59 -24.44 45.05 28.07
C ALA G 59 -25.76 45.13 28.77
N LYS G 60 -26.63 45.92 28.15
CA LYS G 60 -28.03 45.99 28.48
C LYS G 60 -28.75 45.19 27.40
N LEU G 61 -29.76 44.47 27.87
CA LEU G 61 -30.46 43.41 27.19
C LEU G 61 -31.97 43.66 27.28
N VAL G 62 -32.60 43.39 26.14
CA VAL G 62 -34.02 43.54 25.88
C VAL G 62 -34.33 42.18 25.19
N PHE G 63 -35.45 41.56 25.61
CA PHE G 63 -35.80 40.21 25.23
C PHE G 63 -37.16 40.12 24.53
N THR G 64 -37.15 39.47 23.37
CA THR G 64 -38.40 39.21 22.67
C THR G 64 -38.77 37.71 22.67
N TYR G 65 -39.97 37.39 23.09
CA TYR G 65 -40.42 36.00 23.11
C TYR G 65 -41.67 35.90 22.26
N ARG G 66 -42.15 34.67 22.06
CA ARG G 66 -43.46 34.49 21.42
C ARG G 66 -44.52 33.93 22.37
N LYS G 67 -44.24 32.80 22.99
CA LYS G 67 -45.24 32.07 23.76
C LYS G 67 -45.22 32.63 25.17
N GLU G 68 -46.41 32.82 25.76
CA GLU G 68 -46.46 33.34 27.10
CA GLU G 68 -46.57 33.22 27.14
C GLU G 68 -45.54 32.50 28.01
N ARG G 69 -45.42 31.21 27.77
CA ARG G 69 -44.54 30.36 28.57
C ARG G 69 -43.06 30.79 28.50
N SER G 70 -42.66 31.28 27.33
CA SER G 70 -41.30 31.79 27.16
C SER G 70 -41.04 33.08 27.99
N ARG G 71 -42.02 33.97 28.08
CA ARG G 71 -41.89 35.09 28.98
C ARG G 71 -41.74 34.63 30.44
N LYS G 72 -42.63 33.73 30.88
CA LYS G 72 -42.51 33.13 32.23
C LYS G 72 -41.15 32.48 32.52
N GLU G 73 -40.53 31.90 31.49
CA GLU G 73 -39.24 31.27 31.66
C GLU G 73 -38.14 32.37 31.69
N LEU G 74 -38.28 33.38 30.84
CA LEU G 74 -37.43 34.58 30.90
C LEU G 74 -37.45 35.26 32.27
N GLU G 75 -38.66 35.51 32.77
CA GLU G 75 -38.78 36.28 33.97
C GLU G 75 -37.87 35.72 35.05
N LYS G 76 -37.89 34.39 35.21
CA LYS G 76 -37.09 33.69 36.24
C LYS G 76 -35.59 33.52 35.94
N LEU G 77 -35.24 33.51 34.65
CA LEU G 77 -33.86 33.40 34.23
C LEU G 77 -33.20 34.73 34.41
N LEU G 78 -33.96 35.80 34.26
CA LEU G 78 -33.42 37.11 34.57
C LEU G 78 -32.88 37.24 36.02
N GLU G 79 -33.34 36.36 36.92
CA GLU G 79 -32.87 36.33 38.32
C GLU G 79 -31.38 36.11 38.45
N GLN G 80 -30.87 35.03 37.83
CA GLN G 80 -29.43 34.70 37.92
C GLN G 80 -28.57 35.48 36.91
N LEU G 81 -29.21 36.47 36.28
CA LEU G 81 -28.57 37.46 35.41
C LEU G 81 -28.38 38.77 36.18
N ASN G 82 -27.61 39.68 35.62
CA ASN G 82 -27.20 40.84 36.33
C ASN G 82 -27.81 42.08 35.73
N GLN G 83 -29.03 41.95 35.24
CA GLN G 83 -29.73 43.08 34.61
C GLN G 83 -30.69 43.71 35.62
N PRO G 84 -30.64 45.04 35.73
CA PRO G 84 -31.34 45.86 36.71
C PRO G 84 -32.86 45.95 36.50
N GLU G 85 -33.32 45.71 35.28
CA GLU G 85 -34.74 45.54 34.98
C GLU G 85 -34.97 44.70 33.75
N ALA G 86 -36.11 44.02 33.75
CA ALA G 86 -36.52 43.10 32.71
C ALA G 86 -37.09 43.94 31.61
N HIS G 87 -36.57 43.83 30.41
CA HIS G 87 -37.24 44.46 29.29
C HIS G 87 -37.73 43.34 28.39
N LEU G 88 -39.02 43.03 28.43
CA LEU G 88 -39.59 41.88 27.68
C LEU G 88 -40.67 42.24 26.64
N TYR G 89 -40.56 41.72 25.42
CA TYR G 89 -41.49 42.13 24.37
C TYR G 89 -42.01 40.94 23.55
N GLN G 90 -43.33 40.82 23.48
CA GLN G 90 -43.92 39.73 22.78
C GLN G 90 -43.82 39.98 21.29
N ILE G 91 -42.95 39.24 20.59
CA ILE G 91 -42.95 39.33 19.15
C ILE G 91 -43.06 37.93 18.52
N ASP G 92 -44.15 37.74 17.77
CA ASP G 92 -44.30 36.65 16.82
C ASP G 92 -43.90 37.18 15.44
N VAL G 93 -42.77 36.69 14.92
CA VAL G 93 -42.22 37.21 13.69
C VAL G 93 -43.06 36.95 12.41
N GLN G 94 -44.12 36.16 12.52
CA GLN G 94 -45.03 35.99 11.37
C GLN G 94 -45.92 37.22 11.11
N SER G 95 -45.98 38.11 12.09
CA SER G 95 -46.81 39.31 12.04
C SER G 95 -45.92 40.54 11.86
N ASP G 96 -46.13 41.26 10.75
CA ASP G 96 -45.41 42.47 10.48
C ASP G 96 -45.68 43.46 11.60
N GLU G 97 -46.97 43.69 11.89
CA GLU G 97 -47.36 44.66 12.90
C GLU G 97 -46.69 44.36 14.24
N GLU G 98 -46.56 43.10 14.61
CA GLU G 98 -45.93 42.77 15.87
C GLU G 98 -44.44 43.15 15.92
N VAL G 99 -43.71 42.83 14.86
CA VAL G 99 -42.31 43.20 14.69
C VAL G 99 -42.17 44.75 14.65
N ILE G 100 -42.97 45.40 13.77
CA ILE G 100 -42.97 46.86 13.58
C ILE G 100 -43.23 47.56 14.91
N ASN G 101 -44.37 47.22 15.53
CA ASN G 101 -44.79 47.77 16.83
C ASN G 101 -43.87 47.41 18.00
N GLY G 102 -43.26 46.23 17.95
CA GLY G 102 -42.37 45.79 19.03
C GLY G 102 -41.05 46.56 19.08
N PHE G 103 -40.42 46.70 17.92
CA PHE G 103 -39.16 47.42 17.84
C PHE G 103 -39.37 48.87 18.12
N GLU G 104 -40.39 49.42 17.48
CA GLU G 104 -40.78 50.79 17.78
C GLU G 104 -41.05 51.04 19.27
N GLN G 105 -41.67 50.08 19.94
CA GLN G 105 -41.91 50.18 21.38
C GLN G 105 -40.65 49.93 22.20
N ILE G 106 -39.73 49.12 21.66
CA ILE G 106 -38.46 48.81 22.30
C ILE G 106 -37.61 50.06 22.31
N GLY G 107 -37.71 50.80 21.20
CA GLY G 107 -36.97 52.03 20.96
C GLY G 107 -37.37 53.16 21.87
N LYS G 108 -38.65 53.21 22.24
CA LYS G 108 -39.16 54.25 23.16
C LYS G 108 -38.78 54.04 24.61
N ASP G 109 -38.65 52.78 25.02
CA ASP G 109 -38.34 52.45 26.40
C ASP G 109 -36.84 52.49 26.78
N VAL G 110 -35.97 52.02 25.88
CA VAL G 110 -34.52 52.00 26.09
C VAL G 110 -33.72 52.96 25.19
N GLY G 111 -34.33 53.46 24.11
CA GLY G 111 -33.58 54.28 23.15
C GLY G 111 -32.93 53.41 22.08
N ASN G 112 -31.79 53.87 21.55
CA ASN G 112 -31.11 53.19 20.42
C ASN G 112 -30.28 51.98 20.82
N ILE G 113 -30.31 50.96 19.96
CA ILE G 113 -29.63 49.73 20.28
C ILE G 113 -28.39 49.63 19.43
N ASP G 114 -27.59 48.62 19.69
CA ASP G 114 -26.34 48.42 18.98
C ASP G 114 -26.39 47.18 18.13
N GLY G 115 -27.43 46.39 18.35
CA GLY G 115 -27.42 45.06 17.81
C GLY G 115 -28.61 44.21 18.19
N VAL G 116 -28.78 43.17 17.40
CA VAL G 116 -29.78 42.16 17.59
C VAL G 116 -29.08 40.81 17.43
N TYR G 117 -29.38 39.87 18.35
CA TYR G 117 -29.11 38.44 18.14
C TYR G 117 -30.39 37.74 17.75
N HIS G 118 -30.40 37.09 16.61
CA HIS G 118 -31.64 36.45 16.20
C HIS G 118 -31.49 34.95 16.24
N SER G 119 -32.45 34.32 16.90
CA SER G 119 -32.28 32.93 17.32
C SER G 119 -33.60 32.17 17.14
N ILE G 120 -34.18 32.32 15.95
CA ILE G 120 -35.56 31.94 15.73
C ILE G 120 -35.69 31.05 14.53
N ALA G 121 -36.31 29.89 14.76
CA ALA G 121 -36.68 29.05 13.66
C ALA G 121 -37.86 28.16 14.08
N PHE G 122 -38.52 27.57 13.09
CA PHE G 122 -39.60 26.68 13.35
C PHE G 122 -39.92 25.93 12.08
N ALA G 123 -40.24 24.64 12.23
CA ALA G 123 -40.79 23.82 11.15
C ALA G 123 -41.63 22.75 11.80
N ASN G 124 -42.68 22.32 11.10
CA ASN G 124 -43.55 21.23 11.52
C ASN G 124 -42.80 19.94 11.78
N MET G 125 -43.09 19.22 12.86
CA MET G 125 -42.34 18.01 13.09
C MET G 125 -42.47 17.00 11.97
N GLU G 126 -43.68 16.77 11.48
CA GLU G 126 -43.87 15.97 10.25
C GLU G 126 -42.69 16.20 9.25
N ASP G 127 -42.52 17.45 8.81
CA ASP G 127 -41.45 17.87 7.90
C ASP G 127 -40.03 17.85 8.52
N LEU G 128 -39.76 17.00 9.53
CA LEU G 128 -38.39 17.00 10.09
C LEU G 128 -37.69 15.63 10.19
N ARG G 129 -38.17 14.71 9.33
CA ARG G 129 -37.82 13.28 9.35
C ARG G 129 -38.50 12.63 8.14
N GLY G 130 -38.07 11.43 7.78
CA GLY G 130 -38.59 10.78 6.55
C GLY G 130 -38.11 11.51 5.28
N ARG G 131 -38.98 11.68 4.28
CA ARG G 131 -38.51 12.05 2.94
C ARG G 131 -38.84 13.47 2.60
N PHE G 132 -37.78 14.22 2.31
CA PHE G 132 -37.88 15.58 1.93
C PHE G 132 -38.71 15.80 0.65
N SER G 133 -38.73 14.83 -0.26
CA SER G 133 -39.59 14.95 -1.45
C SER G 133 -41.12 14.94 -1.14
N GLU G 134 -41.49 14.52 0.08
CA GLU G 134 -42.90 14.41 0.50
C GLU G 134 -43.42 15.69 1.21
N THR G 135 -42.57 16.72 1.29
CA THR G 135 -42.86 17.98 2.02
C THR G 135 -44.04 18.77 1.39
N SER G 136 -44.93 19.26 2.27
CA SER G 136 -46.05 20.10 1.84
C SER G 136 -45.62 21.54 1.63
N ARG G 137 -46.30 22.20 0.68
CA ARG G 137 -46.12 23.62 0.37
C ARG G 137 -46.21 24.51 1.63
N GLU G 138 -47.25 24.28 2.40
CA GLU G 138 -47.52 25.13 3.53
C GLU G 138 -46.39 24.99 4.57
N GLY G 139 -45.90 23.77 4.71
CA GLY G 139 -44.83 23.43 5.64
C GLY G 139 -43.48 23.93 5.20
N PHE G 140 -43.26 23.93 3.88
CA PHE G 140 -42.11 24.59 3.29
C PHE G 140 -42.13 26.09 3.53
N LEU G 141 -43.26 26.74 3.26
CA LEU G 141 -43.32 28.19 3.42
C LEU G 141 -43.42 28.59 4.89
N LEU G 142 -43.96 27.73 5.74
CA LEU G 142 -43.94 28.02 7.15
C LEU G 142 -42.52 28.24 7.61
N ALA G 143 -41.66 27.28 7.29
CA ALA G 143 -40.26 27.36 7.73
C ALA G 143 -39.50 28.52 7.07
N GLN G 144 -39.81 28.83 5.79
CA GLN G 144 -39.14 29.97 5.13
C GLN G 144 -39.51 31.27 5.86
N ASP G 145 -40.81 31.39 6.18
CA ASP G 145 -41.40 32.54 6.78
C ASP G 145 -40.80 32.78 8.16
N ILE G 146 -40.86 31.79 9.04
CA ILE G 146 -40.44 32.03 10.40
C ILE G 146 -38.92 32.08 10.51
N SER G 147 -38.22 31.25 9.73
CA SER G 147 -36.81 30.94 9.97
C SER G 147 -35.85 31.79 9.14
N SER G 148 -36.36 32.40 8.08
CA SER G 148 -35.54 33.21 7.19
C SER G 148 -36.18 34.56 6.96
N TYR G 149 -37.46 34.57 6.57
CA TYR G 149 -38.02 35.87 6.19
C TYR G 149 -37.91 36.86 7.33
N SER G 150 -38.03 36.35 8.55
CA SER G 150 -38.05 37.20 9.73
C SER G 150 -36.77 38.00 9.91
N LEU G 151 -35.66 37.47 9.41
CA LEU G 151 -34.44 38.19 9.61
C LEU G 151 -34.55 39.56 8.92
N THR G 152 -35.14 39.54 7.74
CA THR G 152 -35.17 40.65 6.81
C THR G 152 -35.99 41.76 7.41
N ILE G 153 -37.15 41.42 7.95
CA ILE G 153 -38.02 42.42 8.51
C ILE G 153 -37.53 42.88 9.89
N VAL G 154 -36.97 42.00 10.72
CA VAL G 154 -36.32 42.45 11.96
C VAL G 154 -35.25 43.48 11.59
N ALA G 155 -34.42 43.20 10.57
CA ALA G 155 -33.34 44.11 10.18
C ALA G 155 -33.86 45.51 9.85
N HIS G 156 -34.79 45.53 8.90
CA HIS G 156 -35.47 46.73 8.46
C HIS G 156 -36.08 47.54 9.61
N GLU G 157 -36.73 46.91 10.59
CA GLU G 157 -37.18 47.64 11.79
C GLU G 157 -36.02 48.00 12.68
N ALA G 158 -35.18 47.06 13.04
CA ALA G 158 -34.09 47.37 13.96
C ALA G 158 -33.12 48.44 13.44
N LYS G 159 -32.94 48.51 12.13
CA LYS G 159 -32.14 49.58 11.51
C LYS G 159 -32.58 50.96 12.03
N LYS G 160 -33.91 51.18 12.11
CA LYS G 160 -34.51 52.43 12.62
C LYS G 160 -33.96 52.87 13.97
N LEU G 161 -33.55 51.91 14.78
CA LEU G 161 -32.91 52.14 16.08
C LEU G 161 -31.37 52.14 16.13
N MET G 162 -30.73 52.23 14.98
CA MET G 162 -29.29 52.23 14.93
C MET G 162 -28.80 53.30 13.95
N PRO G 163 -29.03 54.59 14.28
CA PRO G 163 -28.57 55.67 13.35
C PRO G 163 -27.04 55.76 13.18
N GLU G 164 -26.29 55.23 14.14
CA GLU G 164 -24.81 55.25 14.19
C GLU G 164 -24.14 53.90 13.81
N GLY G 165 -24.95 52.97 13.30
CA GLY G 165 -24.47 51.64 12.99
C GLY G 165 -24.85 50.60 14.05
N GLY G 166 -24.54 49.36 13.75
CA GLY G 166 -24.95 48.24 14.56
C GLY G 166 -24.39 46.93 14.10
N SER G 167 -24.95 45.85 14.66
CA SER G 167 -24.54 44.47 14.37
C SER G 167 -25.71 43.50 14.49
N ILE G 168 -25.92 42.68 13.45
CA ILE G 168 -26.98 41.67 13.46
C ILE G 168 -26.41 40.27 13.21
N VAL G 169 -26.81 39.32 14.06
CA VAL G 169 -26.30 37.99 14.06
C VAL G 169 -27.48 37.04 14.13
N ALA G 170 -27.58 36.14 13.14
CA ALA G 170 -28.56 35.03 13.17
C ALA G 170 -27.93 33.60 13.30
N THR G 171 -28.79 32.59 13.54
CA THR G 171 -28.28 31.31 13.95
C THR G 171 -28.66 30.27 12.91
N THR G 172 -27.63 29.73 12.27
CA THR G 172 -27.78 28.75 11.22
C THR G 172 -27.16 27.40 11.62
N TYR G 173 -27.19 26.44 10.74
CA TYR G 173 -26.57 25.14 11.02
C TYR G 173 -26.01 24.57 9.71
N LEU G 174 -24.99 23.74 9.83
CA LEU G 174 -24.42 23.01 8.69
C LEU G 174 -25.40 22.49 7.64
N GLY G 175 -26.60 22.13 8.06
CA GLY G 175 -27.62 21.58 7.19
C GLY G 175 -28.06 22.55 6.10
N GLY G 176 -27.79 23.86 6.29
CA GLY G 176 -27.97 24.92 5.27
C GLY G 176 -26.93 24.93 4.12
N GLU G 177 -25.83 24.22 4.31
CA GLU G 177 -24.76 24.16 3.33
C GLU G 177 -24.59 22.74 2.73
N PHE G 178 -25.03 21.70 3.45
CA PHE G 178 -25.01 20.30 2.95
C PHE G 178 -26.33 19.59 3.19
N ALA G 179 -26.69 18.64 2.33
CA ALA G 179 -27.91 17.92 2.56
C ALA G 179 -27.57 16.95 3.66
N VAL G 180 -28.17 17.17 4.80
CA VAL G 180 -27.94 16.41 6.02
C VAL G 180 -29.22 15.60 6.17
N GLN G 181 -29.14 14.44 6.79
CA GLN G 181 -30.30 13.58 6.81
C GLN G 181 -31.26 14.10 7.89
N ASN G 182 -32.56 13.89 7.64
CA ASN G 182 -33.69 14.31 8.50
C ASN G 182 -34.03 15.77 8.49
N TYR G 183 -33.00 16.63 8.38
CA TYR G 183 -33.14 18.06 8.53
C TYR G 183 -33.99 18.70 7.45
N ASN G 184 -34.01 18.11 6.26
CA ASN G 184 -35.11 18.41 5.30
C ASN G 184 -35.57 19.88 5.16
N VAL G 185 -36.83 20.18 5.49
CA VAL G 185 -37.38 21.53 5.26
C VAL G 185 -36.50 22.65 5.88
N MET G 186 -36.01 22.47 7.12
CA MET G 186 -35.10 23.42 7.73
C MET G 186 -33.76 23.67 7.05
N GLY G 187 -33.17 22.66 6.41
CA GLY G 187 -31.93 22.90 5.68
C GLY G 187 -32.19 23.92 4.55
N VAL G 188 -33.31 23.75 3.86
CA VAL G 188 -33.64 24.71 2.83
C VAL G 188 -33.91 26.04 3.48
N ALA G 189 -34.62 26.06 4.60
CA ALA G 189 -34.89 27.33 5.26
C ALA G 189 -33.53 27.88 5.61
N LYS G 190 -32.65 27.04 6.12
CA LYS G 190 -31.37 27.61 6.61
C LYS G 190 -30.53 28.14 5.48
N ALA G 191 -30.64 27.54 4.30
CA ALA G 191 -29.84 27.99 3.21
C ALA G 191 -30.29 29.39 2.87
N SER G 192 -31.60 29.56 2.99
CA SER G 192 -32.25 30.82 2.62
C SER G 192 -31.77 31.88 3.57
N LEU G 193 -31.72 31.50 4.85
CA LEU G 193 -31.20 32.35 5.90
C LEU G 193 -29.79 32.82 5.58
N GLU G 194 -28.98 31.94 5.10
CA GLU G 194 -27.62 32.30 4.93
C GLU G 194 -27.46 33.30 3.76
N ALA G 195 -28.20 33.12 2.67
CA ALA G 195 -28.21 34.05 1.57
C ALA G 195 -28.80 35.41 1.96
N ASN G 196 -29.75 35.37 2.91
CA ASN G 196 -30.41 36.52 3.52
C ASN G 196 -29.36 37.45 4.20
N VAL G 197 -28.57 36.86 5.09
CA VAL G 197 -27.57 37.54 5.82
C VAL G 197 -26.64 38.27 4.85
N LYS G 198 -26.22 37.56 3.80
CA LYS G 198 -25.35 38.14 2.79
C LYS G 198 -25.98 39.32 2.08
N TYR G 199 -27.26 39.17 1.66
CA TYR G 199 -27.97 40.28 1.02
C TYR G 199 -28.21 41.44 2.01
N LEU G 200 -28.69 41.15 3.22
CA LEU G 200 -28.80 42.21 4.23
C LEU G 200 -27.43 42.85 4.45
N ALA G 201 -26.36 42.08 4.59
CA ALA G 201 -25.06 42.68 4.68
C ALA G 201 -24.74 43.67 3.53
N LEU G 202 -25.03 43.26 2.27
CA LEU G 202 -24.91 44.19 1.09
C LEU G 202 -25.78 45.45 1.25
N ASP G 203 -27.06 45.26 1.52
CA ASP G 203 -28.03 46.38 1.66
C ASP G 203 -27.60 47.38 2.73
N LEU G 204 -27.14 46.89 3.88
CA LEU G 204 -27.02 47.71 5.09
C LEU G 204 -25.59 48.15 5.46
N GLY G 205 -24.60 47.73 4.67
CA GLY G 205 -23.18 48.14 4.86
C GLY G 205 -22.97 49.65 4.92
N PRO G 206 -23.52 50.40 3.94
CA PRO G 206 -23.36 51.87 3.91
C PRO G 206 -23.91 52.58 5.16
N ASP G 207 -24.74 51.87 5.92
CA ASP G 207 -25.39 52.43 7.08
C ASP G 207 -24.66 52.05 8.33
N ASN G 208 -23.47 51.51 8.11
CA ASN G 208 -22.64 50.91 9.15
C ASN G 208 -23.28 49.78 9.95
N ILE G 209 -24.10 48.95 9.31
CA ILE G 209 -24.71 47.83 10.06
C ILE G 209 -24.11 46.52 9.57
N ARG G 210 -23.34 45.82 10.40
CA ARG G 210 -22.88 44.48 10.00
C ARG G 210 -23.95 43.33 10.16
N VAL G 211 -23.87 42.28 9.34
CA VAL G 211 -24.85 41.17 9.36
C VAL G 211 -24.14 39.82 9.16
N ASN G 212 -24.29 38.93 10.13
CA ASN G 212 -23.49 37.75 10.20
C ASN G 212 -24.30 36.63 10.82
N ALA G 213 -23.80 35.40 10.69
CA ALA G 213 -24.47 34.19 11.10
C ALA G 213 -23.44 33.44 11.89
N ILE G 214 -23.91 32.67 12.86
CA ILE G 214 -23.08 31.66 13.48
C ILE G 214 -23.70 30.33 13.08
N SER G 215 -22.92 29.46 12.46
CA SER G 215 -23.30 28.03 12.27
C SER G 215 -22.85 27.23 13.48
N ALA G 216 -23.80 27.04 14.39
CA ALA G 216 -23.60 26.31 15.62
C ALA G 216 -23.61 24.81 15.38
N GLY G 217 -22.73 24.11 16.11
CA GLY G 217 -22.84 22.67 16.20
C GLY G 217 -24.08 22.25 16.99
N PRO G 218 -24.39 20.94 16.93
CA PRO G 218 -25.66 20.50 17.53
C PRO G 218 -25.59 20.64 19.04
N ILE G 219 -26.63 21.26 19.62
CA ILE G 219 -26.74 21.46 21.05
C ILE G 219 -28.12 21.05 21.54
N ARG G 220 -28.14 20.29 22.64
CA ARG G 220 -29.35 19.80 23.23
C ARG G 220 -30.32 20.90 23.60
N THR G 221 -31.35 21.10 22.79
CA THR G 221 -32.35 22.13 23.04
C THR G 221 -33.78 21.62 22.93
N LEU G 222 -34.73 22.49 23.21
CA LEU G 222 -36.12 22.14 23.06
C LEU G 222 -36.44 21.87 21.57
N SER G 223 -36.02 22.76 20.69
CA SER G 223 -36.26 22.61 19.27
C SER G 223 -35.48 21.44 18.64
N ALA G 224 -34.31 21.09 19.16
CA ALA G 224 -33.64 19.83 18.79
C ALA G 224 -34.51 18.58 18.97
N LYS G 225 -35.51 18.67 19.84
CA LYS G 225 -36.33 17.51 20.04
C LYS G 225 -37.12 17.14 18.79
N GLY G 226 -37.29 18.09 17.89
CA GLY G 226 -38.03 17.81 16.67
C GLY G 226 -37.20 17.07 15.64
N VAL G 227 -35.89 17.19 15.76
CA VAL G 227 -35.01 16.69 14.72
C VAL G 227 -34.72 15.18 14.74
N GLY G 228 -35.26 14.46 13.78
CA GLY G 228 -34.98 13.04 13.67
C GLY G 228 -33.52 12.74 13.83
N GLY G 229 -33.20 11.72 14.60
CA GLY G 229 -31.83 11.27 14.76
C GLY G 229 -30.86 12.20 15.48
N PHE G 230 -31.38 13.11 16.31
CA PHE G 230 -30.51 14.05 17.07
C PHE G 230 -29.35 13.40 17.84
N ASN G 231 -29.63 12.30 18.54
CA ASN G 231 -28.60 11.53 19.23
C ASN G 231 -27.41 11.22 18.36
N THR G 232 -27.64 10.63 17.18
CA THR G 232 -26.59 10.19 16.23
C THR G 232 -25.70 11.34 15.73
N ILE G 233 -26.29 12.53 15.65
CA ILE G 233 -25.65 13.76 15.22
C ILE G 233 -24.68 14.19 16.32
N LEU G 234 -25.17 14.34 17.54
CA LEU G 234 -24.33 14.75 18.65
C LEU G 234 -23.10 13.86 18.75
N LYS G 235 -23.33 12.56 18.51
CA LYS G 235 -22.31 11.51 18.66
C LYS G 235 -21.31 11.48 17.53
N GLU G 236 -21.79 11.62 16.31
CA GLU G 236 -20.87 11.72 15.18
C GLU G 236 -19.84 12.87 15.42
N ILE G 237 -20.28 14.00 15.98
CA ILE G 237 -19.37 15.11 16.29
C ILE G 237 -18.24 14.70 17.25
N GLU G 238 -18.56 14.07 18.38
CA GLU G 238 -17.56 13.56 19.33
C GLU G 238 -16.55 12.63 18.72
N GLU G 239 -16.99 11.79 17.81
CA GLU G 239 -16.13 10.84 17.22
C GLU G 239 -15.33 11.38 16.03
N ARG G 240 -15.86 12.39 15.31
CA ARG G 240 -15.26 12.86 14.02
C ARG G 240 -14.77 14.33 13.88
N ALA G 241 -15.43 15.28 14.55
CA ALA G 241 -14.97 16.66 14.62
C ALA G 241 -13.58 16.70 15.21
N PRO G 242 -12.75 17.58 14.67
CA PRO G 242 -11.38 17.84 15.11
C PRO G 242 -11.14 17.90 16.63
N LEU G 243 -12.07 18.49 17.39
CA LEU G 243 -11.87 18.75 18.81
C LEU G 243 -12.43 17.55 19.58
N LYS G 244 -13.12 16.71 18.83
CA LYS G 244 -13.64 15.48 19.37
C LYS G 244 -14.40 15.76 20.64
N ARG G 245 -15.36 16.67 20.59
CA ARG G 245 -16.26 16.96 21.71
C ARG G 245 -17.37 17.80 21.09
N ASN G 246 -18.48 17.92 21.80
CA ASN G 246 -19.53 18.86 21.37
C ASN G 246 -19.30 20.27 21.92
N VAL G 247 -19.84 21.27 21.21
CA VAL G 247 -19.94 22.69 21.68
C VAL G 247 -21.19 22.89 22.52
N ASP G 248 -21.23 24.02 23.25
CA ASP G 248 -22.43 24.47 23.98
C ASP G 248 -22.85 25.91 23.71
N GLN G 249 -23.94 26.27 24.38
CA GLN G 249 -24.58 27.57 24.24
C GLN G 249 -23.66 28.76 24.50
N VAL G 250 -22.85 28.67 25.55
CA VAL G 250 -21.97 29.71 26.02
C VAL G 250 -20.92 29.89 24.95
N GLU G 251 -20.33 28.82 24.48
CA GLU G 251 -19.43 28.92 23.29
C GLU G 251 -19.99 29.70 22.10
N VAL G 252 -21.25 29.45 21.75
CA VAL G 252 -21.97 30.30 20.79
C VAL G 252 -22.09 31.76 21.30
N GLY G 253 -22.49 31.94 22.55
CA GLY G 253 -22.35 33.26 23.22
C GLY G 253 -21.02 34.01 23.07
N LYS G 254 -19.88 33.36 23.34
CA LYS G 254 -18.64 34.10 23.22
C LYS G 254 -18.47 34.63 21.79
N THR G 255 -18.78 33.82 20.76
CA THR G 255 -18.58 34.28 19.39
C THR G 255 -19.58 35.39 19.02
N ALA G 256 -20.80 35.28 19.53
CA ALA G 256 -21.78 36.35 19.46
C ALA G 256 -21.17 37.66 19.99
N ALA G 257 -20.62 37.63 21.20
CA ALA G 257 -20.00 38.81 21.81
C ALA G 257 -19.01 39.43 20.85
N TYR G 258 -18.18 38.58 20.22
CA TYR G 258 -17.27 39.01 19.16
C TYR G 258 -18.00 39.67 17.96
N LEU G 259 -18.97 38.98 17.37
CA LEU G 259 -19.69 39.52 16.19
C LEU G 259 -20.44 40.79 16.54
N LEU G 260 -21.09 40.82 17.71
CA LEU G 260 -21.90 41.96 18.17
C LEU G 260 -21.08 43.16 18.64
N SER G 261 -19.75 43.03 18.68
CA SER G 261 -18.93 44.12 19.20
C SER G 261 -17.92 44.63 18.21
N ASP G 262 -17.10 45.57 18.63
CA ASP G 262 -16.17 46.28 17.78
C ASP G 262 -14.95 45.39 17.45
N LEU G 263 -14.73 44.32 18.19
CA LEU G 263 -13.69 43.44 17.74
C LEU G 263 -13.95 42.97 16.28
N SER G 264 -15.23 42.80 15.91
CA SER G 264 -15.49 42.27 14.59
C SER G 264 -15.66 43.33 13.52
N SER G 265 -15.23 44.57 13.78
CA SER G 265 -15.32 45.62 12.75
C SER G 265 -14.65 45.16 11.43
N GLY G 266 -15.32 45.28 10.31
CA GLY G 266 -14.62 44.73 9.12
C GLY G 266 -15.24 43.44 8.65
N VAL G 267 -15.94 42.78 9.58
CA VAL G 267 -16.56 41.49 9.31
C VAL G 267 -18.07 41.57 9.03
N THR G 268 -18.49 41.14 7.87
CA THR G 268 -19.92 41.20 7.58
C THR G 268 -20.19 40.27 6.41
N GLY G 269 -21.40 39.72 6.34
CA GLY G 269 -21.73 38.67 5.39
C GLY G 269 -20.97 37.39 5.66
N GLU G 270 -20.50 37.21 6.91
CA GLU G 270 -19.65 36.06 7.25
C GLU G 270 -20.39 34.97 8.00
N ASN G 271 -20.01 33.73 7.73
CA ASN G 271 -20.64 32.63 8.41
C ASN G 271 -19.61 31.97 9.29
N ILE G 272 -19.64 32.21 10.60
CA ILE G 272 -18.67 31.60 11.53
C ILE G 272 -19.19 30.30 12.19
N HIS G 273 -18.47 29.20 11.96
CA HIS G 273 -18.89 27.89 12.44
C HIS G 273 -18.40 27.62 13.87
N VAL G 274 -19.32 27.50 14.84
CA VAL G 274 -18.92 27.13 16.24
C VAL G 274 -19.25 25.64 16.56
N ASP G 275 -18.45 24.73 15.99
CA ASP G 275 -18.87 23.32 15.82
C ASP G 275 -17.73 22.30 16.03
N SER G 276 -16.64 22.68 16.68
CA SER G 276 -15.58 21.76 16.92
C SER G 276 -14.75 21.46 15.65
N GLY G 277 -14.85 22.33 14.64
CA GLY G 277 -14.27 22.08 13.31
C GLY G 277 -15.04 21.20 12.33
N PHE G 278 -16.22 20.70 12.72
CA PHE G 278 -16.95 19.77 11.86
C PHE G 278 -17.05 20.23 10.41
N HIS G 279 -17.40 21.48 10.19
CA HIS G 279 -17.52 21.99 8.80
C HIS G 279 -16.31 21.69 7.93
N ALA G 280 -15.16 21.55 8.58
CA ALA G 280 -13.85 21.71 7.92
C ALA G 280 -13.35 20.37 7.39
N ILE G 281 -14.11 19.30 7.68
CA ILE G 281 -13.71 17.95 7.45
C ILE G 281 -14.80 17.21 6.71
N LYS G 282 -14.42 16.05 6.18
CA LYS G 282 -15.31 15.13 5.47
C LYS G 282 -14.96 13.63 5.63
N ASN H 29 -26.47 10.34 -27.80
CA ASN H 29 -27.77 10.23 -28.53
C ASN H 29 -28.93 9.76 -27.65
N LEU H 30 -30.09 10.39 -27.82
CA LEU H 30 -31.20 10.23 -26.89
C LEU H 30 -32.49 9.74 -27.53
N GLU H 31 -32.37 9.01 -28.63
CA GLU H 31 -33.52 8.39 -29.25
C GLU H 31 -34.17 7.52 -28.20
N ASN H 32 -35.48 7.56 -28.10
CA ASN H 32 -36.20 6.69 -27.18
C ASN H 32 -36.15 7.20 -25.75
N LYS H 33 -35.74 8.46 -25.60
CA LYS H 33 -35.82 9.16 -24.32
C LYS H 33 -36.94 10.22 -24.38
N THR H 34 -37.57 10.44 -23.24
CA THR H 34 -38.65 11.39 -23.19
C THR H 34 -38.33 12.34 -22.05
N TYR H 35 -38.41 13.64 -22.34
CA TYR H 35 -38.09 14.62 -21.35
C TYR H 35 -39.23 15.60 -21.23
N VAL H 36 -39.59 15.98 -20.00
CA VAL H 36 -40.51 17.09 -19.73
C VAL H 36 -39.70 18.36 -19.53
N ILE H 37 -40.03 19.38 -20.30
CA ILE H 37 -39.36 20.67 -20.19
C ILE H 37 -40.40 21.68 -19.72
N MET H 38 -40.10 22.35 -18.62
CA MET H 38 -41.02 23.29 -17.99
C MET H 38 -40.50 24.74 -18.05
N GLY H 39 -41.29 25.64 -18.61
CA GLY H 39 -40.91 27.04 -18.59
C GLY H 39 -40.47 27.67 -19.89
N ILE H 40 -40.99 27.21 -21.02
CA ILE H 40 -40.84 27.95 -22.27
C ILE H 40 -41.91 29.06 -22.29
N ALA H 41 -41.48 30.26 -22.70
CA ALA H 41 -42.34 31.45 -22.80
C ALA H 41 -42.26 32.08 -24.18
N ASN H 42 -41.06 32.07 -24.77
CA ASN H 42 -40.81 32.59 -26.15
C ASN H 42 -39.49 32.03 -26.74
N LYS H 43 -39.13 32.48 -27.94
CA LYS H 43 -37.89 32.06 -28.59
C LYS H 43 -36.63 32.18 -27.71
N ARG H 44 -36.63 33.11 -26.75
CA ARG H 44 -35.44 33.45 -25.95
C ARG H 44 -35.29 32.64 -24.67
N SER H 45 -36.36 31.98 -24.26
CA SER H 45 -36.33 31.22 -23.02
C SER H 45 -35.15 30.26 -22.95
N ILE H 46 -34.50 30.20 -21.80
CA ILE H 46 -33.44 29.23 -21.61
C ILE H 46 -33.95 27.84 -21.98
N ALA H 47 -35.19 27.54 -21.61
CA ALA H 47 -35.78 26.23 -21.84
C ALA H 47 -35.95 25.84 -23.32
N PHE H 48 -36.03 26.83 -24.21
CA PHE H 48 -36.15 26.54 -25.64
C PHE H 48 -34.79 26.25 -26.23
N GLY H 49 -33.75 26.76 -25.56
CA GLY H 49 -32.39 26.36 -25.88
C GLY H 49 -32.17 24.89 -25.50
N VAL H 50 -32.65 24.53 -24.31
CA VAL H 50 -32.68 23.15 -23.87
C VAL H 50 -33.40 22.26 -24.92
N ALA H 51 -34.60 22.68 -25.32
CA ALA H 51 -35.44 21.89 -26.19
C ALA H 51 -34.77 21.63 -27.53
N LYS H 52 -34.23 22.70 -28.12
CA LYS H 52 -33.55 22.62 -29.42
C LYS H 52 -32.47 21.59 -29.40
N VAL H 53 -31.64 21.60 -28.35
CA VAL H 53 -30.53 20.66 -28.17
C VAL H 53 -31.01 19.20 -28.01
N LEU H 54 -31.95 18.96 -27.09
CA LEU H 54 -32.50 17.61 -26.91
C LEU H 54 -33.20 17.09 -28.17
N ASP H 55 -33.86 17.98 -28.91
CA ASP H 55 -34.62 17.56 -30.09
C ASP H 55 -33.63 17.17 -31.16
N GLN H 56 -32.60 18.00 -31.32
CA GLN H 56 -31.54 17.72 -32.26
C GLN H 56 -30.91 16.36 -31.95
N LEU H 57 -31.03 15.92 -30.70
CA LEU H 57 -30.40 14.67 -30.28
C LEU H 57 -31.26 13.39 -30.36
N GLY H 58 -32.55 13.55 -30.68
CA GLY H 58 -33.44 12.42 -30.95
C GLY H 58 -34.48 12.13 -29.89
N ALA H 59 -34.57 13.01 -28.89
CA ALA H 59 -35.50 12.81 -27.76
C ALA H 59 -36.90 13.22 -28.14
N LYS H 60 -37.87 12.48 -27.61
CA LYS H 60 -39.26 12.91 -27.59
C LYS H 60 -39.41 13.90 -26.42
N LEU H 61 -40.09 15.01 -26.70
CA LEU H 61 -40.22 16.13 -25.75
C LEU H 61 -41.67 16.38 -25.27
N VAL H 62 -41.80 16.80 -24.02
CA VAL H 62 -43.08 17.24 -23.51
C VAL H 62 -42.89 18.62 -22.93
N PHE H 63 -43.86 19.51 -23.12
CA PHE H 63 -43.70 20.90 -22.75
C PHE H 63 -44.75 21.38 -21.77
N THR H 64 -44.34 22.10 -20.74
CA THR H 64 -45.35 22.70 -19.89
C THR H 64 -45.28 24.22 -19.81
N TYR H 65 -46.44 24.86 -19.71
CA TYR H 65 -46.53 26.31 -19.69
C TYR H 65 -47.53 26.69 -18.62
N ARG H 66 -47.46 27.94 -18.16
CA ARG H 66 -48.48 28.53 -17.30
C ARG H 66 -49.51 29.35 -18.08
N LYS H 67 -49.01 30.29 -18.88
CA LYS H 67 -49.83 31.34 -19.52
C LYS H 67 -50.36 30.96 -20.90
N GLU H 68 -51.50 31.52 -21.28
CA GLU H 68 -52.00 31.33 -22.66
C GLU H 68 -51.08 31.95 -23.70
N ARG H 69 -50.48 33.10 -23.36
CA ARG H 69 -49.42 33.75 -24.16
C ARG H 69 -48.41 32.71 -24.64
N SER H 70 -47.81 32.01 -23.67
CA SER H 70 -46.79 31.00 -23.95
C SER H 70 -47.27 29.78 -24.77
N ARG H 71 -48.57 29.47 -24.68
CA ARG H 71 -49.16 28.39 -25.48
C ARG H 71 -49.09 28.70 -26.99
N LYS H 72 -49.72 29.80 -27.41
CA LYS H 72 -49.66 30.28 -28.81
C LYS H 72 -48.18 30.34 -29.30
N GLU H 73 -47.32 30.85 -28.42
CA GLU H 73 -45.90 31.02 -28.63
C GLU H 73 -45.22 29.67 -28.86
N LEU H 74 -45.33 28.79 -27.86
CA LEU H 74 -44.93 27.41 -27.95
C LEU H 74 -45.33 26.74 -29.27
N GLU H 75 -46.63 26.75 -29.59
CA GLU H 75 -47.14 26.16 -30.83
C GLU H 75 -46.33 26.61 -32.05
N LYS H 76 -45.99 27.91 -32.12
CA LYS H 76 -45.17 28.45 -33.24
C LYS H 76 -43.67 28.12 -33.18
N LEU H 77 -43.11 27.99 -31.96
CA LEU H 77 -41.73 27.57 -31.79
C LEU H 77 -41.55 26.11 -32.21
N LEU H 78 -42.54 25.28 -31.90
CA LEU H 78 -42.47 23.83 -32.17
C LEU H 78 -42.33 23.42 -33.64
N GLU H 79 -42.64 24.34 -34.55
CA GLU H 79 -42.45 24.07 -35.97
C GLU H 79 -40.95 23.94 -36.33
N GLN H 80 -40.11 24.60 -35.52
CA GLN H 80 -38.64 24.57 -35.66
C GLN H 80 -38.00 23.25 -35.24
N LEU H 81 -38.69 22.49 -34.39
CA LEU H 81 -38.20 21.21 -33.90
C LEU H 81 -38.59 20.07 -34.84
N ASN H 82 -38.25 18.85 -34.45
CA ASN H 82 -38.53 17.65 -35.23
C ASN H 82 -39.64 16.89 -34.57
N GLN H 83 -39.96 17.25 -33.33
CA GLN H 83 -41.17 16.80 -32.66
C GLN H 83 -42.35 16.81 -33.62
N PRO H 84 -42.85 15.60 -34.00
CA PRO H 84 -43.90 15.43 -35.02
C PRO H 84 -45.26 15.44 -34.35
N GLU H 85 -45.24 15.79 -33.06
CA GLU H 85 -46.34 15.66 -32.13
C GLU H 85 -46.14 16.68 -31.01
N ALA H 86 -47.19 17.47 -30.78
CA ALA H 86 -47.17 18.55 -29.79
C ALA H 86 -47.88 18.13 -28.51
N HIS H 87 -47.08 17.76 -27.50
CA HIS H 87 -47.61 17.40 -26.20
C HIS H 87 -47.35 18.58 -25.30
N LEU H 88 -48.39 19.39 -25.12
CA LEU H 88 -48.32 20.61 -24.28
C LEU H 88 -49.34 20.54 -23.13
N TYR H 89 -48.89 20.94 -21.94
CA TYR H 89 -49.69 20.79 -20.74
C TYR H 89 -49.66 22.10 -19.99
N GLN H 90 -50.83 22.60 -19.62
CA GLN H 90 -50.85 23.77 -18.79
C GLN H 90 -50.62 23.37 -17.34
N ILE H 91 -49.51 23.84 -16.76
CA ILE H 91 -49.24 23.66 -15.33
C ILE H 91 -48.74 24.96 -14.73
N ASP H 92 -49.45 25.40 -13.71
CA ASP H 92 -49.00 26.47 -12.85
C ASP H 92 -48.51 25.88 -11.51
N VAL H 93 -47.22 26.03 -11.24
CA VAL H 93 -46.55 25.38 -10.11
C VAL H 93 -46.95 25.88 -8.73
N GLN H 94 -47.81 26.91 -8.70
CA GLN H 94 -48.44 27.38 -7.45
C GLN H 94 -49.57 26.48 -6.98
N SER H 95 -50.11 25.70 -7.92
CA SER H 95 -51.22 24.78 -7.65
C SER H 95 -50.77 23.33 -7.59
N ASP H 96 -50.88 22.70 -6.42
CA ASP H 96 -50.57 21.26 -6.31
C ASP H 96 -51.36 20.39 -7.31
N GLU H 97 -52.66 20.67 -7.40
CA GLU H 97 -53.57 19.99 -8.32
C GLU H 97 -53.08 19.95 -9.76
N GLU H 98 -52.62 21.10 -10.26
CA GLU H 98 -52.13 21.20 -11.64
C GLU H 98 -50.81 20.44 -11.87
N VAL H 99 -49.90 20.47 -10.89
CA VAL H 99 -48.68 19.69 -10.99
C VAL H 99 -49.03 18.20 -10.88
N ILE H 100 -49.87 17.83 -9.88
CA ILE H 100 -50.30 16.44 -9.71
C ILE H 100 -51.06 15.86 -10.94
N ASN H 101 -52.16 16.51 -11.35
CA ASN H 101 -52.94 16.11 -12.52
C ASN H 101 -52.21 16.21 -13.83
N GLY H 102 -51.49 17.31 -14.04
CA GLY H 102 -50.63 17.50 -15.22
C GLY H 102 -49.60 16.40 -15.46
N PHE H 103 -48.87 16.02 -14.41
CA PHE H 103 -47.92 14.91 -14.55
C PHE H 103 -48.63 13.54 -14.70
N GLU H 104 -49.82 13.41 -14.13
CA GLU H 104 -50.61 12.21 -14.31
C GLU H 104 -51.03 12.06 -15.79
N GLN H 105 -51.51 13.14 -16.41
CA GLN H 105 -51.88 13.11 -17.86
C GLN H 105 -50.68 12.76 -18.76
N ILE H 106 -49.51 13.34 -18.43
CA ILE H 106 -48.28 13.06 -19.18
C ILE H 106 -48.01 11.56 -19.15
N GLY H 107 -48.13 10.96 -17.96
CA GLY H 107 -47.98 9.52 -17.81
C GLY H 107 -48.91 8.70 -18.69
N LYS H 108 -50.13 9.19 -18.89
CA LYS H 108 -51.11 8.48 -19.70
C LYS H 108 -50.92 8.74 -21.19
N ASP H 109 -50.51 9.95 -21.57
CA ASP H 109 -50.37 10.31 -22.99
C ASP H 109 -49.06 9.83 -23.63
N VAL H 110 -48.01 9.77 -22.80
CA VAL H 110 -46.67 9.47 -23.25
C VAL H 110 -46.04 8.20 -22.61
N GLY H 111 -46.45 7.85 -21.40
CA GLY H 111 -45.86 6.73 -20.65
C GLY H 111 -44.69 7.25 -19.83
N ASN H 112 -43.95 6.35 -19.20
CA ASN H 112 -42.73 6.68 -18.42
C ASN H 112 -41.76 7.65 -19.08
N ILE H 113 -41.33 8.63 -18.30
CA ILE H 113 -40.34 9.61 -18.76
C ILE H 113 -38.92 9.32 -18.26
N ASP H 114 -37.99 10.16 -18.72
CA ASP H 114 -36.57 10.00 -18.48
C ASP H 114 -36.00 11.13 -17.63
N GLY H 115 -36.66 12.29 -17.68
CA GLY H 115 -36.23 13.43 -16.91
C GLY H 115 -37.12 14.65 -17.04
N VAL H 116 -36.66 15.72 -16.42
CA VAL H 116 -37.40 16.97 -16.28
C VAL H 116 -36.38 18.06 -16.24
N TYR H 117 -36.51 19.00 -17.18
CA TYR H 117 -35.78 20.25 -17.10
C TYR H 117 -36.74 21.30 -16.54
N HIS H 118 -36.35 21.87 -15.41
CA HIS H 118 -37.14 22.87 -14.70
C HIS H 118 -36.48 24.22 -14.96
N SER H 119 -37.27 25.13 -15.53
CA SER H 119 -36.78 26.43 -15.93
C SER H 119 -37.76 27.57 -15.54
N ILE H 120 -38.19 27.54 -14.28
CA ILE H 120 -39.29 28.34 -13.76
C ILE H 120 -38.88 29.16 -12.52
N ALA H 121 -39.08 30.47 -12.61
CA ALA H 121 -38.90 31.37 -11.47
C ALA H 121 -39.81 32.59 -11.68
N PHE H 122 -40.13 33.25 -10.57
CA PHE H 122 -40.82 34.51 -10.57
C PHE H 122 -40.56 35.33 -9.27
N ALA H 123 -40.35 36.64 -9.43
CA ALA H 123 -40.44 37.60 -8.32
C ALA H 123 -41.27 38.81 -8.82
N ASN H 124 -41.90 39.55 -7.91
CA ASN H 124 -42.58 40.83 -8.29
C ASN H 124 -41.55 41.85 -8.74
N MET H 125 -41.90 42.62 -9.76
CA MET H 125 -40.95 43.57 -10.31
C MET H 125 -40.31 44.46 -9.22
N GLU H 126 -41.11 44.91 -8.24
CA GLU H 126 -40.64 45.87 -7.22
C GLU H 126 -39.58 45.31 -6.26
N ASP H 127 -39.53 43.99 -6.20
CA ASP H 127 -38.67 43.28 -5.30
C ASP H 127 -37.33 42.96 -5.95
N LEU H 128 -37.16 43.32 -7.23
CA LEU H 128 -35.94 43.07 -8.00
C LEU H 128 -35.06 44.30 -8.18
N ARG H 129 -35.28 45.30 -7.31
CA ARG H 129 -34.56 46.58 -7.36
C ARG H 129 -34.73 47.33 -6.01
N GLY H 130 -33.90 48.33 -5.77
CA GLY H 130 -33.97 49.05 -4.49
C GLY H 130 -33.41 48.18 -3.38
N ARG H 131 -33.84 48.42 -2.14
CA ARG H 131 -33.20 47.85 -0.95
C ARG H 131 -33.80 46.47 -0.58
N PHE H 132 -32.96 45.45 -0.41
CA PHE H 132 -33.47 44.12 -0.07
C PHE H 132 -34.21 44.17 1.25
N SER H 133 -33.76 45.05 2.17
CA SER H 133 -34.37 45.12 3.50
C SER H 133 -35.84 45.60 3.46
N GLU H 134 -36.28 46.09 2.31
CA GLU H 134 -37.63 46.58 2.21
C GLU H 134 -38.64 45.55 1.68
N THR H 135 -38.15 44.41 1.21
CA THR H 135 -38.97 43.35 0.63
C THR H 135 -40.09 42.98 1.57
N SER H 136 -41.28 42.75 0.99
CA SER H 136 -42.46 42.32 1.71
C SER H 136 -42.53 40.81 1.91
N ARG H 137 -43.00 40.38 3.08
CA ARG H 137 -43.31 38.96 3.34
C ARG H 137 -44.02 38.23 2.18
N GLU H 138 -45.03 38.87 1.58
CA GLU H 138 -45.82 38.30 0.49
C GLU H 138 -44.91 38.13 -0.70
N GLY H 139 -44.15 39.15 -1.03
CA GLY H 139 -43.27 39.09 -2.19
C GLY H 139 -42.13 38.12 -2.00
N PHE H 140 -41.58 38.09 -0.79
CA PHE H 140 -40.54 37.13 -0.43
C PHE H 140 -41.05 35.70 -0.53
N LEU H 141 -42.24 35.45 -0.02
CA LEU H 141 -42.78 34.12 -0.05
C LEU H 141 -43.23 33.69 -1.44
N LEU H 142 -43.68 34.64 -2.26
CA LEU H 142 -44.06 34.30 -3.64
C LEU H 142 -42.81 33.74 -4.38
N ALA H 143 -41.67 34.42 -4.26
CA ALA H 143 -40.48 33.94 -4.95
C ALA H 143 -39.98 32.54 -4.47
N GLN H 144 -40.05 32.25 -3.16
CA GLN H 144 -39.75 30.89 -2.67
C GLN H 144 -40.76 29.85 -3.22
N ASP H 145 -42.04 30.20 -3.24
CA ASP H 145 -43.10 29.27 -3.69
C ASP H 145 -42.83 28.78 -5.10
N ILE H 146 -42.73 29.75 -6.00
CA ILE H 146 -42.58 29.50 -7.43
C ILE H 146 -41.18 29.03 -7.82
N SER H 147 -40.17 29.66 -7.23
CA SER H 147 -38.80 29.51 -7.75
C SER H 147 -38.02 28.42 -7.04
N SER H 148 -38.56 27.87 -5.94
CA SER H 148 -37.90 26.85 -5.19
C SER H 148 -38.84 25.70 -4.86
N TYR H 149 -39.87 25.96 -4.06
CA TYR H 149 -40.76 24.84 -3.66
C TYR H 149 -41.29 24.03 -4.87
N SER H 150 -41.49 24.71 -6.00
CA SER H 150 -42.00 24.08 -7.23
C SER H 150 -41.15 22.88 -7.68
N LEU H 151 -39.83 22.96 -7.50
CA LEU H 151 -38.95 21.84 -7.84
C LEU H 151 -39.28 20.60 -7.00
N THR H 152 -39.51 20.80 -5.71
CA THR H 152 -39.91 19.74 -4.77
C THR H 152 -41.13 18.92 -5.23
N ILE H 153 -42.26 19.59 -5.42
CA ILE H 153 -43.48 18.94 -5.81
C ILE H 153 -43.38 18.38 -7.25
N VAL H 154 -42.66 19.07 -8.14
CA VAL H 154 -42.39 18.52 -9.48
C VAL H 154 -41.62 17.18 -9.40
N ALA H 155 -40.58 17.17 -8.56
CA ALA H 155 -39.80 15.97 -8.28
C ALA H 155 -40.66 14.84 -7.72
N HIS H 156 -41.46 15.11 -6.69
CA HIS H 156 -42.37 14.06 -6.12
C HIS H 156 -43.25 13.40 -7.17
N GLU H 157 -43.75 14.19 -8.11
CA GLU H 157 -44.77 13.71 -9.04
C GLU H 157 -44.13 13.09 -10.26
N ALA H 158 -42.99 13.65 -10.68
CA ALA H 158 -42.29 13.14 -11.87
C ALA H 158 -41.59 11.78 -11.59
N LYS H 159 -41.26 11.54 -10.33
CA LYS H 159 -40.70 10.27 -9.87
C LYS H 159 -41.66 9.11 -10.18
N LYS H 160 -42.97 9.37 -10.14
CA LYS H 160 -43.99 8.31 -10.41
C LYS H 160 -43.86 7.82 -11.85
N LEU H 161 -43.34 8.70 -12.70
CA LEU H 161 -43.13 8.41 -14.12
C LEU H 161 -41.72 7.87 -14.40
N MET H 162 -40.96 7.64 -13.34
CA MET H 162 -39.57 7.20 -13.48
C MET H 162 -39.19 5.98 -12.60
N PRO H 163 -39.84 4.81 -12.84
CA PRO H 163 -39.60 3.65 -11.99
C PRO H 163 -38.21 3.00 -12.16
N GLU H 164 -37.45 3.40 -13.18
CA GLU H 164 -36.09 2.88 -13.35
C GLU H 164 -35.03 3.93 -13.11
N GLY H 165 -35.47 5.07 -12.59
CA GLY H 165 -34.60 6.21 -12.33
C GLY H 165 -34.57 7.17 -13.49
N GLY H 166 -33.93 8.31 -13.28
CA GLY H 166 -33.86 9.34 -14.28
C GLY H 166 -33.14 10.59 -13.78
N SER H 167 -33.41 11.71 -14.44
CA SER H 167 -32.64 12.93 -14.21
C SER H 167 -33.51 14.16 -14.06
N ILE H 168 -33.27 14.95 -13.01
CA ILE H 168 -33.97 16.25 -12.89
C ILE H 168 -32.96 17.41 -12.90
N VAL H 169 -33.17 18.41 -13.76
CA VAL H 169 -32.22 19.55 -13.85
C VAL H 169 -32.96 20.87 -13.61
N ALA H 170 -32.43 21.69 -12.67
CA ALA H 170 -33.01 23.01 -12.33
C ALA H 170 -32.03 24.18 -12.67
N THR H 171 -32.54 25.37 -12.98
CA THR H 171 -31.72 26.49 -13.50
C THR H 171 -31.55 27.55 -12.44
N THR H 172 -30.31 27.78 -12.05
CA THR H 172 -30.00 28.74 -10.99
C THR H 172 -29.08 29.88 -11.49
N TYR H 173 -28.71 30.78 -10.59
CA TYR H 173 -27.87 31.88 -10.95
C TYR H 173 -26.89 32.10 -9.80
N LEU H 174 -25.73 32.66 -10.13
CA LEU H 174 -24.72 33.04 -9.15
C LEU H 174 -25.26 33.83 -7.94
N GLY H 175 -26.32 34.60 -8.12
CA GLY H 175 -26.97 35.30 -7.01
C GLY H 175 -27.51 34.44 -5.85
N GLY H 176 -27.66 33.14 -6.06
CA GLY H 176 -27.97 32.27 -4.91
C GLY H 176 -26.72 31.92 -4.07
N GLU H 177 -25.55 32.39 -4.48
CA GLU H 177 -24.31 31.97 -3.84
C GLU H 177 -23.59 33.17 -3.26
N PHE H 178 -23.74 34.32 -3.92
CA PHE H 178 -23.18 35.59 -3.48
C PHE H 178 -24.27 36.66 -3.57
N ALA H 179 -24.20 37.69 -2.73
CA ALA H 179 -25.10 38.82 -2.83
C ALA H 179 -24.61 39.67 -4.01
N VAL H 180 -25.48 39.82 -4.99
CA VAL H 180 -25.29 40.64 -6.20
C VAL H 180 -26.36 41.76 -6.12
N GLN H 181 -25.94 43.01 -6.19
CA GLN H 181 -26.82 44.15 -6.41
C GLN H 181 -28.12 43.83 -7.23
N ASN H 182 -29.28 44.32 -6.75
CA ASN H 182 -30.63 44.17 -7.38
C ASN H 182 -31.36 42.82 -7.38
N TYR H 183 -30.64 41.72 -7.63
CA TYR H 183 -31.25 40.39 -7.73
C TYR H 183 -32.06 40.05 -6.50
N ASN H 184 -31.61 40.62 -5.39
CA ASN H 184 -32.27 40.57 -4.10
C ASN H 184 -33.19 39.38 -3.80
N VAL H 185 -34.50 39.56 -3.71
CA VAL H 185 -35.38 38.45 -3.28
C VAL H 185 -35.12 37.15 -4.06
N MET H 186 -34.76 37.24 -5.35
CA MET H 186 -34.50 36.05 -6.18
C MET H 186 -33.20 35.29 -5.78
N GLY H 187 -32.19 36.06 -5.38
CA GLY H 187 -30.97 35.50 -4.79
C GLY H 187 -31.22 34.54 -3.65
N VAL H 188 -32.03 34.98 -2.69
CA VAL H 188 -32.45 34.16 -1.55
C VAL H 188 -33.29 32.97 -2.05
N ALA H 189 -34.12 33.18 -3.07
CA ALA H 189 -34.92 32.11 -3.64
C ALA H 189 -34.01 31.13 -4.36
N LYS H 190 -33.03 31.64 -5.14
CA LYS H 190 -32.03 30.77 -5.79
C LYS H 190 -31.23 29.90 -4.83
N ALA H 191 -30.83 30.48 -3.70
CA ALA H 191 -30.06 29.75 -2.73
C ALA H 191 -30.93 28.67 -2.09
N SER H 192 -32.23 28.95 -1.97
CA SER H 192 -33.17 27.95 -1.53
C SER H 192 -33.27 26.79 -2.54
N LEU H 193 -33.32 27.11 -3.83
CA LEU H 193 -33.31 26.10 -4.94
C LEU H 193 -32.06 25.16 -4.87
N GLU H 194 -30.93 25.78 -4.61
CA GLU H 194 -29.71 25.04 -4.72
C GLU H 194 -29.57 24.05 -3.58
N ALA H 195 -30.09 24.38 -2.39
CA ALA H 195 -30.18 23.40 -1.28
C ALA H 195 -31.30 22.37 -1.53
N ASN H 196 -32.44 22.83 -2.06
CA ASN H 196 -33.49 22.00 -2.60
C ASN H 196 -32.90 20.95 -3.53
N VAL H 197 -32.00 21.35 -4.42
CA VAL H 197 -31.37 20.35 -5.28
C VAL H 197 -30.60 19.32 -4.44
N LYS H 198 -29.75 19.80 -3.51
CA LYS H 198 -29.02 18.90 -2.67
C LYS H 198 -29.93 17.95 -1.80
N TYR H 199 -31.06 18.45 -1.25
CA TYR H 199 -31.88 17.62 -0.38
C TYR H 199 -32.66 16.62 -1.26
N LEU H 200 -33.10 17.02 -2.45
CA LEU H 200 -33.72 16.06 -3.41
C LEU H 200 -32.74 14.97 -3.86
N ALA H 201 -31.48 15.37 -4.08
CA ALA H 201 -30.45 14.44 -4.51
C ALA H 201 -30.31 13.26 -3.56
N LEU H 202 -30.22 13.59 -2.27
CA LEU H 202 -30.07 12.66 -1.17
C LEU H 202 -31.34 11.81 -1.08
N ASP H 203 -32.50 12.47 -1.03
CA ASP H 203 -33.76 11.71 -1.00
C ASP H 203 -33.95 10.65 -2.09
N LEU H 204 -33.73 11.05 -3.34
CA LEU H 204 -34.14 10.25 -4.51
C LEU H 204 -33.01 9.45 -5.14
N GLY H 205 -31.79 9.67 -4.61
CA GLY H 205 -30.59 8.91 -4.91
C GLY H 205 -30.87 7.43 -4.94
N PRO H 206 -31.51 6.91 -3.88
CA PRO H 206 -31.78 5.50 -3.76
C PRO H 206 -32.80 4.99 -4.76
N ASP H 207 -33.57 5.88 -5.38
CA ASP H 207 -34.48 5.48 -6.45
C ASP H 207 -33.82 5.66 -7.81
N ASN H 208 -32.51 5.87 -7.84
CA ASN H 208 -31.75 6.12 -9.08
C ASN H 208 -32.17 7.34 -9.92
N ILE H 209 -32.66 8.38 -9.23
CA ILE H 209 -33.01 9.66 -9.82
C ILE H 209 -32.00 10.69 -9.37
N ARG H 210 -31.37 11.31 -10.35
CA ARG H 210 -30.34 12.29 -10.09
C ARG H 210 -30.97 13.66 -10.30
N VAL H 211 -30.45 14.64 -9.55
CA VAL H 211 -31.00 15.97 -9.42
C VAL H 211 -29.80 16.90 -9.37
N ASN H 212 -29.73 17.84 -10.28
CA ASN H 212 -28.64 18.76 -10.39
C ASN H 212 -29.20 20.14 -10.77
N ALA H 213 -28.35 21.18 -10.72
CA ALA H 213 -28.66 22.57 -11.12
C ALA H 213 -27.66 23.02 -12.17
N ILE H 214 -28.12 23.79 -13.16
CA ILE H 214 -27.19 24.47 -14.05
C ILE H 214 -27.27 25.88 -13.60
N SER H 215 -26.13 26.53 -13.52
CA SER H 215 -26.07 27.92 -13.07
C SER H 215 -25.63 28.73 -14.27
N ALA H 216 -26.59 29.32 -14.96
CA ALA H 216 -26.33 29.89 -16.28
C ALA H 216 -25.74 31.25 -16.06
N GLY H 217 -24.87 31.67 -16.95
CA GLY H 217 -24.42 33.05 -16.94
C GLY H 217 -25.59 33.90 -17.39
N PRO H 218 -25.39 35.25 -17.38
CA PRO H 218 -26.43 36.18 -17.84
C PRO H 218 -26.82 36.00 -19.31
N ILE H 219 -28.13 35.94 -19.59
CA ILE H 219 -28.67 35.78 -20.94
C ILE H 219 -29.87 36.71 -21.06
N ARG H 220 -30.03 37.35 -22.22
CA ARG H 220 -31.21 38.19 -22.42
C ARG H 220 -32.48 37.35 -22.66
N THR H 221 -33.26 37.21 -21.60
CA THR H 221 -34.59 36.62 -21.68
C THR H 221 -35.68 37.64 -21.31
N LEU H 222 -36.94 37.26 -21.56
CA LEU H 222 -38.11 37.92 -20.99
C LEU H 222 -37.94 38.16 -19.47
N SER H 223 -37.92 37.11 -18.66
CA SER H 223 -37.67 37.25 -17.21
C SER H 223 -36.48 38.19 -16.84
N ALA H 224 -35.43 38.20 -17.66
CA ALA H 224 -34.22 39.03 -17.44
C ALA H 224 -34.45 40.55 -17.45
N LYS H 225 -35.47 41.00 -18.20
CA LYS H 225 -35.87 42.41 -18.25
C LYS H 225 -36.41 42.89 -16.91
N GLY H 226 -36.81 41.95 -16.07
CA GLY H 226 -37.32 42.26 -14.73
C GLY H 226 -36.25 42.73 -13.78
N VAL H 227 -35.00 42.25 -13.98
CA VAL H 227 -33.91 42.45 -13.03
C VAL H 227 -33.29 43.84 -13.14
N GLY H 228 -33.04 44.46 -11.98
CA GLY H 228 -32.37 45.76 -11.94
C GLY H 228 -30.94 45.80 -12.47
N GLY H 229 -30.71 46.63 -13.50
CA GLY H 229 -29.37 46.88 -14.04
C GLY H 229 -28.81 45.73 -14.85
N PHE H 230 -29.68 45.07 -15.58
CA PHE H 230 -29.27 43.87 -16.30
C PHE H 230 -28.16 44.13 -17.30
N ASN H 231 -28.29 45.14 -18.17
CA ASN H 231 -27.26 45.45 -19.15
C ASN H 231 -25.86 45.47 -18.55
N THR H 232 -25.71 46.15 -17.40
CA THR H 232 -24.40 46.33 -16.77
C THR H 232 -23.72 44.99 -16.52
N ILE H 233 -24.53 44.01 -16.10
CA ILE H 233 -24.07 42.64 -15.84
C ILE H 233 -23.43 42.08 -17.11
N LEU H 234 -24.28 41.81 -18.11
CA LEU H 234 -23.89 41.22 -19.37
C LEU H 234 -22.51 41.67 -19.80
N LYS H 235 -22.26 42.96 -19.66
CA LYS H 235 -21.05 43.52 -20.18
C LYS H 235 -19.90 43.35 -19.19
N GLU H 236 -20.22 43.34 -17.91
CA GLU H 236 -19.17 43.09 -16.90
C GLU H 236 -18.72 41.59 -16.94
N ILE H 237 -19.53 40.73 -17.54
CA ILE H 237 -19.17 39.37 -17.74
C ILE H 237 -18.11 39.37 -18.82
N GLU H 238 -18.43 40.00 -19.95
CA GLU H 238 -17.54 40.13 -21.11
C GLU H 238 -16.17 40.69 -20.75
N GLU H 239 -16.13 41.67 -19.87
CA GLU H 239 -14.89 42.34 -19.48
C GLU H 239 -13.96 41.50 -18.64
N ARG H 240 -14.57 40.70 -17.77
CA ARG H 240 -13.91 40.19 -16.58
C ARG H 240 -13.88 38.68 -16.45
N ALA H 241 -14.77 37.96 -17.12
CA ALA H 241 -14.87 36.50 -16.94
C ALA H 241 -13.84 35.83 -17.89
N PRO H 242 -13.33 34.60 -17.55
CA PRO H 242 -12.23 34.00 -18.29
C PRO H 242 -12.34 33.86 -19.80
N LEU H 243 -13.54 33.53 -20.29
CA LEU H 243 -13.70 33.31 -21.73
C LEU H 243 -13.90 34.62 -22.45
N LYS H 244 -14.24 35.66 -21.69
CA LYS H 244 -14.32 37.03 -22.19
C LYS H 244 -15.43 37.30 -23.23
N ARG H 245 -16.59 36.68 -22.94
CA ARG H 245 -17.75 36.59 -23.83
C ARG H 245 -18.90 36.02 -22.98
N ASN H 246 -20.14 36.30 -23.38
CA ASN H 246 -21.31 35.80 -22.71
C ASN H 246 -21.71 34.43 -23.24
N VAL H 247 -22.55 33.73 -22.46
CA VAL H 247 -23.11 32.44 -22.90
C VAL H 247 -24.46 32.59 -23.62
N ASP H 248 -24.96 31.51 -24.20
CA ASP H 248 -26.34 31.52 -24.70
C ASP H 248 -27.16 30.30 -24.31
N GLN H 249 -28.39 30.27 -24.79
CA GLN H 249 -29.35 29.27 -24.36
C GLN H 249 -28.89 27.89 -24.80
N VAL H 250 -28.32 27.81 -26.00
CA VAL H 250 -27.87 26.54 -26.55
C VAL H 250 -26.72 25.93 -25.70
N GLU H 251 -25.79 26.77 -25.25
CA GLU H 251 -24.78 26.36 -24.27
C GLU H 251 -25.39 25.74 -23.00
N VAL H 252 -26.46 26.33 -22.46
CA VAL H 252 -27.13 25.71 -21.30
C VAL H 252 -27.70 24.35 -21.75
N GLY H 253 -28.44 24.33 -22.85
CA GLY H 253 -28.95 23.10 -23.43
C GLY H 253 -27.91 22.01 -23.60
N LYS H 254 -26.69 22.39 -23.98
CA LYS H 254 -25.69 21.34 -24.17
C LYS H 254 -25.29 20.72 -22.85
N THR H 255 -25.27 21.52 -21.78
CA THR H 255 -24.93 21.00 -20.48
C THR H 255 -26.12 20.24 -19.87
N ALA H 256 -27.33 20.66 -20.24
CA ALA H 256 -28.52 20.00 -19.79
C ALA H 256 -28.58 18.60 -20.41
N ALA H 257 -28.27 18.53 -21.73
CA ALA H 257 -28.10 17.23 -22.38
C ALA H 257 -27.13 16.30 -21.64
N TYR H 258 -25.95 16.81 -21.27
CA TYR H 258 -25.02 16.05 -20.44
C TYR H 258 -25.74 15.51 -19.22
N LEU H 259 -26.33 16.41 -18.43
CA LEU H 259 -26.91 16.06 -17.13
C LEU H 259 -28.14 15.16 -17.25
N LEU H 260 -28.78 15.20 -18.40
CA LEU H 260 -30.06 14.52 -18.54
C LEU H 260 -29.79 13.15 -19.09
N SER H 261 -28.55 12.97 -19.54
CA SER H 261 -28.16 11.73 -20.20
C SER H 261 -27.29 10.85 -19.30
N ASP H 262 -26.99 9.65 -19.81
CA ASP H 262 -26.13 8.69 -19.14
C ASP H 262 -24.68 9.15 -18.93
N LEU H 263 -24.21 10.09 -19.75
CA LEU H 263 -22.90 10.71 -19.55
C LEU H 263 -22.69 11.20 -18.12
N SER H 264 -23.76 11.61 -17.44
CA SER H 264 -23.60 12.23 -16.12
C SER H 264 -23.96 11.29 -14.96
N SER H 265 -23.99 9.97 -15.22
CA SER H 265 -24.25 8.98 -14.15
C SER H 265 -23.16 9.15 -13.10
N GLY H 266 -23.47 8.97 -11.84
CA GLY H 266 -22.37 9.26 -10.95
C GLY H 266 -22.33 10.71 -10.48
N VAL H 267 -22.90 11.63 -11.28
CA VAL H 267 -23.07 13.03 -10.88
C VAL H 267 -24.49 13.36 -10.39
N THR H 268 -24.64 13.55 -9.08
CA THR H 268 -25.90 14.11 -8.55
C THR H 268 -25.62 15.15 -7.43
N GLY H 269 -26.55 16.09 -7.19
CA GLY H 269 -26.37 17.10 -6.13
C GLY H 269 -25.44 18.22 -6.59
N GLU H 270 -25.05 18.18 -7.86
CA GLU H 270 -24.02 19.08 -8.35
C GLU H 270 -24.65 20.40 -8.90
N ASN H 271 -23.83 21.44 -8.99
CA ASN H 271 -24.27 22.69 -9.62
C ASN H 271 -23.31 23.12 -10.70
N ILE H 272 -23.63 22.95 -11.98
CA ILE H 272 -22.65 23.25 -13.01
C ILE H 272 -22.80 24.69 -13.51
N HIS H 273 -21.75 25.49 -13.35
CA HIS H 273 -21.75 26.86 -13.92
C HIS H 273 -21.49 26.83 -15.41
N VAL H 274 -22.41 27.44 -16.17
CA VAL H 274 -22.26 27.62 -17.60
C VAL H 274 -22.29 29.13 -17.81
N ASP H 275 -21.15 29.73 -17.44
CA ASP H 275 -21.04 31.18 -17.22
C ASP H 275 -19.65 31.79 -17.60
N SER H 276 -18.97 31.22 -18.61
CA SER H 276 -17.62 31.61 -19.05
C SER H 276 -16.54 31.67 -17.95
N GLY H 277 -16.83 31.05 -16.80
CA GLY H 277 -15.87 30.91 -15.68
C GLY H 277 -16.06 31.98 -14.63
N PHE H 278 -17.09 32.80 -14.81
CA PHE H 278 -17.28 33.95 -13.95
C PHE H 278 -17.27 33.53 -12.52
N HIS H 279 -17.93 32.41 -12.21
CA HIS H 279 -18.05 31.92 -10.83
C HIS H 279 -16.70 31.76 -10.12
N ALA H 280 -15.62 31.69 -10.88
CA ALA H 280 -14.34 31.21 -10.38
C ALA H 280 -13.34 32.33 -10.12
N ILE H 281 -13.79 33.57 -10.29
CA ILE H 281 -12.92 34.72 -10.17
C ILE H 281 -13.56 35.78 -9.25
N LYS H 282 -12.74 36.54 -8.53
CA LYS H 282 -13.16 37.83 -8.01
C LYS H 282 -12.22 39.02 -8.42
#